data_8WG9
#
_entry.id   8WG9
#
loop_
_entity.id
_entity.type
_entity.pdbx_description
1 polymer 'Metabotropic glutamate receptor 4'
2 polymer 'Metabotropic glutamate receptor 2'
3 non-polymer '(2S)-2-amino-4-phosphonobutanoic acid'
#
loop_
_entity_poly.entity_id
_entity_poly.type
_entity_poly.pdbx_seq_one_letter_code
_entity_poly.pdbx_strand_id
1 'polypeptide(L)'
;KPKGHPHMNSIRIDGDITLGGLFPVHGRGSEGKPCGELKKEKGIHRLEAMLFALDRINNDPDLLPNITLGARILDTCSRD
THALEQSLTFVQALIEKDGTEVRCGSGGPPIITKPERVVGVIGASGSSVSIMVANILRLFKIPQISYASTAPDLSDNSRY
DFFSRVVPSDTYQAQAMVDIVRALKWNYVSTVASEGSYGESGVEAFIQKSREDGGVCIAQSVKIPREPKAGEFDKIIRRL
LETSNARAVIIFANEDDIRRVLEAARRANQTGHFFWMGSDSWGSKIAPVLHLEEVAEGAVTILPKRMSVRGFDRYFSSRT
LDNNRRNIWFAEFWEDNFHCKLSRHALKKGSHVKKCTNRERIGQDSAYEQEGKVQFVIDAVYAMGHALHAMHRDLCPGRV
GLCPRMDPVDGTQLLKYIRNVNFSGIAGNPVTFNENGDAPGRYDIYQYQLRNDSAEYKVIGSWTDHLHLRIERMHWPGSG
QQLPRSICSLPCQPGERKKTVKGMPCCWHCEPCTGYQYQVDRYTCKTCPYDMRPTENRTGCRPIPIIKLEWGSPWAVLPL
FLAVVGIAATLFVVITFVRYNDTPIVKASGRELSYVLLAGIFLCYATTFLMIAEPDLGTCSLRRIFLGLGMSISYAALLT
KTNRIYRIFEQGKRSVSAPRFISPASQLAITFSLISLQLLGICVWFVVDPSHSVVDFQDQRTLDPRFARGVLKCDISDLS
LICLLGYSMLLMVTCTVYAIKTRGVPETFNEAKPIGFTMYTTCIVWLAFIPIFFGTSQSADKLYIQTTTLTVSVSLSASV
SLGMLYMPKVYIILFHPEQNVPKRKRSLKAVVTAATMSNKFTQKGNFRPNGEAKSELCENLEAPALATKQTYVTYTNHAI
;
B
2 'polypeptide(L)'
;EGPAKKVLTLEGDLVLGGLFPVHQKGGPAEDCGPVNEHRGIQRLEAMLFALDRINRDPHLLPGVRLGAHILDSCSKDTHA
LEQALDFVRASLSRGADGSRHICPDGSYATHGDAPTAITGVIGGSYSDVSIQVANLLRLFQIPQISYASTSAKLSDKSRY
DYFARTVPPDFFQAKAMAEILRFFNWTYVSTVASEGDYGETGIEAFELEARARNICVATSEKVGRAMSRAAFEGVVRALL
QKPSARVAVLFTRSEDARELLAASQRLNASFTWVASDGWGALESVVAGSEGAAEGAITIELASYPISDFASYFQSLDPWN
NSRNPWFREFWEQRFRCSFRQRDCAAHSLRAVPFEQESKIMFVVNAVYAMAHALHNMHRALCPNTTRLCDAMRPVNGRRL
YKDFVLNVKFDAPFRPADTHNEVRFDRFGDGIGRYNIFTYLRAGSGRYRYQKVGYWAEGLTLDTSLIPWASPSAGPLPAS
RCSEPCLQNEVKSVQPGEVCCWLCIPCQPYEYRLDEFTCADCGLGYWPNASLTGCFELPQEYIRWGDAWAVGPVTIACLG
ALATLFVLGVFVRHNATPVVKASGRELCYILLGGVFLCYCMTFIFIAKPSTAVCTLRRLGLGTAFSVCYSALLTKTNRIA
RIFGGAREGAQRPRFISPASQVAICLALISGQLLIVVAWLVVEAPGTGKETAPERREVVTLRCNHRDASMLGSLAYNVLL
IALCTLYAFKTRKCPENFNEAKFIGFTMYTTCIIWLAFLPIFYVTSSDYRVQTTTMCVSVSLSGSVVLGCLFAPKLHIIL
FQPQKNVVSHRAPTSRFGSAAARASSSLGQGSGSQFVPTVCNGREVVDSTTSSL
;
C
#
loop_
_chem_comp.id
_chem_comp.type
_chem_comp.name
_chem_comp.formula
E7P non-polymer '(2S)-2-amino-4-phosphonobutanoic acid' 'C4 H10 N O5 P'
#
# COMPACT_ATOMS: atom_id res chain seq x y z
N ASN A 9 32.64 -6.95 -52.91
CA ASN A 9 32.53 -7.87 -51.77
C ASN A 9 33.34 -7.40 -50.57
N SER A 10 34.67 -7.55 -50.55
CA SER A 10 35.46 -7.26 -49.33
C SER A 10 36.90 -6.90 -49.64
N ILE A 11 37.58 -6.22 -48.72
CA ILE A 11 39.00 -5.89 -48.90
C ILE A 11 39.90 -6.86 -48.18
N ARG A 12 40.86 -7.42 -48.92
CA ARG A 12 41.81 -8.37 -48.38
C ARG A 12 43.25 -7.86 -48.46
N ILE A 13 43.79 -7.46 -47.32
CA ILE A 13 45.13 -6.91 -47.26
C ILE A 13 46.10 -7.86 -46.61
N ASP A 14 47.14 -8.19 -47.33
CA ASP A 14 48.15 -9.11 -46.85
C ASP A 14 48.98 -8.54 -45.72
N GLY A 15 49.49 -9.43 -44.91
CA GLY A 15 50.37 -9.09 -43.81
C GLY A 15 50.80 -10.39 -43.16
N ASP A 16 51.54 -10.29 -42.07
CA ASP A 16 52.06 -11.44 -41.38
C ASP A 16 51.01 -11.92 -40.38
N ILE A 17 50.28 -10.97 -39.80
CA ILE A 17 49.16 -11.31 -38.94
C ILE A 17 48.03 -10.47 -39.51
N THR A 18 46.79 -10.82 -39.31
CA THR A 18 45.71 -10.04 -39.91
C THR A 18 44.72 -9.45 -38.90
N LEU A 19 44.25 -8.21 -39.10
CA LEU A 19 43.17 -7.63 -38.30
C LEU A 19 41.91 -7.31 -39.11
N GLY A 20 40.78 -7.85 -38.71
CA GLY A 20 39.50 -7.46 -39.30
C GLY A 20 39.09 -6.03 -38.98
N GLY A 21 38.16 -5.52 -39.78
CA GLY A 21 37.51 -4.22 -39.65
C GLY A 21 36.10 -4.27 -40.23
N LEU A 22 35.17 -3.49 -39.67
CA LEU A 22 33.77 -3.44 -40.06
C LEU A 22 33.15 -2.02 -40.05
N PHE A 23 32.42 -1.61 -41.10
CA PHE A 23 31.89 -0.24 -41.25
C PHE A 23 30.66 -0.17 -42.15
N PRO A 24 29.73 0.78 -41.95
CA PRO A 24 28.58 0.95 -42.82
C PRO A 24 29.02 1.69 -44.07
N VAL A 25 29.52 0.97 -45.07
CA VAL A 25 29.80 1.56 -46.36
C VAL A 25 28.47 1.83 -47.05
N HIS A 26 27.63 0.83 -47.30
CA HIS A 26 26.21 1.12 -47.57
C HIS A 26 25.45 1.45 -46.28
N GLY A 27 24.25 2.05 -46.39
CA GLY A 27 23.22 2.05 -45.33
C GLY A 27 22.50 0.70 -45.25
N ARG A 28 21.27 0.66 -44.73
CA ARG A 28 20.33 -0.44 -45.08
C ARG A 28 19.67 -0.22 -46.45
N GLY A 29 18.66 -1.02 -46.82
CA GLY A 29 17.98 -0.89 -48.12
C GLY A 29 16.78 -1.83 -48.31
N SER A 30 16.40 -2.08 -49.55
CA SER A 30 15.30 -2.98 -49.96
C SER A 30 15.58 -4.47 -49.73
N GLU A 31 14.60 -5.32 -49.98
CA GLU A 31 14.73 -6.78 -49.87
C GLU A 31 15.77 -7.37 -50.84
N GLY A 32 15.83 -6.85 -52.07
CA GLY A 32 16.77 -7.31 -53.10
C GLY A 32 18.19 -6.74 -52.95
N LYS A 33 18.30 -5.59 -52.30
CA LYS A 33 19.56 -4.92 -51.95
C LYS A 33 19.39 -4.23 -50.59
N PRO A 34 19.69 -4.92 -49.46
CA PRO A 34 19.56 -4.37 -48.10
C PRO A 34 20.62 -3.32 -47.77
N CYS A 35 21.07 -2.57 -48.78
CA CYS A 35 22.33 -1.86 -48.87
C CYS A 35 22.19 -0.75 -49.95
N GLY A 36 21.52 0.37 -49.64
CA GLY A 36 21.13 1.42 -50.60
C GLY A 36 22.23 2.43 -50.93
N GLU A 37 22.18 3.62 -50.35
CA GLU A 37 23.17 4.70 -50.52
C GLU A 37 24.45 4.45 -49.71
N LEU A 38 25.56 5.07 -50.12
CA LEU A 38 26.81 5.01 -49.38
C LEU A 38 26.83 6.03 -48.24
N LYS A 39 26.90 5.57 -46.98
CA LYS A 39 27.03 6.46 -45.81
C LYS A 39 28.48 6.85 -45.59
N LYS A 40 28.98 7.67 -46.50
CA LYS A 40 30.38 8.04 -46.59
C LYS A 40 30.93 8.66 -45.33
N GLU A 41 30.07 9.31 -44.56
CA GLU A 41 30.36 10.02 -43.30
C GLU A 41 30.39 9.15 -42.04
N LYS A 42 29.98 7.88 -42.10
CA LYS A 42 30.41 6.87 -41.11
C LYS A 42 31.41 5.88 -41.70
N GLY A 43 31.22 5.52 -42.97
CA GLY A 43 31.87 4.44 -43.70
C GLY A 43 33.23 4.83 -44.28
N ILE A 44 33.30 4.97 -45.60
CA ILE A 44 34.57 5.17 -46.28
C ILE A 44 35.44 6.31 -45.76
N HIS A 45 34.87 7.38 -45.17
CA HIS A 45 35.68 8.40 -44.50
C HIS A 45 36.55 7.70 -43.45
N ARG A 46 35.90 7.03 -42.51
CA ARG A 46 36.55 6.34 -41.42
C ARG A 46 37.36 5.17 -41.92
N LEU A 47 36.94 4.51 -43.00
CA LEU A 47 37.70 3.39 -43.48
C LEU A 47 39.05 3.80 -43.96
N GLU A 48 39.11 4.88 -44.75
CA GLU A 48 40.43 5.23 -45.19
C GLU A 48 41.27 5.55 -43.98
N ALA A 49 40.70 6.21 -42.98
CA ALA A 49 41.46 6.53 -41.80
C ALA A 49 41.98 5.31 -41.10
N MET A 50 41.18 4.26 -41.00
CA MET A 50 41.65 3.02 -40.42
C MET A 50 42.81 2.48 -41.25
N LEU A 51 42.69 2.50 -42.58
CA LEU A 51 43.71 1.96 -43.45
C LEU A 51 44.97 2.81 -43.34
N PHE A 52 44.79 4.10 -43.18
CA PHE A 52 45.87 5.04 -42.99
C PHE A 52 46.61 4.65 -41.73
N ALA A 53 45.86 4.44 -40.65
CA ALA A 53 46.43 4.03 -39.41
C ALA A 53 47.11 2.68 -39.56
N LEU A 54 46.53 1.78 -40.34
CA LEU A 54 47.10 0.47 -40.54
C LEU A 54 48.47 0.61 -41.16
N ASP A 55 48.60 1.47 -42.16
CA ASP A 55 49.90 1.66 -42.78
C ASP A 55 50.87 2.29 -41.80
N ARG A 56 50.38 3.22 -40.98
CA ARG A 56 51.22 3.88 -39.99
C ARG A 56 51.70 2.91 -38.92
N ILE A 57 50.85 1.95 -38.58
CA ILE A 57 51.20 0.92 -37.62
C ILE A 57 52.32 0.09 -38.22
N ASN A 58 52.16 -0.28 -39.48
CA ASN A 58 53.16 -1.08 -40.16
C ASN A 58 54.46 -0.30 -40.35
N ASN A 59 54.34 1.02 -40.46
CA ASN A 59 55.49 1.87 -40.63
C ASN A 59 56.03 2.41 -39.32
N ASP A 60 55.51 1.94 -38.17
CA ASP A 60 55.97 2.35 -36.85
C ASP A 60 57.00 1.37 -36.32
N PRO A 61 58.31 1.71 -36.24
CA PRO A 61 59.38 0.83 -35.82
C PRO A 61 59.23 0.28 -34.41
N ASP A 62 58.41 0.95 -33.59
CA ASP A 62 58.25 0.53 -32.21
C ASP A 62 56.95 -0.21 -31.93
N LEU A 63 56.16 -0.49 -32.96
CA LEU A 63 54.88 -1.15 -32.74
C LEU A 63 54.77 -2.39 -33.60
N LEU A 64 54.59 -3.55 -32.96
CA LEU A 64 54.53 -4.81 -33.67
C LEU A 64 55.74 -4.88 -34.59
N PRO A 65 56.96 -4.82 -34.02
CA PRO A 65 58.17 -4.71 -34.78
C PRO A 65 58.34 -5.90 -35.69
N ASN A 66 58.66 -5.57 -36.94
CA ASN A 66 58.89 -6.49 -38.04
C ASN A 66 57.65 -7.32 -38.41
N ILE A 67 56.47 -6.89 -37.98
CA ILE A 67 55.24 -7.60 -38.34
C ILE A 67 54.35 -6.75 -39.20
N THR A 68 54.02 -7.24 -40.37
CA THR A 68 53.09 -6.47 -41.17
C THR A 68 51.71 -6.86 -40.68
N LEU A 69 50.90 -5.88 -40.37
CA LEU A 69 49.56 -6.15 -39.97
C LEU A 69 48.70 -6.03 -41.22
N GLY A 70 48.02 -7.10 -41.57
CA GLY A 70 47.19 -7.15 -42.75
C GLY A 70 45.81 -6.79 -42.31
N ALA A 71 44.84 -6.98 -43.18
CA ALA A 71 43.49 -6.62 -42.80
C ALA A 71 42.40 -7.29 -43.59
N ARG A 72 41.24 -7.30 -42.95
CA ARG A 72 40.03 -7.75 -43.63
C ARG A 72 38.91 -6.76 -43.35
N ILE A 73 38.36 -6.18 -44.40
CA ILE A 73 37.32 -5.19 -44.21
C ILE A 73 36.01 -5.69 -44.78
N LEU A 74 34.92 -5.43 -44.07
CA LEU A 74 33.60 -5.72 -44.55
C LEU A 74 32.66 -4.54 -44.34
N ASP A 75 31.63 -4.51 -45.19
CA ASP A 75 30.59 -3.51 -45.16
C ASP A 75 29.40 -4.03 -44.40
N THR A 76 29.02 -3.36 -43.34
CA THR A 76 27.88 -3.77 -42.55
C THR A 76 26.55 -3.68 -43.27
N CYS A 77 26.43 -2.91 -44.33
CA CYS A 77 25.14 -2.32 -44.67
C CYS A 77 24.58 -1.65 -43.40
N SER A 78 23.39 -2.01 -42.91
CA SER A 78 23.02 -1.64 -41.53
C SER A 78 22.06 -2.65 -40.89
N ARG A 79 21.15 -3.24 -41.67
CA ARG A 79 20.34 -4.36 -41.22
C ARG A 79 21.27 -5.52 -40.88
N ASP A 80 21.50 -5.77 -39.59
CA ASP A 80 22.71 -6.47 -39.13
C ASP A 80 22.75 -7.95 -39.49
N THR A 81 21.66 -8.56 -39.93
CA THR A 81 21.67 -9.92 -40.50
C THR A 81 22.66 -10.02 -41.67
N HIS A 82 22.82 -8.97 -42.46
CA HIS A 82 23.89 -8.87 -43.46
C HIS A 82 25.28 -8.95 -42.81
N ALA A 83 25.49 -8.32 -41.65
CA ALA A 83 26.77 -8.37 -40.98
C ALA A 83 27.17 -9.80 -40.69
N LEU A 84 26.31 -10.56 -40.05
CA LEU A 84 26.74 -11.89 -39.68
C LEU A 84 27.00 -12.75 -40.86
N GLU A 85 26.01 -12.89 -41.73
CA GLU A 85 26.19 -13.78 -42.84
C GLU A 85 27.57 -13.54 -43.30
N GLN A 86 27.89 -12.27 -43.44
CA GLN A 86 29.21 -11.93 -43.86
C GLN A 86 30.18 -12.42 -42.84
N SER A 87 29.94 -12.09 -41.59
CA SER A 87 30.91 -12.44 -40.60
C SER A 87 31.28 -13.87 -40.83
N LEU A 88 30.41 -14.64 -41.48
CA LEU A 88 30.74 -16.05 -41.62
C LEU A 88 32.00 -16.28 -42.46
N THR A 89 32.29 -15.46 -43.46
CA THR A 89 33.51 -15.66 -44.25
C THR A 89 34.69 -15.35 -43.34
N PHE A 90 34.54 -14.27 -42.60
CA PHE A 90 35.52 -13.79 -41.63
C PHE A 90 35.79 -14.87 -40.59
N VAL A 91 34.72 -15.47 -40.11
CA VAL A 91 34.75 -16.51 -39.13
C VAL A 91 35.42 -17.74 -39.69
N GLN A 92 35.14 -18.15 -40.92
CA GLN A 92 35.85 -19.32 -41.41
C GLN A 92 37.37 -19.06 -41.40
N ALA A 93 37.81 -17.82 -41.72
CA ALA A 93 39.25 -17.49 -41.65
C ALA A 93 39.74 -17.63 -40.19
N LEU A 94 38.89 -17.23 -39.24
CA LEU A 94 39.16 -17.35 -37.79
C LEU A 94 39.15 -18.82 -37.27
N ILE A 95 38.34 -19.70 -37.90
CA ILE A 95 38.11 -21.10 -37.56
C ILE A 95 37.59 -21.80 -38.83
N GLU A 116 46.31 -16.57 -43.51
CA GLU A 116 44.89 -16.29 -43.76
C GLU A 116 44.05 -16.05 -42.47
N ARG A 117 44.59 -16.44 -41.28
CA ARG A 117 43.97 -16.32 -39.96
C ARG A 117 43.93 -14.88 -39.44
N VAL A 118 42.80 -14.51 -38.88
CA VAL A 118 42.59 -13.20 -38.29
C VAL A 118 42.74 -13.25 -36.77
N VAL A 119 43.47 -12.29 -36.22
CA VAL A 119 43.72 -12.23 -34.79
C VAL A 119 42.54 -11.68 -33.97
N GLY A 120 41.78 -10.74 -34.53
CA GLY A 120 40.79 -9.95 -33.81
C GLY A 120 40.00 -9.07 -34.76
N VAL A 121 39.21 -8.12 -34.25
CA VAL A 121 38.44 -7.26 -35.13
C VAL A 121 38.26 -5.87 -34.56
N ILE A 122 38.12 -4.87 -35.42
CA ILE A 122 37.43 -3.64 -35.10
C ILE A 122 36.04 -3.71 -35.71
N GLY A 123 35.00 -3.72 -34.88
CA GLY A 123 33.70 -4.27 -35.25
C GLY A 123 32.55 -3.27 -35.19
N ALA A 124 32.30 -2.69 -34.03
CA ALA A 124 31.67 -1.38 -33.92
C ALA A 124 30.38 -1.16 -34.74
N SER A 125 30.24 0.01 -35.40
CA SER A 125 29.00 0.49 -36.02
C SER A 125 27.87 0.63 -34.99
N GLY A 126 26.61 0.58 -35.43
CA GLY A 126 25.41 0.74 -34.60
C GLY A 126 25.13 -0.41 -33.63
N SER A 127 23.96 -0.39 -33.00
CA SER A 127 23.59 -1.48 -32.08
C SER A 127 23.52 -2.84 -32.75
N SER A 128 22.53 -3.11 -33.60
CA SER A 128 22.28 -4.46 -34.13
C SER A 128 23.53 -5.04 -34.81
N VAL A 129 24.27 -4.21 -35.52
CA VAL A 129 25.56 -4.58 -36.10
C VAL A 129 26.56 -5.04 -35.06
N SER A 130 26.77 -4.33 -33.96
CA SER A 130 27.74 -4.74 -32.96
C SER A 130 27.25 -5.90 -32.12
N ILE A 131 25.99 -5.90 -31.70
CA ILE A 131 25.50 -6.89 -30.74
C ILE A 131 25.38 -8.28 -31.37
N MET A 132 24.96 -8.38 -32.63
CA MET A 132 24.98 -9.68 -33.28
C MET A 132 26.41 -10.17 -33.32
N VAL A 133 27.36 -9.38 -33.80
CA VAL A 133 28.73 -9.88 -33.98
C VAL A 133 29.41 -10.22 -32.65
N ALA A 134 29.17 -9.51 -31.57
CA ALA A 134 29.71 -9.82 -30.26
C ALA A 134 29.33 -11.21 -29.76
N ASN A 135 28.23 -11.76 -30.27
CA ASN A 135 27.74 -13.09 -29.92
C ASN A 135 28.23 -14.22 -30.82
N ILE A 136 28.93 -13.92 -31.89
CA ILE A 136 29.43 -14.99 -32.72
C ILE A 136 30.92 -15.10 -32.46
N LEU A 137 31.61 -13.98 -32.39
CA LEU A 137 33.05 -14.03 -32.27
C LEU A 137 33.51 -14.50 -30.91
N ARG A 138 32.75 -14.22 -29.89
CA ARG A 138 33.16 -14.63 -28.57
C ARG A 138 33.16 -16.14 -28.44
N LEU A 139 32.43 -16.83 -29.30
CA LEU A 139 32.29 -18.26 -29.19
C LEU A 139 33.51 -18.96 -29.72
N PHE A 140 34.35 -18.22 -30.41
CA PHE A 140 35.57 -18.77 -30.94
C PHE A 140 36.73 -18.13 -30.23
N LYS A 141 36.43 -17.46 -29.12
CA LYS A 141 37.38 -16.69 -28.35
C LYS A 141 38.06 -15.59 -29.14
N ILE A 142 37.31 -14.83 -29.92
CA ILE A 142 37.87 -13.74 -30.68
C ILE A 142 37.41 -12.35 -30.18
N PRO A 143 38.36 -11.52 -29.68
CA PRO A 143 38.09 -10.21 -29.15
C PRO A 143 37.55 -9.23 -30.18
N GLN A 144 36.64 -8.37 -29.74
CA GLN A 144 35.94 -7.42 -30.58
C GLN A 144 35.87 -6.06 -29.90
N ILE A 145 36.15 -5.01 -30.67
CA ILE A 145 36.22 -3.65 -30.14
C ILE A 145 35.36 -2.71 -30.98
N SER A 146 34.65 -1.82 -30.29
CA SER A 146 33.73 -0.89 -30.91
C SER A 146 34.22 0.57 -30.82
N TYR A 147 34.51 1.18 -31.98
CA TYR A 147 34.59 2.64 -32.16
C TYR A 147 33.23 3.35 -32.06
N ALA A 148 32.12 2.64 -31.80
CA ALA A 148 30.77 3.16 -32.02
C ALA A 148 29.75 2.80 -30.93
N SER A 149 28.99 1.71 -31.06
CA SER A 149 27.75 1.59 -30.30
C SER A 149 27.96 1.70 -28.79
N THR A 150 27.33 2.70 -28.17
CA THR A 150 27.39 3.05 -26.74
C THR A 150 26.34 2.34 -25.89
N ALA A 151 25.50 1.49 -26.51
CA ALA A 151 24.29 1.02 -25.87
C ALA A 151 24.58 0.28 -24.55
N PRO A 152 23.70 0.35 -23.55
CA PRO A 152 23.90 -0.28 -22.26
C PRO A 152 24.13 -1.78 -22.35
N ASP A 153 23.40 -2.46 -23.25
CA ASP A 153 23.34 -3.93 -23.33
C ASP A 153 24.71 -4.60 -23.32
N LEU A 154 25.66 -4.03 -24.06
CA LEU A 154 26.95 -4.63 -24.29
C LEU A 154 27.83 -4.66 -23.03
N SER A 155 27.44 -3.96 -21.96
CA SER A 155 28.12 -4.04 -20.67
C SER A 155 27.72 -5.26 -19.84
N ASP A 156 26.77 -6.09 -20.29
CA ASP A 156 26.61 -7.44 -19.76
C ASP A 156 27.76 -8.35 -20.22
N ASN A 157 28.75 -8.53 -19.34
CA ASN A 157 29.92 -9.34 -19.64
C ASN A 157 29.61 -10.81 -19.68
N SER A 158 28.38 -11.19 -19.35
CA SER A 158 28.03 -12.60 -19.37
C SER A 158 27.59 -12.93 -20.79
N ARG A 159 27.42 -11.90 -21.60
CA ARG A 159 26.97 -12.04 -22.96
C ARG A 159 28.03 -11.54 -23.91
N TYR A 160 28.88 -10.63 -23.46
CA TYR A 160 29.91 -10.08 -24.31
C TYR A 160 31.26 -10.22 -23.65
N ASP A 161 31.60 -11.44 -23.21
CA ASP A 161 32.85 -11.71 -22.49
C ASP A 161 34.11 -11.34 -23.28
N PHE A 162 34.02 -11.29 -24.61
CA PHE A 162 35.15 -10.91 -25.47
C PHE A 162 35.16 -9.43 -25.91
N PHE A 163 34.39 -8.55 -25.29
CA PHE A 163 34.05 -7.27 -25.92
C PHE A 163 34.50 -6.04 -25.15
N SER A 164 34.79 -4.96 -25.86
CA SER A 164 34.79 -3.61 -25.27
C SER A 164 34.28 -2.59 -26.28
N ARG A 165 33.76 -1.47 -25.77
CA ARG A 165 33.65 -0.25 -26.58
C ARG A 165 34.98 0.51 -26.44
N VAL A 166 35.04 1.71 -26.99
CA VAL A 166 36.14 2.66 -26.77
C VAL A 166 35.62 4.03 -26.37
N VAL A 167 34.37 4.07 -25.94
CA VAL A 167 33.58 5.27 -25.70
C VAL A 167 32.73 5.04 -24.47
N PRO A 168 32.26 6.09 -23.79
CA PRO A 168 31.32 5.94 -22.70
C PRO A 168 29.96 5.50 -23.20
N SER A 169 29.28 4.69 -22.42
CA SER A 169 27.95 4.22 -22.75
C SER A 169 26.91 5.32 -22.65
N ASP A 170 25.73 5.01 -23.16
CA ASP A 170 24.53 5.77 -22.86
C ASP A 170 24.24 5.93 -21.38
N THR A 171 24.76 5.07 -20.50
CA THR A 171 24.58 5.31 -19.06
C THR A 171 25.18 6.65 -18.64
N TYR A 172 26.28 7.06 -19.28
CA TYR A 172 26.81 8.40 -19.10
C TYR A 172 26.01 9.40 -19.92
N GLN A 173 25.83 9.20 -21.24
CA GLN A 173 25.22 10.25 -22.06
C GLN A 173 23.77 10.55 -21.68
N ALA A 174 23.00 9.54 -21.33
CA ALA A 174 21.70 9.79 -20.72
C ALA A 174 21.86 10.66 -19.49
N GLN A 175 22.82 10.37 -18.58
CA GLN A 175 22.92 11.22 -17.40
C GLN A 175 23.25 12.60 -17.79
N ALA A 176 24.10 12.73 -18.78
CA ALA A 176 24.49 14.03 -19.20
C ALA A 176 23.32 14.79 -19.73
N MET A 177 22.49 14.16 -20.53
CA MET A 177 21.31 14.80 -21.05
C MET A 177 20.41 15.26 -19.90
N VAL A 178 20.31 14.46 -18.82
CA VAL A 178 19.48 14.84 -17.70
C VAL A 178 20.08 16.06 -17.04
N ASP A 179 21.40 16.07 -16.87
CA ASP A 179 22.06 17.18 -16.24
C ASP A 179 21.88 18.45 -17.04
N ILE A 180 21.91 18.37 -18.37
CA ILE A 180 21.77 19.54 -19.24
C ILE A 180 20.36 20.08 -19.15
N VAL A 181 19.35 19.21 -19.20
CA VAL A 181 17.96 19.63 -19.01
C VAL A 181 17.77 20.33 -17.68
N ARG A 182 18.40 19.79 -16.63
CA ARG A 182 18.38 20.39 -15.31
C ARG A 182 19.17 21.68 -15.27
N ALA A 183 20.27 21.79 -16.00
CA ALA A 183 20.99 23.04 -16.17
C ALA A 183 20.15 24.09 -16.90
N LEU A 184 19.34 23.67 -17.86
CA LEU A 184 18.34 24.51 -18.52
C LEU A 184 17.17 24.84 -17.60
N LYS A 185 17.11 24.23 -16.43
CA LYS A 185 16.02 24.38 -15.46
C LYS A 185 14.68 24.02 -16.08
N TRP A 186 14.71 23.11 -17.03
CA TRP A 186 13.51 22.54 -17.61
C TRP A 186 13.06 21.33 -16.83
N ASN A 187 11.78 21.06 -16.95
CA ASN A 187 11.11 20.08 -16.14
C ASN A 187 10.23 19.18 -16.97
N TYR A 188 10.05 19.44 -18.27
CA TYR A 188 8.92 18.85 -18.95
C TYR A 188 9.16 18.78 -20.43
N VAL A 189 9.37 17.57 -20.93
CA VAL A 189 10.07 17.34 -22.21
C VAL A 189 9.60 16.08 -22.94
N SER A 190 9.79 16.04 -24.25
CA SER A 190 9.29 14.98 -25.07
C SER A 190 10.51 14.33 -25.66
N THR A 191 10.48 13.02 -25.80
CA THR A 191 11.65 12.37 -26.36
C THR A 191 11.26 11.56 -27.57
N VAL A 192 12.20 11.39 -28.47
CA VAL A 192 11.95 10.55 -29.62
C VAL A 192 13.18 9.67 -29.89
N ALA A 193 12.97 8.40 -30.25
CA ALA A 193 14.04 7.49 -30.66
C ALA A 193 13.52 6.51 -31.69
N SER A 194 14.34 6.13 -32.66
CA SER A 194 13.99 5.06 -33.58
C SER A 194 14.40 3.70 -33.02
N GLU A 195 13.88 2.65 -33.64
CA GLU A 195 14.10 1.27 -33.26
C GLU A 195 15.56 0.84 -33.24
N GLY A 196 15.83 -0.28 -32.58
CA GLY A 196 17.16 -0.84 -32.42
C GLY A 196 17.75 -0.48 -31.07
N SER A 197 18.57 -1.38 -30.53
CA SER A 197 19.00 -1.35 -29.13
C SER A 197 19.56 -0.01 -28.72
N TYR A 198 20.29 0.64 -29.63
CA TYR A 198 20.86 1.95 -29.37
C TYR A 198 19.79 2.96 -28.99
N GLY A 199 18.87 3.25 -29.89
CA GLY A 199 17.76 4.15 -29.61
C GLY A 199 16.95 3.68 -28.42
N GLU A 200 16.38 2.49 -28.51
CA GLU A 200 15.33 2.10 -27.59
C GLU A 200 15.81 1.99 -26.15
N SER A 201 16.99 1.44 -25.91
CA SER A 201 17.54 1.42 -24.56
C SER A 201 18.13 2.77 -24.18
N GLY A 202 18.66 3.52 -25.14
CA GLY A 202 19.32 4.77 -24.82
C GLY A 202 18.32 5.77 -24.26
N VAL A 203 17.23 6.00 -24.98
CA VAL A 203 16.22 6.94 -24.48
C VAL A 203 15.58 6.40 -23.22
N GLU A 204 15.43 5.09 -23.11
CA GLU A 204 14.93 4.52 -21.87
C GLU A 204 15.89 4.81 -20.72
N ALA A 205 17.20 4.76 -20.94
CA ALA A 205 18.15 5.18 -19.92
C ALA A 205 17.95 6.67 -19.58
N PHE A 206 17.74 7.55 -20.56
CA PHE A 206 17.42 8.95 -20.25
C PHE A 206 16.16 9.10 -19.43
N ILE A 207 15.10 8.37 -19.77
CA ILE A 207 13.87 8.38 -19.03
C ILE A 207 14.07 7.94 -17.61
N GLN A 208 14.81 6.86 -17.41
CA GLN A 208 14.98 6.42 -16.06
C GLN A 208 15.87 7.33 -15.25
N LYS A 209 16.90 7.92 -15.85
CA LYS A 209 17.74 8.79 -15.06
C LYS A 209 16.99 10.07 -14.74
N SER A 210 16.13 10.51 -15.67
CA SER A 210 15.35 11.71 -15.45
C SER A 210 14.41 11.48 -14.29
N ARG A 211 13.78 10.31 -14.26
CA ARG A 211 12.86 9.95 -13.21
C ARG A 211 13.59 9.80 -11.87
N GLU A 212 14.81 9.30 -11.84
CA GLU A 212 15.59 9.21 -10.62
C GLU A 212 15.95 10.58 -10.10
N ASP A 213 16.28 11.50 -10.99
CA ASP A 213 16.59 12.85 -10.56
C ASP A 213 15.37 13.46 -9.92
N GLY A 214 14.23 13.29 -10.59
CA GLY A 214 12.92 13.80 -10.19
C GLY A 214 12.62 15.21 -10.66
N GLY A 215 13.63 16.00 -11.06
CA GLY A 215 13.45 17.38 -11.53
C GLY A 215 12.75 17.51 -12.89
N VAL A 216 12.36 16.40 -13.51
CA VAL A 216 11.74 16.37 -14.84
C VAL A 216 10.61 15.35 -14.90
N CYS A 217 9.59 15.68 -15.67
CA CYS A 217 8.52 14.80 -16.11
C CYS A 217 8.56 14.66 -17.64
N ILE A 218 8.29 13.47 -18.13
CA ILE A 218 8.31 13.18 -19.56
C ILE A 218 6.93 13.51 -20.10
N ALA A 219 6.81 14.50 -20.99
CA ALA A 219 5.53 14.70 -21.64
C ALA A 219 5.15 13.48 -22.46
N GLN A 220 6.12 12.86 -23.11
CA GLN A 220 5.85 11.73 -23.97
C GLN A 220 7.11 11.13 -24.51
N SER A 221 7.00 9.93 -25.04
CA SER A 221 8.10 9.26 -25.69
C SER A 221 7.62 8.61 -26.97
N VAL A 222 8.25 8.97 -28.07
CA VAL A 222 7.84 8.54 -29.38
C VAL A 222 8.84 7.64 -30.06
N LYS A 223 8.40 6.44 -30.41
CA LYS A 223 9.18 5.46 -31.15
C LYS A 223 9.06 5.73 -32.63
N ILE A 224 10.15 5.62 -33.36
CA ILE A 224 10.13 5.59 -34.82
C ILE A 224 10.45 4.18 -35.32
N PRO A 225 9.57 3.55 -36.11
CA PRO A 225 9.89 2.31 -36.80
C PRO A 225 11.14 2.46 -37.67
N ARG A 226 11.92 1.40 -37.85
CA ARG A 226 13.02 1.43 -38.85
C ARG A 226 12.50 1.74 -40.25
N GLU A 227 11.28 1.33 -40.58
CA GLU A 227 10.65 1.59 -41.88
C GLU A 227 9.35 2.40 -41.69
N PRO A 228 9.45 3.71 -41.38
CA PRO A 228 8.32 4.55 -41.07
C PRO A 228 7.66 4.98 -42.35
N LYS A 229 6.41 5.42 -42.27
CA LYS A 229 5.75 5.95 -43.44
C LYS A 229 5.98 7.44 -43.58
N ALA A 230 6.02 7.92 -44.82
CA ALA A 230 6.13 9.34 -45.03
C ALA A 230 4.90 9.98 -44.44
N GLY A 231 5.10 11.11 -43.77
CA GLY A 231 4.01 11.83 -43.16
C GLY A 231 3.85 11.48 -41.69
N GLU A 232 4.49 10.37 -41.25
CA GLU A 232 4.38 9.96 -39.86
C GLU A 232 5.00 11.03 -39.00
N PHE A 233 5.98 11.67 -39.54
CA PHE A 233 6.75 12.67 -38.89
C PHE A 233 5.93 13.93 -38.65
N ASP A 234 4.92 14.16 -39.47
CA ASP A 234 4.10 15.33 -39.27
C ASP A 234 3.15 14.97 -38.14
N LYS A 235 2.77 13.68 -38.12
CA LYS A 235 1.90 13.16 -37.08
C LYS A 235 2.65 13.20 -35.76
N ILE A 236 3.97 12.89 -35.80
CA ILE A 236 4.79 12.92 -34.61
C ILE A 236 4.83 14.29 -34.06
N ILE A 237 5.02 15.29 -34.91
CA ILE A 237 5.05 16.63 -34.38
C ILE A 237 3.73 17.01 -33.80
N ARG A 238 2.64 16.70 -34.48
CA ARG A 238 1.40 17.09 -33.90
C ARG A 238 1.24 16.46 -32.53
N ARG A 239 1.68 15.21 -32.36
CA ARG A 239 1.61 14.61 -31.04
C ARG A 239 2.57 15.33 -30.08
N LEU A 240 3.76 15.71 -30.53
CA LEU A 240 4.73 16.38 -29.68
C LEU A 240 4.20 17.71 -29.19
N LEU A 241 3.39 18.37 -30.02
CA LEU A 241 2.82 19.66 -29.69
C LEU A 241 1.63 19.60 -28.74
N GLU A 242 1.08 18.41 -28.45
CA GLU A 242 -0.08 18.38 -27.57
C GLU A 242 0.31 18.81 -26.18
N THR A 243 1.49 18.40 -25.77
CA THR A 243 2.01 18.69 -24.46
C THR A 243 2.69 20.04 -24.49
N SER A 244 1.85 21.06 -24.56
CA SER A 244 2.20 22.47 -24.78
C SER A 244 3.05 23.08 -23.68
N ASN A 245 3.23 22.41 -22.52
CA ASN A 245 4.18 22.89 -21.50
C ASN A 245 5.64 22.51 -21.79
N ALA A 246 5.88 21.72 -22.83
CA ALA A 246 7.19 21.41 -23.37
C ALA A 246 7.43 22.30 -24.58
N ARG A 247 8.64 22.86 -24.69
CA ARG A 247 9.13 23.58 -25.87
C ARG A 247 10.42 22.97 -26.42
N ALA A 248 10.70 21.73 -26.02
CA ALA A 248 11.93 21.04 -26.33
C ALA A 248 11.74 19.52 -26.44
N VAL A 249 12.59 18.95 -27.29
CA VAL A 249 12.58 17.55 -27.68
C VAL A 249 14.00 16.96 -27.70
N ILE A 250 14.13 15.74 -27.23
CA ILE A 250 15.39 15.00 -27.11
C ILE A 250 15.42 13.84 -28.09
N ILE A 251 16.55 13.64 -28.78
CA ILE A 251 16.72 12.65 -29.83
C ILE A 251 17.91 11.73 -29.57
N PHE A 252 17.69 10.44 -29.81
CA PHE A 252 18.72 9.43 -29.92
C PHE A 252 18.77 8.75 -31.28
N ALA A 253 17.82 9.02 -32.17
CA ALA A 253 17.67 8.36 -33.46
C ALA A 253 18.84 8.64 -34.42
N ASN A 254 18.87 8.03 -35.60
CA ASN A 254 19.91 8.30 -36.59
C ASN A 254 19.68 9.62 -37.35
N GLU A 255 20.62 9.96 -38.23
CA GLU A 255 20.60 11.17 -39.06
C GLU A 255 19.28 11.42 -39.82
N ASP A 256 18.87 10.38 -40.53
CA ASP A 256 17.79 10.38 -41.50
C ASP A 256 16.50 10.49 -40.77
N ASP A 257 16.48 9.92 -39.57
CA ASP A 257 15.30 9.93 -38.74
C ASP A 257 15.07 11.38 -38.33
N ILE A 258 16.17 12.08 -38.04
CA ILE A 258 16.16 13.49 -37.64
C ILE A 258 15.71 14.33 -38.81
N ARG A 259 16.22 14.13 -40.04
CA ARG A 259 15.71 14.96 -41.10
C ARG A 259 14.24 14.72 -41.29
N ARG A 260 13.76 13.50 -41.20
CA ARG A 260 12.33 13.38 -41.44
C ARG A 260 11.55 14.21 -40.42
N VAL A 261 11.99 14.23 -39.16
CA VAL A 261 11.34 15.03 -38.14
C VAL A 261 11.53 16.54 -38.36
N LEU A 262 12.73 17.00 -38.63
CA LEU A 262 12.94 18.43 -38.77
C LEU A 262 12.36 18.94 -40.09
N GLU A 263 12.25 18.09 -41.11
CA GLU A 263 11.64 18.48 -42.36
C GLU A 263 10.17 18.67 -42.10
N ALA A 264 9.61 17.79 -41.28
CA ALA A 264 8.24 17.91 -40.88
C ALA A 264 8.06 19.22 -40.12
N ALA A 265 9.05 19.60 -39.30
CA ALA A 265 8.97 20.85 -38.55
C ALA A 265 8.87 22.03 -39.50
N ARG A 266 9.54 21.95 -40.65
CA ARG A 266 9.40 23.08 -41.56
C ARG A 266 7.98 23.11 -42.08
N ARG A 267 7.46 21.94 -42.45
CA ARG A 267 6.12 21.84 -43.02
C ARG A 267 5.05 22.24 -42.02
N ALA A 268 5.31 21.93 -40.77
CA ALA A 268 4.43 22.17 -39.65
C ALA A 268 4.54 23.60 -39.16
N ASN A 269 5.45 24.39 -39.74
CA ASN A 269 5.71 25.74 -39.34
C ASN A 269 6.09 25.82 -37.88
N GLN A 270 6.94 24.88 -37.44
CA GLN A 270 7.39 24.84 -36.07
C GLN A 270 8.81 25.34 -35.90
N THR A 271 9.34 25.93 -36.94
CA THR A 271 10.69 26.41 -36.90
C THR A 271 10.78 27.44 -35.77
N GLY A 272 11.74 27.27 -34.87
CA GLY A 272 11.92 28.17 -33.73
C GLY A 272 10.84 28.02 -32.65
N HIS A 273 9.80 27.21 -32.87
CA HIS A 273 8.93 26.81 -31.77
C HIS A 273 9.70 26.03 -30.72
N PHE A 274 10.80 25.39 -31.12
CA PHE A 274 11.42 24.33 -30.38
C PHE A 274 12.89 24.50 -30.11
N PHE A 275 13.27 23.89 -29.00
CA PHE A 275 14.61 23.38 -28.80
C PHE A 275 14.65 21.89 -29.22
N TRP A 276 15.81 21.46 -29.70
CA TRP A 276 16.10 20.12 -30.17
C TRP A 276 17.43 19.70 -29.62
N MET A 277 17.57 18.41 -29.40
CA MET A 277 18.77 17.89 -28.80
C MET A 277 19.12 16.49 -29.28
N GLY A 278 20.40 16.14 -29.17
CA GLY A 278 20.93 14.87 -29.63
C GLY A 278 21.93 14.27 -28.66
N SER A 279 21.81 12.98 -28.42
CA SER A 279 22.99 12.19 -28.03
C SER A 279 23.99 12.13 -29.20
N ASP A 280 25.05 11.36 -29.02
CA ASP A 280 26.06 11.12 -30.03
C ASP A 280 25.53 10.83 -31.44
N SER A 281 24.31 10.32 -31.60
CA SER A 281 23.76 9.96 -32.90
C SER A 281 23.85 11.07 -33.93
N TRP A 282 23.83 12.32 -33.48
CA TRP A 282 24.06 13.45 -34.35
C TRP A 282 24.68 14.65 -33.63
N GLY A 283 25.38 15.46 -34.41
CA GLY A 283 26.16 16.58 -33.92
C GLY A 283 26.93 17.15 -35.09
N SER A 284 28.25 17.20 -35.00
CA SER A 284 29.12 17.89 -35.96
C SER A 284 28.91 17.48 -37.42
N LYS A 285 28.27 16.34 -37.66
CA LYS A 285 27.62 15.99 -38.92
C LYS A 285 26.82 17.17 -39.50
N ILE A 286 27.16 17.63 -40.70
CA ILE A 286 26.51 18.78 -41.36
C ILE A 286 25.20 18.43 -42.07
N ALA A 287 25.07 17.20 -42.58
CA ALA A 287 23.89 16.75 -43.30
C ALA A 287 22.59 16.77 -42.47
N PRO A 288 22.59 16.54 -41.15
CA PRO A 288 21.46 16.87 -40.30
C PRO A 288 20.85 18.27 -40.53
N VAL A 289 21.65 19.34 -40.45
CA VAL A 289 21.17 20.74 -40.33
C VAL A 289 21.03 21.49 -41.65
N LEU A 290 21.78 21.09 -42.68
CA LEU A 290 21.78 21.82 -43.94
C LEU A 290 20.38 21.83 -44.58
N HIS A 291 20.03 22.90 -45.28
CA HIS A 291 18.72 23.17 -45.89
C HIS A 291 17.53 23.39 -44.92
N LEU A 292 17.73 23.13 -43.64
CA LEU A 292 16.84 23.31 -42.54
C LEU A 292 17.61 24.07 -41.51
N GLU A 293 18.47 25.02 -41.85
CA GLU A 293 19.37 25.56 -40.85
C GLU A 293 18.62 26.31 -39.74
N GLU A 294 17.51 26.97 -40.03
CA GLU A 294 16.74 27.68 -39.00
C GLU A 294 16.00 26.75 -38.08
N VAL A 295 15.87 25.51 -38.48
CA VAL A 295 15.13 24.57 -37.71
C VAL A 295 16.10 24.11 -36.66
N ALA A 296 15.68 23.88 -35.42
CA ALA A 296 16.63 23.48 -34.39
C ALA A 296 17.73 24.52 -34.12
N GLU A 297 17.34 25.80 -34.09
CA GLU A 297 18.33 26.79 -33.73
C GLU A 297 18.81 26.59 -32.31
N GLY A 298 20.14 26.64 -32.10
CA GLY A 298 20.73 26.56 -30.79
C GLY A 298 20.69 25.18 -30.19
N ALA A 299 20.23 24.22 -31.00
CA ALA A 299 20.05 22.86 -30.56
C ALA A 299 21.34 22.38 -29.94
N VAL A 300 21.23 21.63 -28.85
CA VAL A 300 22.39 21.16 -28.13
C VAL A 300 22.51 19.68 -28.32
N THR A 301 23.67 19.21 -28.76
CA THR A 301 23.92 17.78 -28.86
C THR A 301 25.22 17.44 -28.21
N ILE A 302 25.39 16.17 -27.89
CA ILE A 302 26.60 15.65 -27.28
C ILE A 302 27.43 14.95 -28.34
N LEU A 303 28.76 15.12 -28.26
CA LEU A 303 29.69 14.17 -28.85
C LEU A 303 30.65 13.73 -27.77
N PRO A 304 31.00 12.44 -27.69
CA PRO A 304 32.19 11.94 -27.03
C PRO A 304 33.40 12.83 -27.28
N LYS A 305 34.26 13.04 -26.27
CA LYS A 305 35.27 14.09 -26.33
C LYS A 305 36.26 13.77 -27.45
N ARG A 306 36.31 14.61 -28.49
CA ARG A 306 36.94 14.31 -29.76
C ARG A 306 37.83 15.43 -30.29
N MET A 307 38.99 15.07 -30.85
CA MET A 307 39.94 15.97 -31.47
C MET A 307 40.17 15.52 -32.89
N SER A 308 40.47 16.45 -33.79
CA SER A 308 40.76 16.08 -35.15
C SER A 308 42.12 15.43 -35.26
N VAL A 309 42.34 14.72 -36.35
CA VAL A 309 43.64 14.10 -36.58
C VAL A 309 44.30 14.76 -37.74
N ARG A 310 45.23 15.65 -37.47
CA ARG A 310 45.80 16.46 -38.52
C ARG A 310 46.51 15.65 -39.59
N GLY A 311 47.20 14.59 -39.19
CA GLY A 311 47.91 13.78 -40.16
C GLY A 311 46.96 13.17 -41.18
N PHE A 312 45.75 12.81 -40.74
CA PHE A 312 44.78 12.21 -41.61
C PHE A 312 44.08 13.25 -42.39
N ASP A 313 43.73 14.35 -41.73
CA ASP A 313 42.98 15.38 -42.41
C ASP A 313 43.79 15.77 -43.63
N ARG A 314 45.12 15.88 -43.44
CA ARG A 314 46.05 16.20 -44.48
C ARG A 314 46.08 15.13 -45.55
N TYR A 315 46.29 13.89 -45.14
CA TYR A 315 46.39 12.79 -46.07
C TYR A 315 45.17 12.66 -46.93
N PHE A 316 44.03 12.67 -46.28
CA PHE A 316 42.74 12.50 -46.90
C PHE A 316 42.50 13.59 -47.89
N SER A 317 42.76 14.84 -47.49
CA SER A 317 42.59 16.01 -48.31
C SER A 317 43.46 15.92 -49.57
N SER A 318 44.71 15.48 -49.37
CA SER A 318 45.70 15.37 -50.44
C SER A 318 45.74 14.05 -51.23
N ARG A 319 45.03 13.00 -50.81
CA ARG A 319 45.08 11.73 -51.53
C ARG A 319 44.46 11.83 -52.93
N THR A 320 45.13 11.24 -53.92
CA THR A 320 44.64 11.14 -55.30
C THR A 320 43.65 10.01 -55.24
N LEU A 321 42.47 10.15 -55.79
CA LEU A 321 41.55 9.08 -55.57
C LEU A 321 41.79 7.80 -56.37
N ASP A 322 42.57 7.83 -57.44
CA ASP A 322 42.84 6.59 -58.11
C ASP A 322 44.20 6.02 -57.73
N ASN A 323 44.85 6.57 -56.68
CA ASN A 323 46.14 6.05 -56.23
C ASN A 323 45.99 5.32 -54.90
N ASN A 324 44.75 5.03 -54.51
CA ASN A 324 44.49 4.35 -53.26
C ASN A 324 44.34 2.85 -53.50
N ARG A 325 45.35 2.09 -53.17
CA ARG A 325 45.32 0.67 -53.44
C ARG A 325 44.66 -0.07 -52.30
N ARG A 326 44.02 -1.17 -52.66
CA ARG A 326 43.31 -2.07 -51.74
C ARG A 326 42.17 -1.36 -51.02
N ASN A 327 41.45 -0.53 -51.75
CA ASN A 327 40.27 0.13 -51.23
C ASN A 327 39.25 0.08 -52.36
N ILE A 328 38.44 -0.96 -52.31
CA ILE A 328 37.53 -1.27 -53.39
C ILE A 328 36.42 -0.25 -53.58
N TRP A 329 36.08 0.51 -52.54
CA TRP A 329 35.06 1.53 -52.61
C TRP A 329 35.63 2.90 -52.91
N PHE A 330 36.94 3.05 -53.08
CA PHE A 330 37.46 4.41 -53.16
C PHE A 330 37.04 5.05 -54.49
N ALA A 331 36.73 4.25 -55.50
CA ALA A 331 36.24 4.83 -56.74
C ALA A 331 34.88 5.47 -56.49
N GLU A 332 34.10 4.82 -55.62
CA GLU A 332 32.78 5.28 -55.27
C GLU A 332 32.95 6.53 -54.43
N PHE A 333 34.01 6.57 -53.62
CA PHE A 333 34.30 7.75 -52.84
C PHE A 333 34.38 8.92 -53.79
N TRP A 334 35.14 8.79 -54.87
CA TRP A 334 35.15 9.91 -55.80
C TRP A 334 33.73 10.21 -56.27
N GLU A 335 33.02 9.20 -56.75
CA GLU A 335 31.72 9.47 -57.35
C GLU A 335 30.72 10.16 -56.46
N ASP A 336 30.67 9.79 -55.18
CA ASP A 336 29.72 10.40 -54.28
C ASP A 336 30.20 11.73 -53.68
N ASN A 337 31.51 11.91 -53.50
CA ASN A 337 32.01 13.15 -52.92
C ASN A 337 32.15 14.28 -53.96
N PHE A 338 32.47 13.96 -55.22
CA PHE A 338 32.65 14.96 -56.27
C PHE A 338 31.45 15.05 -57.22
N HIS A 339 30.44 14.23 -56.95
CA HIS A 339 29.19 14.18 -57.73
C HIS A 339 29.40 13.95 -59.23
N CYS A 340 30.30 13.04 -59.55
CA CYS A 340 30.64 12.75 -60.95
C CYS A 340 31.50 11.51 -61.08
N LYS A 341 31.69 10.99 -62.29
CA LYS A 341 32.59 9.83 -62.40
C LYS A 341 34.10 10.18 -62.30
N LEU A 342 34.90 9.27 -61.68
CA LEU A 342 36.39 9.34 -61.53
C LEU A 342 37.09 9.19 -62.90
N VAL A 353 27.59 11.55 -67.18
CA VAL A 353 28.83 10.90 -66.76
C VAL A 353 29.71 11.93 -66.00
N LYS A 354 30.05 13.08 -66.69
CA LYS A 354 30.91 14.17 -66.20
C LYS A 354 32.25 13.64 -65.73
N LYS A 355 32.91 12.80 -66.53
CA LYS A 355 34.15 12.26 -66.03
C LYS A 355 35.07 13.42 -65.74
N CYS A 356 35.61 13.43 -64.53
CA CYS A 356 36.50 14.49 -64.11
C CYS A 356 37.90 14.00 -63.85
N THR A 357 38.84 14.91 -64.02
CA THR A 357 40.24 14.62 -63.83
C THR A 357 40.50 14.18 -62.40
N ASN A 358 41.21 13.05 -62.29
CA ASN A 358 41.56 12.37 -61.04
C ASN A 358 42.55 13.13 -60.20
N ARG A 359 43.24 14.02 -60.84
CA ARG A 359 44.24 14.84 -60.21
C ARG A 359 43.65 15.74 -59.14
N GLU A 360 42.40 16.19 -59.30
CA GLU A 360 41.86 17.11 -58.33
C GLU A 360 41.92 16.50 -56.93
N ARG A 361 42.44 17.26 -55.98
CA ARG A 361 42.53 16.77 -54.63
C ARG A 361 41.15 16.89 -54.04
N ILE A 362 40.79 16.02 -53.10
CA ILE A 362 39.47 16.19 -52.52
C ILE A 362 39.40 17.50 -51.75
N GLY A 363 40.54 17.93 -51.22
CA GLY A 363 40.68 19.19 -50.50
C GLY A 363 40.38 20.43 -51.34
N GLN A 364 40.23 20.28 -52.66
CA GLN A 364 39.92 21.40 -53.54
C GLN A 364 38.43 21.63 -53.74
N ASP A 365 37.57 20.80 -53.15
CA ASP A 365 36.12 20.95 -53.35
C ASP A 365 35.30 20.64 -52.10
N SER A 366 33.96 20.76 -52.21
CA SER A 366 32.96 20.52 -51.13
C SER A 366 32.94 19.05 -50.72
N ALA A 367 33.60 18.27 -51.55
CA ALA A 367 33.87 16.86 -51.45
C ALA A 367 34.62 16.57 -50.14
N TYR A 368 35.43 17.52 -49.67
CA TYR A 368 36.22 17.37 -48.46
C TYR A 368 35.69 18.06 -47.22
N GLU A 369 35.78 17.37 -46.07
CA GLU A 369 35.86 17.96 -44.72
C GLU A 369 36.46 16.95 -43.70
N GLN A 370 36.93 17.44 -42.55
CA GLN A 370 37.33 16.71 -41.33
C GLN A 370 36.27 15.68 -40.88
N GLU A 371 36.63 14.41 -40.72
CA GLU A 371 35.66 13.40 -40.29
C GLU A 371 35.49 13.38 -38.76
N GLY A 372 34.27 13.65 -38.31
CA GLY A 372 33.87 13.78 -36.91
C GLY A 372 34.40 12.73 -35.93
N LYS A 373 34.39 11.44 -36.30
CA LYS A 373 34.82 10.34 -35.41
C LYS A 373 36.18 9.73 -35.75
N VAL A 374 37.02 10.35 -36.58
CA VAL A 374 38.08 9.61 -37.22
C VAL A 374 39.08 9.20 -36.17
N GLN A 375 39.17 10.00 -35.13
CA GLN A 375 40.03 9.73 -34.02
C GLN A 375 39.73 8.41 -33.40
N PHE A 376 38.45 8.06 -33.29
CA PHE A 376 38.04 6.83 -32.66
C PHE A 376 38.39 5.64 -33.51
N VAL A 377 38.13 5.68 -34.82
CA VAL A 377 38.46 4.52 -35.63
C VAL A 377 39.95 4.35 -35.70
N ILE A 378 40.71 5.45 -35.76
CA ILE A 378 42.14 5.33 -35.76
C ILE A 378 42.61 4.83 -34.43
N ASP A 379 42.10 5.40 -33.33
CA ASP A 379 42.39 5.00 -31.95
C ASP A 379 42.15 3.51 -31.77
N ALA A 380 40.96 3.04 -32.11
CA ALA A 380 40.57 1.66 -31.86
C ALA A 380 41.53 0.68 -32.53
N VAL A 381 41.88 0.91 -33.79
CA VAL A 381 42.80 0.03 -34.48
C VAL A 381 44.19 0.10 -33.86
N TYR A 382 44.68 1.28 -33.47
CA TYR A 382 45.93 1.33 -32.75
C TYR A 382 45.82 0.62 -31.44
N ALA A 383 44.73 0.78 -30.70
CA ALA A 383 44.60 0.17 -29.39
C ALA A 383 44.76 -1.33 -29.49
N MET A 384 44.10 -1.98 -30.47
CA MET A 384 44.32 -3.40 -30.68
C MET A 384 45.77 -3.65 -31.07
N GLY A 385 46.38 -2.83 -31.91
CA GLY A 385 47.77 -3.00 -32.28
C GLY A 385 48.67 -2.95 -31.04
N HIS A 386 48.33 -2.08 -30.10
CA HIS A 386 49.09 -1.93 -28.87
C HIS A 386 48.86 -3.14 -27.98
N ALA A 387 47.64 -3.66 -27.96
CA ALA A 387 47.38 -4.85 -27.18
C ALA A 387 48.14 -6.05 -27.76
N LEU A 388 48.24 -6.13 -29.08
CA LEU A 388 48.96 -7.19 -29.77
C LEU A 388 50.44 -7.06 -29.50
N HIS A 389 50.91 -5.83 -29.42
CA HIS A 389 52.28 -5.54 -29.10
C HIS A 389 52.57 -6.01 -27.68
N ALA A 390 51.66 -5.68 -26.74
CA ALA A 390 51.82 -6.10 -25.36
C ALA A 390 51.82 -7.62 -25.26
N MET A 391 51.00 -8.28 -26.08
CA MET A 391 50.99 -9.73 -26.16
C MET A 391 52.31 -10.27 -26.64
N HIS A 392 52.88 -9.67 -27.66
CA HIS A 392 54.14 -10.22 -28.12
C HIS A 392 55.17 -10.10 -27.03
N ARG A 393 55.16 -9.02 -26.28
CA ARG A 393 56.13 -8.83 -25.22
C ARG A 393 55.90 -9.76 -23.99
N ASP A 394 54.78 -10.47 -23.98
CA ASP A 394 54.33 -11.40 -22.93
C ASP A 394 54.41 -12.83 -23.45
N LEU A 395 53.56 -13.14 -24.42
CA LEU A 395 53.46 -14.44 -25.07
C LEU A 395 54.74 -14.83 -25.83
N CYS A 396 55.39 -13.85 -26.52
CA CYS A 396 56.57 -14.06 -27.37
C CYS A 396 57.66 -13.03 -27.03
N PRO A 397 58.13 -12.98 -25.77
CA PRO A 397 58.97 -11.93 -25.22
C PRO A 397 60.34 -11.83 -25.86
N GLY A 398 60.76 -12.89 -26.51
CA GLY A 398 62.05 -12.96 -27.16
C GLY A 398 61.98 -12.77 -28.67
N ARG A 399 60.83 -12.39 -29.22
CA ARG A 399 60.72 -12.31 -30.68
C ARG A 399 60.18 -11.01 -31.25
N VAL A 400 60.57 -10.79 -32.50
CA VAL A 400 60.08 -9.72 -33.35
C VAL A 400 59.66 -10.43 -34.60
N GLY A 401 58.81 -9.84 -35.39
CA GLY A 401 58.35 -10.53 -36.57
C GLY A 401 57.40 -11.60 -36.07
N LEU A 402 57.15 -12.62 -36.87
CA LEU A 402 56.22 -13.64 -36.45
C LEU A 402 56.69 -14.58 -35.35
N CYS A 403 55.73 -15.00 -34.51
CA CYS A 403 55.81 -15.95 -33.42
C CYS A 403 54.61 -16.89 -33.58
N PRO A 404 54.82 -18.18 -33.87
CA PRO A 404 53.80 -19.19 -34.10
C PRO A 404 52.78 -19.31 -32.97
N ARG A 405 53.16 -18.90 -31.77
CA ARG A 405 52.32 -18.98 -30.59
C ARG A 405 51.08 -18.11 -30.73
N MET A 406 51.17 -17.06 -31.54
CA MET A 406 50.02 -16.19 -31.69
C MET A 406 49.12 -16.65 -32.81
N ASP A 407 49.48 -17.65 -33.59
CA ASP A 407 48.54 -17.97 -34.65
C ASP A 407 47.25 -18.50 -33.96
N PRO A 408 47.25 -19.65 -33.27
CA PRO A 408 46.14 -20.13 -32.46
C PRO A 408 46.19 -19.43 -31.12
N VAL A 409 46.07 -18.12 -31.13
CA VAL A 409 46.20 -17.37 -29.89
C VAL A 409 44.93 -17.46 -29.10
N ASP A 410 45.07 -17.65 -27.79
CA ASP A 410 43.87 -17.68 -26.98
C ASP A 410 43.47 -16.25 -26.75
N GLY A 411 42.32 -15.90 -27.28
CA GLY A 411 41.85 -14.53 -27.24
C GLY A 411 41.66 -14.01 -25.84
N THR A 412 41.64 -14.88 -24.86
CA THR A 412 41.48 -14.48 -23.48
C THR A 412 42.69 -13.64 -23.10
N GLN A 413 43.87 -14.05 -23.57
CA GLN A 413 45.07 -13.34 -23.21
C GLN A 413 45.06 -12.06 -24.02
N LEU A 414 44.50 -12.13 -25.23
CA LEU A 414 44.44 -10.92 -26.04
C LEU A 414 43.54 -9.91 -25.30
N LEU A 415 42.41 -10.38 -24.73
CA LEU A 415 41.45 -9.58 -23.95
C LEU A 415 42.10 -8.94 -22.75
N LYS A 416 43.03 -9.66 -22.10
CA LYS A 416 43.69 -9.11 -20.94
C LYS A 416 44.46 -7.88 -21.36
N TYR A 417 45.14 -7.94 -22.49
CA TYR A 417 45.87 -6.77 -22.93
C TYR A 417 45.00 -5.69 -23.50
N ILE A 418 43.86 -6.04 -24.09
CA ILE A 418 42.84 -5.06 -24.50
C ILE A 418 42.40 -4.21 -23.31
N ARG A 419 42.16 -4.82 -22.15
CA ARG A 419 41.83 -4.09 -20.92
C ARG A 419 43.06 -3.52 -20.22
N ASN A 420 44.22 -4.17 -20.28
CA ASN A 420 45.40 -3.73 -19.51
C ASN A 420 46.19 -2.60 -20.15
N VAL A 421 46.17 -2.52 -21.47
CA VAL A 421 46.95 -1.51 -22.16
C VAL A 421 46.28 -0.15 -22.08
N ASN A 422 47.07 0.79 -21.57
CA ASN A 422 46.73 2.17 -21.31
C ASN A 422 47.80 3.06 -21.91
N PHE A 423 47.39 3.94 -22.79
CA PHE A 423 48.36 4.76 -23.51
C PHE A 423 47.79 6.08 -23.96
N SER A 424 48.62 7.03 -24.38
CA SER A 424 48.07 8.25 -24.94
C SER A 424 47.71 7.92 -26.37
N GLY A 425 46.48 8.19 -26.76
CA GLY A 425 46.02 7.81 -28.08
C GLY A 425 46.28 8.88 -29.09
N ILE A 426 45.66 8.70 -30.23
CA ILE A 426 45.91 9.65 -31.29
C ILE A 426 45.31 10.99 -30.88
N ALA A 427 46.03 12.04 -31.24
CA ALA A 427 45.71 13.43 -30.94
C ALA A 427 45.91 13.71 -29.45
N GLY A 428 46.51 12.76 -28.72
CA GLY A 428 46.83 12.93 -27.32
C GLY A 428 45.70 12.56 -26.37
N ASN A 429 44.64 11.95 -26.87
CA ASN A 429 43.51 11.58 -26.03
C ASN A 429 43.82 10.27 -25.27
N PRO A 430 43.95 10.24 -23.94
CA PRO A 430 44.30 9.04 -23.20
C PRO A 430 43.34 7.92 -23.52
N VAL A 431 43.88 6.75 -23.83
CA VAL A 431 43.14 5.53 -24.10
C VAL A 431 43.11 4.71 -22.82
N THR A 432 41.94 4.68 -22.23
CA THR A 432 41.59 3.80 -21.13
C THR A 432 40.12 3.45 -21.23
N PHE A 433 39.76 2.23 -20.86
CA PHE A 433 38.37 1.86 -20.59
C PHE A 433 38.35 0.79 -19.52
N ASN A 434 37.25 0.75 -18.76
CA ASN A 434 37.12 -0.18 -17.66
C ASN A 434 36.89 -1.62 -18.16
N GLU A 435 36.60 -2.51 -17.22
CA GLU A 435 36.56 -3.94 -17.45
C GLU A 435 35.28 -4.36 -18.16
N ASN A 436 34.24 -3.53 -18.12
CA ASN A 436 33.04 -3.66 -18.93
C ASN A 436 33.23 -2.96 -20.28
N GLY A 437 34.42 -2.43 -20.56
CA GLY A 437 34.74 -1.79 -21.82
C GLY A 437 34.06 -0.45 -22.06
N ASP A 438 33.81 0.35 -21.01
CA ASP A 438 33.41 1.75 -21.17
C ASP A 438 34.62 2.67 -21.02
N ALA A 439 34.84 3.56 -21.98
CA ALA A 439 35.74 4.68 -21.73
C ALA A 439 35.07 5.61 -20.69
N PRO A 440 35.83 6.24 -19.78
CA PRO A 440 35.28 6.86 -18.58
C PRO A 440 34.61 8.23 -18.86
N GLY A 441 33.37 8.20 -19.34
CA GLY A 441 32.34 9.27 -19.32
C GLY A 441 32.57 10.51 -20.18
N ARG A 442 33.81 10.95 -20.30
CA ARG A 442 34.27 12.26 -20.78
C ARG A 442 33.79 12.62 -22.19
N TYR A 443 32.96 13.66 -22.29
CA TYR A 443 32.45 14.13 -23.58
C TYR A 443 32.11 15.64 -23.59
N ASP A 444 31.99 16.24 -24.79
CA ASP A 444 31.79 17.68 -24.94
C ASP A 444 30.37 18.06 -25.39
N ILE A 445 29.89 19.20 -24.90
CA ILE A 445 28.57 19.74 -25.20
C ILE A 445 28.63 20.85 -26.23
N TYR A 446 27.86 20.74 -27.31
CA TYR A 446 27.89 21.65 -28.45
C TYR A 446 26.57 22.43 -28.61
N GLN A 447 26.60 23.61 -29.19
CA GLN A 447 25.45 24.43 -29.55
C GLN A 447 25.38 24.70 -31.04
N TYR A 448 24.23 24.48 -31.69
CA TYR A 448 24.11 24.84 -33.11
C TYR A 448 23.77 26.32 -33.30
N GLN A 449 24.76 27.07 -33.70
CA GLN A 449 24.75 28.51 -33.87
C GLN A 449 24.42 28.99 -35.27
N LEU A 450 23.44 29.87 -35.38
CA LEU A 450 23.07 30.41 -36.69
C LEU A 450 23.65 31.82 -36.92
N ARG A 451 23.82 32.21 -38.21
CA ARG A 451 24.30 33.51 -38.68
C ARG A 451 24.11 33.54 -40.19
N ALA A 455 26.92 28.82 -40.21
CA ALA A 455 26.30 28.18 -39.02
C ALA A 455 27.10 26.95 -38.59
N GLU A 456 27.42 26.81 -37.31
CA GLU A 456 28.34 25.76 -36.82
C GLU A 456 27.94 25.27 -35.43
N TYR A 457 28.35 24.06 -35.07
CA TYR A 457 28.19 23.54 -33.71
C TYR A 457 29.37 24.03 -32.83
N LYS A 458 29.10 24.95 -31.92
CA LYS A 458 30.06 25.59 -31.05
C LYS A 458 30.18 24.85 -29.75
N VAL A 459 31.31 24.94 -29.11
CA VAL A 459 31.38 24.30 -27.81
C VAL A 459 30.73 25.18 -26.76
N ILE A 460 29.84 24.57 -25.99
CA ILE A 460 29.17 25.22 -24.88
C ILE A 460 29.99 24.95 -23.66
N GLY A 461 30.41 23.70 -23.56
CA GLY A 461 31.15 23.27 -22.41
C GLY A 461 31.38 21.78 -22.40
N SER A 462 31.76 21.25 -21.25
CA SER A 462 32.11 19.82 -21.17
C SER A 462 31.46 19.10 -20.00
N TRP A 463 31.50 17.77 -20.02
CA TRP A 463 30.98 16.96 -18.92
C TRP A 463 31.80 15.74 -18.57
N THR A 464 31.97 15.54 -17.26
CA THR A 464 32.54 14.35 -16.65
C THR A 464 31.81 14.10 -15.36
N ASP A 465 30.56 13.64 -15.46
CA ASP A 465 29.64 13.45 -14.34
C ASP A 465 29.26 14.77 -13.66
N HIS A 466 29.60 15.86 -14.32
CA HIS A 466 29.32 17.21 -13.92
C HIS A 466 29.41 18.14 -15.11
N LEU A 467 28.51 19.10 -15.20
CA LEU A 467 28.56 20.08 -16.28
C LEU A 467 29.37 21.32 -16.04
N HIS A 468 30.04 21.73 -17.09
CA HIS A 468 30.83 22.93 -17.16
C HIS A 468 30.43 23.74 -18.38
N LEU A 469 29.19 24.29 -18.38
CA LEU A 469 28.64 24.99 -19.55
C LEU A 469 28.55 26.50 -19.38
N ARG A 470 28.74 27.24 -20.49
CA ARG A 470 28.52 28.69 -20.48
C ARG A 470 27.76 29.15 -21.74
N ILE A 471 26.75 30.04 -21.58
CA ILE A 471 25.94 30.62 -22.67
C ILE A 471 26.31 32.10 -22.79
N GLN A 481 21.22 32.82 -28.97
CA GLN A 481 21.30 31.66 -28.07
C GLN A 481 20.03 31.42 -27.22
N GLN A 482 19.17 32.46 -27.21
CA GLN A 482 18.01 32.67 -26.35
C GLN A 482 16.74 32.19 -27.04
N LEU A 483 16.10 31.23 -26.38
CA LEU A 483 15.27 30.18 -26.99
C LEU A 483 14.29 29.62 -25.90
N PRO A 484 13.24 28.84 -26.25
CA PRO A 484 12.05 28.65 -25.40
C PRO A 484 12.24 27.67 -24.23
N ARG A 485 11.23 27.50 -23.36
CA ARG A 485 11.40 26.81 -22.06
C ARG A 485 10.34 25.74 -21.77
N SER A 486 10.75 24.64 -21.15
CA SER A 486 10.04 23.34 -21.20
C SER A 486 9.83 22.82 -19.79
N ILE A 487 8.70 23.18 -19.19
CA ILE A 487 8.64 23.30 -17.74
C ILE A 487 7.38 22.84 -17.00
N CYS A 488 6.34 22.33 -17.66
CA CYS A 488 5.07 21.98 -16.99
C CYS A 488 4.36 23.19 -16.35
N SER A 489 3.61 22.97 -15.26
CA SER A 489 2.76 23.97 -14.61
C SER A 489 3.51 25.25 -14.24
N LEU A 490 2.81 26.37 -14.36
CA LEU A 490 3.37 27.67 -14.02
C LEU A 490 3.15 27.99 -12.53
N PRO A 491 4.03 28.78 -11.90
CA PRO A 491 3.88 29.22 -10.52
C PRO A 491 2.51 29.86 -10.20
N CYS A 492 2.21 29.92 -8.90
CA CYS A 492 0.87 30.19 -8.37
C CYS A 492 0.82 31.40 -7.43
N GLN A 493 -0.31 32.09 -7.39
CA GLN A 493 -0.51 33.29 -6.57
C GLN A 493 -0.50 33.02 -5.06
N PRO A 494 -0.39 34.05 -4.22
CA PRO A 494 -0.78 33.95 -2.81
C PRO A 494 -2.18 33.35 -2.68
N GLY A 495 -2.36 32.45 -1.71
CA GLY A 495 -3.60 31.70 -1.52
C GLY A 495 -3.83 30.55 -2.51
N GLU A 496 -3.15 30.49 -3.66
CA GLU A 496 -3.27 29.36 -4.59
C GLU A 496 -2.48 28.15 -4.10
N ARG A 497 -3.05 27.42 -3.14
CA ARG A 497 -2.47 26.17 -2.66
C ARG A 497 -2.35 25.17 -3.81
N LYS A 498 -1.12 24.82 -4.20
CA LYS A 498 -0.87 23.83 -5.23
C LYS A 498 -1.53 22.52 -4.85
N LYS A 499 -2.17 21.87 -5.81
CA LYS A 499 -2.44 20.42 -5.78
C LYS A 499 -1.53 19.79 -6.81
N THR A 500 -0.81 18.73 -6.49
CA THR A 500 0.05 18.08 -7.49
C THR A 500 -0.82 17.59 -8.66
N VAL A 501 -0.35 17.76 -9.89
CA VAL A 501 -0.96 17.12 -11.06
C VAL A 501 -0.64 15.63 -10.95
N LYS A 502 -1.64 14.79 -10.68
CA LYS A 502 -1.44 13.38 -10.29
C LYS A 502 -0.38 13.28 -9.17
N GLY A 503 0.62 12.41 -9.31
CA GLY A 503 1.85 12.43 -8.51
C GLY A 503 3.04 13.09 -9.22
N MET A 504 2.83 13.78 -10.34
CA MET A 504 3.89 14.23 -11.24
C MET A 504 4.73 15.34 -10.60
N PRO A 505 6.02 15.09 -10.27
CA PRO A 505 6.77 15.96 -9.38
C PRO A 505 6.83 17.41 -9.83
N CYS A 506 6.95 17.64 -11.13
CA CYS A 506 7.15 18.97 -11.71
C CYS A 506 5.84 19.72 -12.04
N CYS A 507 4.67 19.24 -11.60
CA CYS A 507 3.38 19.70 -12.11
C CYS A 507 2.32 19.85 -11.02
N TRP A 508 1.41 20.80 -11.20
CA TRP A 508 0.38 21.15 -10.24
C TRP A 508 -0.78 21.94 -10.84
N HIS A 509 -1.85 22.01 -10.06
CA HIS A 509 -2.97 22.92 -10.20
C HIS A 509 -2.82 24.02 -9.15
N CYS A 510 -2.84 25.28 -9.55
CA CYS A 510 -2.69 26.44 -8.65
C CYS A 510 -4.00 26.77 -7.92
N GLU A 511 -4.48 25.90 -7.04
CA GLU A 511 -5.87 26.02 -6.57
C GLU A 511 -6.05 27.07 -5.47
N PRO A 512 -6.86 28.12 -5.71
CA PRO A 512 -7.10 29.16 -4.73
C PRO A 512 -7.81 28.59 -3.52
N CYS A 513 -7.30 28.96 -2.35
CA CYS A 513 -7.89 28.63 -1.06
C CYS A 513 -9.24 29.36 -0.84
N THR A 514 -10.02 28.92 0.14
CA THR A 514 -11.47 29.16 0.21
C THR A 514 -12.00 29.33 1.64
N GLY A 515 -13.19 29.91 1.78
CA GLY A 515 -13.88 30.01 3.07
C GLY A 515 -13.03 30.70 4.13
N TYR A 516 -13.04 30.19 5.36
CA TYR A 516 -12.18 30.70 6.42
C TYR A 516 -10.75 30.16 6.36
N GLN A 517 -10.31 29.52 5.29
CA GLN A 517 -8.95 29.05 5.21
C GLN A 517 -7.94 30.11 4.75
N TYR A 518 -6.75 30.04 5.34
CA TYR A 518 -5.57 30.84 5.01
C TYR A 518 -4.35 29.91 4.85
N GLN A 519 -3.43 30.31 3.99
CA GLN A 519 -2.34 29.48 3.50
C GLN A 519 -1.31 29.20 4.59
N VAL A 520 -0.78 27.98 4.56
CA VAL A 520 0.25 27.50 5.49
C VAL A 520 1.44 26.83 4.78
N ASP A 521 1.26 26.44 3.52
CA ASP A 521 2.31 25.89 2.66
C ASP A 521 1.96 26.19 1.19
N ARG A 522 2.94 26.23 0.30
CA ARG A 522 2.75 26.32 -1.15
C ARG A 522 1.68 25.35 -1.66
N TYR A 523 1.59 24.15 -1.09
CA TYR A 523 0.57 23.15 -1.38
C TYR A 523 -0.62 23.14 -0.43
N THR A 524 -0.65 23.93 0.66
CA THR A 524 -1.63 23.73 1.73
C THR A 524 -2.19 25.01 2.31
N CYS A 525 -3.48 24.97 2.63
CA CYS A 525 -4.22 26.02 3.31
C CYS A 525 -5.03 25.42 4.45
N LYS A 526 -5.29 26.16 5.52
CA LYS A 526 -5.94 25.64 6.74
C LYS A 526 -6.89 26.65 7.32
N THR A 527 -7.88 26.20 8.07
CA THR A 527 -8.94 27.08 8.57
C THR A 527 -8.41 28.00 9.67
N CYS A 528 -8.64 29.29 9.49
CA CYS A 528 -8.41 30.29 10.51
C CYS A 528 -9.34 30.07 11.71
N PRO A 529 -8.85 30.25 12.95
CA PRO A 529 -9.68 30.15 14.14
C PRO A 529 -10.83 31.16 14.16
N TYR A 530 -11.63 31.08 15.21
CA TYR A 530 -12.80 31.92 15.35
C TYR A 530 -12.49 33.40 15.54
N ASP A 531 -11.31 33.74 16.03
CA ASP A 531 -10.85 35.12 16.18
C ASP A 531 -10.89 35.96 14.89
N MET A 532 -10.72 35.31 13.74
CA MET A 532 -10.36 36.00 12.52
C MET A 532 -10.99 35.39 11.26
N ARG A 533 -11.11 36.22 10.23
CA ARG A 533 -11.51 35.91 8.85
C ARG A 533 -10.28 36.09 7.96
N PRO A 534 -10.01 35.22 6.97
CA PRO A 534 -8.75 35.28 6.21
C PRO A 534 -8.42 36.66 5.62
N THR A 535 -7.12 36.92 5.46
CA THR A 535 -6.65 37.91 4.48
C THR A 535 -7.19 37.53 3.10
N GLU A 536 -7.57 38.46 2.23
CA GLU A 536 -7.98 38.14 0.86
C GLU A 536 -6.87 37.42 0.07
N ASN A 537 -5.62 37.81 0.27
CA ASN A 537 -4.44 37.13 -0.28
C ASN A 537 -4.23 35.73 0.31
N ARG A 538 -5.00 35.41 1.36
CA ARG A 538 -4.90 34.21 2.21
C ARG A 538 -3.50 33.97 2.78
N THR A 539 -2.66 34.99 2.80
CA THR A 539 -1.35 34.98 3.47
C THR A 539 -1.47 34.74 4.98
N GLY A 540 -2.61 35.10 5.57
CA GLY A 540 -2.88 34.94 6.99
C GLY A 540 -4.35 35.20 7.27
N CYS A 541 -4.63 35.77 8.44
CA CYS A 541 -5.99 36.03 8.88
C CYS A 541 -6.11 37.37 9.62
N ARG A 542 -7.32 37.94 9.65
CA ARG A 542 -7.63 39.28 10.15
C ARG A 542 -8.85 39.26 11.06
N PRO A 543 -8.91 40.08 12.13
CA PRO A 543 -10.03 40.14 13.06
C PRO A 543 -11.39 40.02 12.41
N ILE A 544 -12.22 39.14 12.96
CA ILE A 544 -13.67 39.26 12.78
C ILE A 544 -14.06 40.61 13.42
N PRO A 545 -14.70 41.53 12.70
CA PRO A 545 -15.26 42.73 13.32
C PRO A 545 -16.33 42.32 14.34
N ILE A 546 -16.28 42.89 15.54
CA ILE A 546 -17.25 42.53 16.56
C ILE A 546 -18.33 43.57 16.74
N ILE A 547 -19.54 43.08 16.70
CA ILE A 547 -20.76 43.81 16.85
C ILE A 547 -21.09 44.00 18.31
N LYS A 548 -21.48 45.19 18.69
CA LYS A 548 -21.87 45.45 20.06
C LYS A 548 -23.32 45.84 20.02
N LEU A 549 -24.04 45.64 21.11
CA LEU A 549 -25.39 46.14 21.11
C LEU A 549 -25.29 47.62 21.37
N GLU A 550 -25.82 48.38 20.44
CA GLU A 550 -25.77 49.81 20.55
C GLU A 550 -27.08 50.28 21.12
N TRP A 551 -26.99 51.01 22.20
CA TRP A 551 -28.15 51.53 22.91
C TRP A 551 -28.84 52.62 22.12
N GLY A 552 -28.11 53.14 21.15
CA GLY A 552 -28.58 54.16 20.25
C GLY A 552 -29.00 53.59 18.89
N SER A 553 -29.12 52.26 18.78
CA SER A 553 -29.51 51.72 17.49
C SER A 553 -30.94 52.18 17.26
N PRO A 554 -31.47 52.10 16.02
CA PRO A 554 -32.84 52.47 15.66
C PRO A 554 -33.90 51.77 16.48
N TRP A 555 -33.57 50.66 17.13
CA TRP A 555 -34.56 49.98 17.91
C TRP A 555 -34.27 50.14 19.39
N ALA A 556 -32.99 50.16 19.75
CA ALA A 556 -32.58 50.30 21.15
C ALA A 556 -33.01 51.62 21.73
N VAL A 557 -33.06 52.64 20.88
CA VAL A 557 -33.48 53.94 21.35
C VAL A 557 -34.89 53.95 21.90
N LEU A 558 -35.77 53.06 21.45
CA LEU A 558 -37.09 53.16 21.99
C LEU A 558 -37.08 52.94 23.50
N PRO A 559 -36.70 51.77 24.05
CA PRO A 559 -36.62 51.55 25.47
C PRO A 559 -35.58 52.42 26.14
N LEU A 560 -34.57 52.88 25.38
CA LEU A 560 -33.59 53.73 26.00
C LEU A 560 -34.28 54.96 26.54
N PHE A 561 -35.25 55.48 25.80
CA PHE A 561 -35.90 56.66 26.27
C PHE A 561 -37.19 56.33 27.00
N LEU A 562 -37.85 55.21 26.68
CA LEU A 562 -39.10 54.93 27.36
C LEU A 562 -38.83 54.65 28.81
N ALA A 563 -37.72 53.98 29.09
CA ALA A 563 -37.35 53.66 30.45
C ALA A 563 -37.11 54.91 31.25
N VAL A 564 -36.56 55.94 30.62
CA VAL A 564 -36.27 57.20 31.27
C VAL A 564 -37.57 57.88 31.60
N VAL A 565 -38.50 57.85 30.65
CA VAL A 565 -39.80 58.42 30.85
C VAL A 565 -40.49 57.69 31.97
N GLY A 566 -40.36 56.37 31.98
CA GLY A 566 -40.93 55.53 33.00
C GLY A 566 -40.41 55.93 34.37
N ILE A 567 -39.09 56.15 34.49
CA ILE A 567 -38.53 56.60 35.76
C ILE A 567 -39.07 57.96 36.11
N ALA A 568 -39.14 58.89 35.15
CA ALA A 568 -39.64 60.21 35.45
C ALA A 568 -41.08 60.17 35.93
N ALA A 569 -41.91 59.32 35.29
CA ALA A 569 -43.30 59.18 35.68
C ALA A 569 -43.40 58.57 37.06
N THR A 570 -42.53 57.61 37.33
CA THR A 570 -42.52 56.92 38.60
C THR A 570 -42.17 57.91 39.68
N LEU A 571 -41.15 58.74 39.42
CA LEU A 571 -40.75 59.69 40.43
C LEU A 571 -41.81 60.75 40.63
N PHE A 572 -42.52 61.16 39.59
CA PHE A 572 -43.61 62.14 39.76
C PHE A 572 -44.55 61.58 40.83
N VAL A 573 -44.89 60.30 40.68
CA VAL A 573 -45.74 59.62 41.62
C VAL A 573 -45.08 59.50 43.00
N VAL A 574 -43.82 59.13 43.06
CA VAL A 574 -43.15 58.99 44.34
C VAL A 574 -43.10 60.29 45.10
N ILE A 575 -42.80 61.38 44.43
CA ILE A 575 -42.71 62.66 45.10
C ILE A 575 -44.04 63.02 45.69
N THR A 576 -45.13 62.81 44.94
CA THR A 576 -46.43 63.10 45.49
C THR A 576 -46.69 62.24 46.72
N PHE A 577 -46.37 60.95 46.65
CA PHE A 577 -46.61 60.10 47.78
C PHE A 577 -45.80 60.53 48.99
N VAL A 578 -44.54 60.93 48.77
CA VAL A 578 -43.71 61.38 49.88
C VAL A 578 -44.26 62.66 50.51
N ARG A 579 -44.66 63.63 49.68
CA ARG A 579 -45.20 64.88 50.19
C ARG A 579 -46.44 64.64 51.04
N TYR A 580 -47.21 63.64 50.66
CA TYR A 580 -48.43 63.27 51.32
C TYR A 580 -48.31 62.01 52.20
N ASN A 581 -47.09 61.64 52.65
CA ASN A 581 -46.93 60.44 53.47
C ASN A 581 -47.77 60.35 54.74
N ASP A 582 -48.06 61.48 55.38
CA ASP A 582 -48.84 61.45 56.63
C ASP A 582 -50.30 61.83 56.42
N THR A 583 -50.73 61.87 55.16
CA THR A 583 -52.09 62.20 54.78
C THR A 583 -52.84 60.86 54.54
N PRO A 584 -54.08 60.66 55.08
CA PRO A 584 -54.89 59.45 54.95
C PRO A 584 -55.02 58.91 53.54
N ILE A 585 -55.01 59.77 52.53
CA ILE A 585 -55.10 59.27 51.16
C ILE A 585 -53.95 58.35 50.77
N VAL A 586 -52.82 58.46 51.46
CA VAL A 586 -51.67 57.60 51.25
C VAL A 586 -51.65 56.49 52.27
N LYS A 587 -51.87 56.84 53.53
CA LYS A 587 -51.77 55.86 54.61
C LYS A 587 -52.77 54.72 54.43
N ALA A 588 -53.94 55.03 53.90
CA ALA A 588 -55.04 54.11 53.71
C ALA A 588 -54.73 52.90 52.83
N SER A 589 -53.86 53.05 51.85
CA SER A 589 -53.59 51.93 50.95
C SER A 589 -52.45 51.06 51.48
N GLY A 590 -51.81 51.53 52.54
CA GLY A 590 -50.66 50.91 53.12
C GLY A 590 -49.49 51.71 52.63
N ARG A 591 -48.97 52.57 53.49
CA ARG A 591 -47.90 53.45 53.04
C ARG A 591 -46.66 52.67 52.66
N GLU A 592 -46.37 51.65 53.45
CA GLU A 592 -45.23 50.80 53.25
C GLU A 592 -45.43 49.89 52.04
N LEU A 593 -46.66 49.45 51.81
CA LEU A 593 -46.94 48.62 50.65
C LEU A 593 -46.74 49.46 49.39
N SER A 594 -47.16 50.73 49.46
CA SER A 594 -47.00 51.62 48.33
C SER A 594 -45.52 51.82 48.08
N TYR A 595 -44.74 52.03 49.15
CA TYR A 595 -43.30 52.17 49.03
C TYR A 595 -42.68 51.04 48.25
N VAL A 596 -43.01 49.80 48.61
CA VAL A 596 -42.39 48.71 47.91
C VAL A 596 -42.87 48.64 46.46
N LEU A 597 -44.16 48.85 46.19
CA LEU A 597 -44.63 48.79 44.83
C LEU A 597 -43.97 49.86 43.97
N LEU A 598 -43.82 51.05 44.49
CA LEU A 598 -43.20 52.09 43.70
C LEU A 598 -41.73 51.78 43.48
N ALA A 599 -41.04 51.22 44.47
CA ALA A 599 -39.65 50.83 44.30
C ALA A 599 -39.56 49.77 43.22
N GLY A 600 -40.52 48.85 43.20
CA GLY A 600 -40.57 47.78 42.22
C GLY A 600 -40.68 48.33 40.82
N ILE A 601 -41.59 49.28 40.62
CA ILE A 601 -41.87 49.94 39.36
C ILE A 601 -40.64 50.68 38.87
N PHE A 602 -39.99 51.40 39.79
CA PHE A 602 -38.79 52.14 39.47
C PHE A 602 -37.75 51.20 38.92
N LEU A 603 -37.53 50.09 39.63
CA LEU A 603 -36.56 49.13 39.21
C LEU A 603 -36.96 48.46 37.92
N CYS A 604 -38.25 48.22 37.70
CA CYS A 604 -38.65 47.60 36.44
C CYS A 604 -38.08 48.42 35.30
N TYR A 605 -38.26 49.74 35.38
CA TYR A 605 -37.77 50.59 34.31
C TYR A 605 -36.24 50.72 34.32
N ALA A 606 -35.64 50.78 35.51
CA ALA A 606 -34.19 50.90 35.57
C ALA A 606 -33.53 49.68 34.94
N THR A 607 -34.16 48.53 35.14
CA THR A 607 -33.68 47.27 34.64
C THR A 607 -33.70 47.27 33.13
N THR A 608 -34.80 47.73 32.55
CA THR A 608 -34.93 47.73 31.10
C THR A 608 -33.98 48.68 30.46
N PHE A 609 -33.71 49.79 31.14
CA PHE A 609 -32.77 50.75 30.60
C PHE A 609 -31.41 50.05 30.51
N LEU A 610 -31.04 49.37 31.59
CA LEU A 610 -29.75 48.71 31.66
C LEU A 610 -29.64 47.45 30.81
N MET A 611 -30.75 46.85 30.38
CA MET A 611 -30.68 45.67 29.52
C MET A 611 -29.99 45.94 28.20
N ILE A 612 -29.87 47.21 27.81
CA ILE A 612 -29.20 47.55 26.57
C ILE A 612 -27.88 48.28 26.84
N ALA A 613 -27.38 48.17 28.08
CA ALA A 613 -26.12 48.77 28.52
C ALA A 613 -24.92 48.08 27.89
N GLU A 614 -23.85 48.84 27.71
CA GLU A 614 -22.63 48.33 27.15
C GLU A 614 -22.10 47.12 27.96
N PRO A 615 -21.74 46.00 27.29
CA PRO A 615 -21.24 44.79 27.91
C PRO A 615 -20.03 45.04 28.78
N ASP A 616 -20.07 44.41 29.94
CA ASP A 616 -19.05 44.43 30.99
C ASP A 616 -19.39 43.30 31.94
N LEU A 617 -18.56 43.08 32.94
CA LEU A 617 -18.90 42.07 33.91
C LEU A 617 -19.83 42.68 34.94
N GLY A 618 -19.65 43.97 35.20
CA GLY A 618 -20.51 44.66 36.15
C GLY A 618 -21.91 44.65 35.58
N THR A 619 -21.98 44.84 34.26
CA THR A 619 -23.25 44.87 33.53
C THR A 619 -23.94 43.50 33.65
N CYS A 620 -23.22 42.37 33.46
CA CYS A 620 -23.77 41.02 33.53
C CYS A 620 -24.30 40.69 34.92
N SER A 621 -23.55 41.03 35.95
CA SER A 621 -24.01 40.66 37.26
C SER A 621 -25.22 41.46 37.68
N LEU A 622 -25.23 42.74 37.37
CA LEU A 622 -26.37 43.52 37.75
C LEU A 622 -27.52 43.18 36.85
N ARG A 623 -27.26 42.90 35.59
CA ARG A 623 -28.34 42.57 34.73
C ARG A 623 -29.03 41.33 35.22
N ARG A 624 -28.29 40.28 35.56
CA ARG A 624 -28.99 39.08 35.94
C ARG A 624 -29.77 39.25 37.24
N ILE A 625 -29.21 39.96 38.22
CA ILE A 625 -29.93 40.05 39.47
C ILE A 625 -31.19 40.87 39.25
N PHE A 626 -31.11 41.87 38.38
CA PHE A 626 -32.28 42.65 38.12
C PHE A 626 -33.17 42.14 37.02
N LEU A 627 -32.75 41.20 36.17
CA LEU A 627 -33.72 40.70 35.21
C LEU A 627 -34.78 40.02 36.04
N GLY A 628 -34.33 39.37 37.11
CA GLY A 628 -35.21 38.73 38.06
C GLY A 628 -35.98 39.80 38.86
N LEU A 629 -35.25 40.64 39.61
CA LEU A 629 -35.92 41.56 40.53
C LEU A 629 -36.82 42.58 39.86
N GLY A 630 -36.46 43.03 38.67
CA GLY A 630 -37.22 44.03 37.93
C GLY A 630 -38.60 43.49 37.55
N MET A 631 -38.80 42.19 37.64
CA MET A 631 -40.08 41.59 37.36
C MET A 631 -40.76 41.11 38.68
N SER A 632 -39.98 40.41 39.52
CA SER A 632 -40.50 39.80 40.73
C SER A 632 -40.83 40.70 41.87
N ILE A 633 -40.21 41.87 41.97
CA ILE A 633 -40.55 42.71 43.11
C ILE A 633 -41.99 43.14 42.98
N SER A 634 -42.38 43.53 41.77
CA SER A 634 -43.73 43.98 41.56
C SER A 634 -44.70 42.88 41.85
N TYR A 635 -44.39 41.65 41.46
CA TYR A 635 -45.40 40.66 41.76
C TYR A 635 -45.40 40.30 43.21
N ALA A 636 -44.24 40.26 43.85
CA ALA A 636 -44.25 39.88 45.26
C ALA A 636 -45.09 40.88 46.04
N ALA A 637 -44.95 42.16 45.71
CA ALA A 637 -45.69 43.18 46.39
C ALA A 637 -47.18 43.07 46.09
N LEU A 638 -47.54 42.76 44.84
CA LEU A 638 -48.94 42.60 44.50
C LEU A 638 -49.54 41.43 45.22
N LEU A 639 -48.79 40.36 45.37
CA LEU A 639 -49.32 39.20 46.05
C LEU A 639 -49.62 39.51 47.48
N THR A 640 -48.72 40.23 48.15
CA THR A 640 -48.95 40.50 49.54
C THR A 640 -50.19 41.32 49.71
N LYS A 641 -50.33 42.37 48.92
CA LYS A 641 -51.48 43.24 49.09
C LYS A 641 -52.77 42.57 48.66
N THR A 642 -52.73 41.85 47.54
CA THR A 642 -53.93 41.25 47.01
C THR A 642 -54.41 40.20 47.99
N ASN A 643 -53.46 39.44 48.56
CA ASN A 643 -53.81 38.42 49.50
C ASN A 643 -54.41 39.06 50.74
N ARG A 644 -53.88 40.21 51.20
CA ARG A 644 -54.50 40.82 52.37
C ARG A 644 -55.95 41.11 52.10
N ILE A 645 -56.26 41.61 50.90
CA ILE A 645 -57.63 41.93 50.56
C ILE A 645 -58.49 40.68 50.55
N TYR A 646 -57.99 39.63 49.93
CA TYR A 646 -58.76 38.41 49.85
C TYR A 646 -59.03 37.83 51.22
N ARG A 647 -57.99 37.78 52.07
CA ARG A 647 -58.14 37.20 53.39
C ARG A 647 -59.14 37.98 54.23
N ILE A 648 -59.13 39.31 54.13
CA ILE A 648 -60.07 40.11 54.90
C ILE A 648 -61.48 39.81 54.44
N PHE A 649 -61.64 39.76 53.12
CA PHE A 649 -62.92 39.49 52.52
C PHE A 649 -63.51 38.15 52.94
N GLU A 650 -62.72 37.08 52.88
CA GLU A 650 -63.22 35.78 53.29
C GLU A 650 -63.33 35.65 54.80
N GLN A 651 -62.43 36.28 55.56
CA GLN A 651 -62.45 36.16 57.00
C GLN A 651 -63.72 36.74 57.56
N GLY A 652 -64.18 37.84 56.96
CA GLY A 652 -65.38 38.53 57.40
C GLY A 652 -66.65 37.70 57.23
N LYS A 653 -66.58 36.58 56.50
CA LYS A 653 -67.74 35.74 56.33
C LYS A 653 -67.91 34.82 57.53
N ARG A 654 -66.82 34.60 58.28
CA ARG A 654 -66.85 33.69 59.43
C ARG A 654 -66.58 34.38 60.77
N SER A 655 -65.76 35.43 60.76
CA SER A 655 -65.36 36.07 62.00
C SER A 655 -65.01 37.53 61.85
N VAL A 656 -65.28 38.27 62.89
CA VAL A 656 -64.98 39.68 62.94
C VAL A 656 -63.49 39.94 63.18
N SER A 657 -62.77 38.96 63.72
CA SER A 657 -61.36 39.16 63.98
C SER A 657 -60.60 39.33 62.67
N ALA A 658 -59.67 40.27 62.65
CA ALA A 658 -58.85 40.46 61.47
C ALA A 658 -58.05 39.19 61.24
N PRO A 659 -57.71 38.84 59.99
CA PRO A 659 -56.90 37.68 59.71
C PRO A 659 -55.59 37.84 60.51
N ARG A 660 -55.13 36.75 61.11
CA ARG A 660 -53.93 36.85 61.91
C ARG A 660 -52.75 37.09 60.99
N PHE A 661 -51.81 37.91 61.47
CA PHE A 661 -50.59 38.26 60.76
C PHE A 661 -50.86 39.12 59.52
N ILE A 662 -52.01 39.80 59.47
CA ILE A 662 -52.32 40.70 58.35
C ILE A 662 -51.72 42.10 58.58
N SER A 663 -51.22 42.30 59.80
CA SER A 663 -50.52 43.51 60.22
C SER A 663 -49.32 43.73 59.32
N PRO A 664 -48.93 44.99 58.97
CA PRO A 664 -47.80 45.31 58.12
C PRO A 664 -46.53 44.75 58.70
N ALA A 665 -46.51 44.53 60.03
CA ALA A 665 -45.33 43.99 60.67
C ALA A 665 -44.94 42.65 60.06
N SER A 666 -45.93 41.84 59.63
CA SER A 666 -45.66 40.56 59.03
C SER A 666 -45.78 40.61 57.52
N GLN A 667 -46.65 41.49 57.01
CA GLN A 667 -46.93 41.51 55.58
C GLN A 667 -45.75 42.03 54.79
N LEU A 668 -45.01 42.97 55.36
CA LEU A 668 -43.88 43.48 54.61
C LEU A 668 -42.85 42.37 54.52
N ALA A 669 -42.68 41.60 55.60
CA ALA A 669 -41.74 40.50 55.58
C ALA A 669 -42.15 39.51 54.51
N ILE A 670 -43.44 39.27 54.32
CA ILE A 670 -43.82 38.31 53.29
C ILE A 670 -43.32 38.77 51.96
N THR A 671 -43.49 40.04 51.64
CA THR A 671 -43.02 40.53 50.36
C THR A 671 -41.52 40.31 50.25
N PHE A 672 -40.78 40.65 51.30
CA PHE A 672 -39.33 40.53 51.22
C PHE A 672 -38.86 39.08 51.18
N SER A 673 -39.60 38.19 51.80
CA SER A 673 -39.27 36.78 51.78
C SER A 673 -39.39 36.27 50.37
N LEU A 674 -40.48 36.63 49.68
CA LEU A 674 -40.67 36.16 48.32
C LEU A 674 -39.52 36.68 47.45
N ILE A 675 -39.07 37.91 47.73
CA ILE A 675 -37.97 38.49 47.01
C ILE A 675 -36.69 37.69 47.29
N SER A 676 -36.45 37.35 48.56
CA SER A 676 -35.27 36.57 48.91
C SER A 676 -35.32 35.18 48.30
N LEU A 677 -36.50 34.59 48.19
CA LEU A 677 -36.53 33.26 47.61
C LEU A 677 -36.01 33.33 46.20
N GLN A 678 -36.37 34.39 45.48
CA GLN A 678 -35.83 34.49 44.16
C GLN A 678 -34.34 34.79 44.21
N LEU A 679 -33.90 35.64 45.16
CA LEU A 679 -32.48 35.99 45.18
C LEU A 679 -31.66 34.75 45.35
N LEU A 680 -32.14 33.83 46.16
CA LEU A 680 -31.41 32.61 46.39
C LEU A 680 -31.37 31.78 45.13
N GLY A 681 -32.48 31.72 44.39
CA GLY A 681 -32.51 30.98 43.13
C GLY A 681 -31.55 31.61 42.11
N ILE A 682 -31.45 32.94 42.13
CA ILE A 682 -30.59 33.65 41.21
C ILE A 682 -29.15 33.32 41.57
N CYS A 683 -28.85 33.34 42.87
CA CYS A 683 -27.51 33.03 43.31
C CYS A 683 -27.13 31.67 42.79
N VAL A 684 -28.05 30.72 42.80
CA VAL A 684 -27.72 29.43 42.26
C VAL A 684 -27.39 29.56 40.80
N TRP A 685 -28.17 30.33 40.04
CA TRP A 685 -27.85 30.47 38.63
C TRP A 685 -26.45 31.05 38.43
N PHE A 686 -26.05 31.98 39.29
CA PHE A 686 -24.71 32.52 39.19
C PHE A 686 -23.67 31.46 39.51
N VAL A 687 -23.96 30.58 40.44
CA VAL A 687 -23.04 29.54 40.83
C VAL A 687 -22.86 28.49 39.75
N VAL A 688 -23.95 28.05 39.14
CA VAL A 688 -23.84 27.01 38.13
C VAL A 688 -23.24 27.55 36.84
N ASP A 689 -23.54 28.79 36.49
CA ASP A 689 -23.00 29.38 35.28
C ASP A 689 -22.84 30.90 35.46
N PRO A 690 -21.69 31.37 35.99
CA PRO A 690 -21.32 32.75 36.38
C PRO A 690 -21.30 33.77 35.24
N SER A 691 -21.40 35.04 35.61
CA SER A 691 -21.37 36.15 34.67
C SER A 691 -20.09 36.22 33.88
N HIS A 692 -20.24 36.40 32.57
CA HIS A 692 -19.12 36.58 31.68
C HIS A 692 -19.46 37.52 30.53
N SER A 693 -18.51 38.35 30.15
CA SER A 693 -18.62 39.20 28.97
C SER A 693 -17.84 38.42 27.93
N VAL A 694 -18.51 38.00 26.87
CA VAL A 694 -17.88 37.11 25.91
C VAL A 694 -18.04 37.57 24.49
N VAL A 695 -17.23 37.01 23.61
CA VAL A 695 -17.43 37.29 22.22
C VAL A 695 -17.80 36.04 21.46
N ASP A 696 -18.92 36.16 20.80
CA ASP A 696 -19.53 35.15 19.97
C ASP A 696 -18.95 35.25 18.59
N PHE A 697 -18.24 34.25 18.08
CA PHE A 697 -17.79 34.33 16.68
C PHE A 697 -18.76 33.58 15.78
N GLN A 698 -19.34 32.52 16.31
CA GLN A 698 -20.02 31.46 15.60
C GLN A 698 -21.32 31.93 14.99
N ASP A 699 -21.99 32.94 15.55
CA ASP A 699 -23.32 33.26 15.07
C ASP A 699 -23.38 33.76 13.64
N GLN A 700 -22.41 34.54 13.19
CA GLN A 700 -22.49 35.04 11.83
C GLN A 700 -21.30 34.65 11.00
N ARG A 701 -20.72 33.45 11.20
CA ARG A 701 -19.64 32.89 10.34
C ARG A 701 -20.24 32.57 8.97
N THR A 702 -20.42 33.61 8.17
CA THR A 702 -21.06 33.58 6.88
C THR A 702 -20.19 33.02 5.78
N LEU A 703 -20.79 32.88 4.60
CA LEU A 703 -20.10 32.32 3.46
C LEU A 703 -18.97 33.18 2.95
N ASP A 704 -19.11 34.49 3.07
CA ASP A 704 -18.09 35.42 2.66
C ASP A 704 -17.51 36.06 3.92
N PRO A 705 -16.34 35.56 4.41
CA PRO A 705 -15.67 35.94 5.65
C PRO A 705 -15.42 37.42 5.86
N ARG A 706 -15.39 38.23 4.80
CA ARG A 706 -15.27 39.69 4.98
C ARG A 706 -16.45 40.24 5.74
N PHE A 707 -17.57 39.55 5.68
CA PHE A 707 -18.80 39.97 6.28
C PHE A 707 -19.11 39.13 7.49
N ALA A 708 -18.12 38.36 7.94
CA ALA A 708 -18.31 37.58 9.12
C ALA A 708 -18.35 38.54 10.26
N ARG A 709 -19.24 38.32 11.19
CA ARG A 709 -19.31 39.20 12.33
C ARG A 709 -19.45 38.46 13.62
N GLY A 710 -18.71 38.91 14.62
CA GLY A 710 -18.87 38.29 15.92
C GLY A 710 -19.67 39.26 16.73
N VAL A 711 -20.02 38.87 17.94
CA VAL A 711 -20.79 39.73 18.81
C VAL A 711 -20.24 39.80 20.23
N LEU A 712 -20.13 41.00 20.77
CA LEU A 712 -19.75 41.16 22.15
C LEU A 712 -21.04 41.23 22.93
N LYS A 713 -21.26 40.23 23.74
CA LYS A 713 -22.51 40.09 24.45
C LYS A 713 -22.27 39.62 25.87
N CYS A 714 -23.27 39.81 26.77
CA CYS A 714 -23.25 39.21 28.09
C CYS A 714 -23.70 37.77 27.85
N ASP A 715 -22.95 36.83 28.37
CA ASP A 715 -23.25 35.44 28.10
C ASP A 715 -24.36 34.91 28.99
N ILE A 716 -25.57 35.32 28.72
CA ILE A 716 -26.63 34.82 29.56
C ILE A 716 -27.35 33.79 28.71
N SER A 717 -27.27 32.57 29.16
CA SER A 717 -27.85 31.43 28.48
C SER A 717 -29.33 31.61 28.47
N ASP A 718 -29.99 31.11 27.44
CA ASP A 718 -31.42 31.22 27.38
C ASP A 718 -32.05 30.41 28.49
N LEU A 719 -31.33 29.43 29.03
CA LEU A 719 -31.92 28.70 30.11
C LEU A 719 -32.17 29.62 31.28
N SER A 720 -31.18 30.43 31.64
CA SER A 720 -31.35 31.34 32.75
C SER A 720 -32.08 32.59 32.31
N LEU A 721 -32.04 32.95 31.02
CA LEU A 721 -32.80 34.13 30.67
C LEU A 721 -34.23 33.84 30.98
N ILE A 722 -34.66 32.62 30.71
CA ILE A 722 -36.01 32.28 31.02
C ILE A 722 -36.20 31.91 32.49
N CYS A 723 -35.32 31.11 33.08
CA CYS A 723 -35.57 30.72 34.47
C CYS A 723 -35.57 31.91 35.45
N LEU A 724 -34.81 32.96 35.12
CA LEU A 724 -34.73 34.17 35.93
C LEU A 724 -36.02 34.97 35.86
N LEU A 725 -36.82 34.70 34.84
CA LEU A 725 -38.09 35.34 34.60
C LEU A 725 -39.21 34.40 35.04
N GLY A 726 -38.95 33.09 34.97
CA GLY A 726 -39.88 32.03 35.30
C GLY A 726 -40.35 32.14 36.74
N TYR A 727 -39.43 32.24 37.68
CA TYR A 727 -39.88 32.38 39.07
C TYR A 727 -40.82 33.55 39.20
N SER A 728 -40.41 34.66 38.59
CA SER A 728 -41.15 35.89 38.68
C SER A 728 -42.53 35.67 38.06
N MET A 729 -42.57 34.95 36.94
CA MET A 729 -43.79 34.62 36.26
C MET A 729 -44.69 33.86 37.20
N LEU A 730 -44.14 32.95 37.96
CA LEU A 730 -44.98 32.19 38.84
C LEU A 730 -45.61 33.09 39.90
N LEU A 731 -44.91 34.14 40.31
CA LEU A 731 -45.50 35.06 41.27
C LEU A 731 -46.64 35.79 40.55
N MET A 732 -46.43 36.11 39.28
CA MET A 732 -47.42 36.77 38.42
C MET A 732 -48.64 35.89 38.27
N VAL A 733 -48.41 34.60 38.11
CA VAL A 733 -49.48 33.64 37.97
C VAL A 733 -50.25 33.60 39.25
N THR A 734 -49.54 33.59 40.37
CA THR A 734 -50.17 33.56 41.65
C THR A 734 -51.00 34.83 41.84
N CYS A 735 -50.47 35.98 41.40
CA CYS A 735 -51.18 37.25 41.50
C CYS A 735 -52.46 37.16 40.72
N THR A 736 -52.40 36.54 39.54
CA THR A 736 -53.56 36.38 38.69
C THR A 736 -54.57 35.53 39.43
N VAL A 737 -54.12 34.46 40.06
CA VAL A 737 -55.01 33.62 40.81
C VAL A 737 -55.64 34.39 41.94
N TYR A 738 -54.89 35.19 42.66
CA TYR A 738 -55.50 35.94 43.73
C TYR A 738 -56.54 36.88 43.15
N ALA A 739 -56.23 37.49 42.00
CA ALA A 739 -57.18 38.42 41.38
C ALA A 739 -58.52 37.72 41.09
N ILE A 740 -58.43 36.43 40.71
CA ILE A 740 -59.59 35.59 40.45
C ILE A 740 -60.31 35.29 41.75
N LYS A 741 -59.56 34.94 42.81
CA LYS A 741 -60.13 34.66 44.13
C LYS A 741 -60.90 35.87 44.65
N THR A 742 -60.40 37.05 44.31
CA THR A 742 -60.97 38.31 44.71
C THR A 742 -62.09 38.85 43.83
N ARG A 743 -62.60 38.08 42.86
CA ARG A 743 -63.68 38.61 42.02
C ARG A 743 -64.93 39.02 42.82
N GLY A 744 -65.18 38.38 43.97
CA GLY A 744 -66.36 38.70 44.78
C GLY A 744 -66.14 39.88 45.74
N VAL A 745 -64.94 40.45 45.74
CA VAL A 745 -64.59 41.53 46.63
C VAL A 745 -65.27 42.84 46.22
N PRO A 746 -65.98 43.51 47.14
CA PRO A 746 -66.69 44.77 46.94
C PRO A 746 -65.76 45.98 46.82
N GLU A 747 -66.35 47.05 46.32
CA GLU A 747 -65.75 48.36 46.10
C GLU A 747 -65.29 49.07 47.37
N THR A 748 -65.66 48.53 48.53
CA THR A 748 -65.30 49.10 49.82
C THR A 748 -63.80 48.85 50.07
N PHE A 749 -63.21 47.95 49.30
CA PHE A 749 -61.78 47.72 49.37
C PHE A 749 -61.22 48.66 48.31
N ASN A 750 -60.52 49.69 48.76
CA ASN A 750 -60.12 50.79 47.90
C ASN A 750 -59.33 50.41 46.65
N GLU A 751 -58.45 49.41 46.75
CA GLU A 751 -57.64 49.03 45.60
C GLU A 751 -58.04 47.70 44.98
N ALA A 752 -59.13 47.09 45.45
CA ALA A 752 -59.46 45.74 44.96
C ALA A 752 -59.75 45.68 43.48
N LYS A 753 -60.36 46.72 42.94
CA LYS A 753 -60.71 46.67 41.56
C LYS A 753 -59.50 46.95 40.66
N PRO A 754 -58.78 48.09 40.77
CA PRO A 754 -57.69 48.40 39.88
C PRO A 754 -56.59 47.35 39.93
N ILE A 755 -56.45 46.60 41.04
CA ILE A 755 -55.44 45.54 41.02
C ILE A 755 -55.84 44.48 40.02
N GLY A 756 -57.13 44.14 39.97
CA GLY A 756 -57.58 43.10 39.06
C GLY A 756 -57.28 43.55 37.65
N PHE A 757 -57.47 44.83 37.42
CA PHE A 757 -57.25 45.38 36.11
C PHE A 757 -55.78 45.39 35.75
N THR A 758 -54.91 45.66 36.73
CA THR A 758 -53.53 45.62 36.36
C THR A 758 -53.16 44.24 35.97
N MET A 759 -53.69 43.22 36.66
CA MET A 759 -53.34 41.88 36.25
C MET A 759 -53.95 41.45 34.94
N TYR A 760 -55.15 41.94 34.64
CA TYR A 760 -55.80 41.55 33.41
C TYR A 760 -54.90 41.91 32.25
N THR A 761 -54.28 43.09 32.32
CA THR A 761 -53.38 43.50 31.25
C THR A 761 -51.96 42.98 31.44
N THR A 762 -51.42 43.08 32.65
CA THR A 762 -50.04 42.75 32.96
C THR A 762 -49.68 41.34 32.57
N CYS A 763 -50.56 40.39 32.84
CA CYS A 763 -50.23 39.02 32.53
C CYS A 763 -50.08 38.80 31.02
N ILE A 764 -50.67 39.64 30.20
CA ILE A 764 -50.60 39.46 28.77
C ILE A 764 -49.34 40.12 28.31
N VAL A 765 -49.05 41.28 28.88
CA VAL A 765 -47.86 41.98 28.50
C VAL A 765 -46.70 41.06 28.74
N TRP A 766 -46.71 40.40 29.88
CA TRP A 766 -45.65 39.50 30.12
C TRP A 766 -45.68 38.27 29.26
N LEU A 767 -46.79 37.56 29.20
CA LEU A 767 -46.76 36.29 28.52
C LEU A 767 -46.44 36.41 27.05
N ALA A 768 -46.76 37.54 26.45
CA ALA A 768 -46.45 37.82 25.05
C ALA A 768 -44.94 37.70 24.81
N PHE A 769 -44.14 37.90 25.86
CA PHE A 769 -42.71 37.84 25.82
C PHE A 769 -42.21 36.51 25.31
N ILE A 770 -42.76 35.42 25.79
CA ILE A 770 -42.19 34.16 25.44
C ILE A 770 -42.29 33.87 23.94
N PRO A 771 -43.46 33.89 23.29
CA PRO A 771 -43.56 33.65 21.87
C PRO A 771 -42.63 34.53 21.05
N ILE A 772 -42.42 35.79 21.47
CA ILE A 772 -41.56 36.65 20.70
C ILE A 772 -40.12 36.28 20.92
N PHE A 773 -39.75 36.06 22.18
CA PHE A 773 -38.40 35.73 22.50
C PHE A 773 -37.96 34.52 21.72
N PHE A 774 -38.77 33.49 21.74
CA PHE A 774 -38.35 32.31 21.01
C PHE A 774 -38.47 32.48 19.51
N GLY A 775 -39.54 33.10 19.02
CA GLY A 775 -39.74 33.24 17.59
C GLY A 775 -38.62 34.02 16.92
N THR A 776 -38.04 34.96 17.64
CA THR A 776 -36.98 35.80 17.12
C THR A 776 -35.58 35.26 17.41
N SER A 777 -35.50 34.08 18.03
CA SER A 777 -34.23 33.47 18.43
C SER A 777 -33.36 33.02 17.27
N GLN A 778 -33.93 32.94 16.08
CA GLN A 778 -33.18 32.51 14.91
C GLN A 778 -32.72 33.68 14.05
N SER A 779 -33.06 34.91 14.42
CA SER A 779 -32.70 36.07 13.60
C SER A 779 -31.28 36.57 13.79
N ALA A 780 -30.65 37.02 12.70
CA ALA A 780 -29.31 37.63 12.78
C ALA A 780 -29.33 38.89 13.65
N ASP A 781 -30.50 39.50 13.74
CA ASP A 781 -30.75 40.70 14.50
C ASP A 781 -31.25 40.45 15.90
N LYS A 782 -31.28 39.18 16.33
CA LYS A 782 -31.82 38.82 17.61
C LYS A 782 -31.16 39.54 18.75
N LEU A 783 -29.91 39.95 18.60
CA LEU A 783 -29.23 40.67 19.66
C LEU A 783 -30.05 41.85 20.11
N TYR A 784 -30.67 42.58 19.18
CA TYR A 784 -31.43 43.73 19.63
C TYR A 784 -32.89 43.36 19.68
N ILE A 785 -33.32 42.37 18.89
CA ILE A 785 -34.74 42.10 18.88
C ILE A 785 -35.16 41.46 20.19
N GLN A 786 -34.42 40.46 20.64
CA GLN A 786 -34.78 39.81 21.88
C GLN A 786 -34.57 40.75 23.06
N THR A 787 -33.54 41.58 23.00
CA THR A 787 -33.27 42.45 24.11
C THR A 787 -34.40 43.44 24.26
N THR A 788 -34.86 44.03 23.13
CA THR A 788 -35.91 45.01 23.26
C THR A 788 -37.24 44.34 23.54
N THR A 789 -37.41 43.09 23.14
CA THR A 789 -38.64 42.39 23.46
C THR A 789 -38.77 42.34 24.98
N LEU A 790 -37.66 42.00 25.64
CA LEU A 790 -37.63 41.90 27.08
C LEU A 790 -37.78 43.27 27.74
N THR A 791 -37.11 44.29 27.19
CA THR A 791 -37.24 45.59 27.82
C THR A 791 -38.64 46.10 27.73
N VAL A 792 -39.29 45.83 26.60
CA VAL A 792 -40.61 46.34 26.42
C VAL A 792 -41.60 45.71 27.37
N SER A 793 -41.61 44.38 27.52
CA SER A 793 -42.61 43.86 28.45
C SER A 793 -42.34 44.27 29.90
N VAL A 794 -41.07 44.36 30.32
CA VAL A 794 -40.86 44.76 31.71
C VAL A 794 -41.30 46.20 31.94
N SER A 795 -40.96 47.11 31.03
CA SER A 795 -41.37 48.48 31.18
C SER A 795 -42.88 48.61 31.10
N LEU A 796 -43.51 47.85 30.20
CA LEU A 796 -44.94 47.95 30.09
C LEU A 796 -45.63 47.46 31.33
N SER A 797 -45.16 46.39 31.95
CA SER A 797 -45.83 45.92 33.14
C SER A 797 -45.76 46.99 34.23
N ALA A 798 -44.62 47.66 34.32
CA ALA A 798 -44.44 48.72 35.29
C ALA A 798 -45.44 49.86 35.03
N SER A 799 -45.63 50.14 33.73
CA SER A 799 -46.57 51.15 33.26
C SER A 799 -47.99 50.77 33.60
N VAL A 800 -48.32 49.49 33.46
CA VAL A 800 -49.67 49.03 33.75
C VAL A 800 -49.97 49.29 35.22
N SER A 801 -49.02 48.96 36.10
CA SER A 801 -49.23 49.16 37.51
C SER A 801 -49.44 50.63 37.80
N LEU A 802 -48.61 51.50 37.21
CA LEU A 802 -48.84 52.90 37.49
C LEU A 802 -50.16 53.40 36.95
N GLY A 803 -50.54 52.96 35.74
CA GLY A 803 -51.76 53.48 35.14
C GLY A 803 -53.02 53.22 35.95
N MET A 804 -53.12 52.05 36.59
CA MET A 804 -54.31 51.79 37.39
C MET A 804 -54.19 52.08 38.88
N LEU A 805 -53.00 51.90 39.46
CA LEU A 805 -52.84 52.06 40.90
C LEU A 805 -52.29 53.39 41.36
N TYR A 806 -51.60 54.12 40.50
CA TYR A 806 -50.96 55.33 40.97
C TYR A 806 -51.31 56.60 40.22
N MET A 807 -51.18 56.60 38.91
CA MET A 807 -51.40 57.84 38.16
C MET A 807 -52.70 58.60 38.51
N PRO A 808 -53.90 57.98 38.49
CA PRO A 808 -55.15 58.65 38.81
C PRO A 808 -55.26 59.00 40.29
N LYS A 809 -54.44 58.37 41.12
CA LYS A 809 -54.55 58.60 42.53
C LYS A 809 -53.72 59.80 42.82
N VAL A 810 -52.59 59.90 42.12
CA VAL A 810 -51.69 61.01 42.24
C VAL A 810 -52.37 62.24 41.76
N TYR A 811 -53.09 62.14 40.65
CA TYR A 811 -53.78 63.33 40.21
C TYR A 811 -54.63 63.87 41.35
N ILE A 812 -55.43 63.03 41.99
CA ILE A 812 -56.22 63.55 43.09
C ILE A 812 -55.36 63.97 44.29
N ILE A 813 -54.35 63.18 44.67
CA ILE A 813 -53.58 63.51 45.86
C ILE A 813 -52.93 64.87 45.72
N LEU A 814 -52.32 65.12 44.57
CA LEU A 814 -51.61 66.35 44.30
C LEU A 814 -52.49 67.55 43.92
N PHE A 815 -53.56 67.34 43.13
CA PHE A 815 -54.35 68.47 42.66
C PHE A 815 -55.68 68.71 43.37
N HIS A 816 -56.14 67.79 44.21
CA HIS A 816 -57.42 67.96 44.89
C HIS A 816 -57.41 67.71 46.40
N PRO A 817 -56.81 68.61 47.22
CA PRO A 817 -56.65 68.47 48.66
C PRO A 817 -57.97 68.19 49.39
N GLU A 818 -59.11 68.65 48.83
CA GLU A 818 -60.39 68.43 49.48
C GLU A 818 -60.81 66.97 49.42
N GLN A 819 -60.15 66.21 48.57
CA GLN A 819 -60.42 64.81 48.36
C GLN A 819 -59.37 63.95 49.04
N ASN A 820 -58.48 64.56 49.84
CA ASN A 820 -57.47 63.72 50.45
C ASN A 820 -57.99 63.09 51.73
N VAL A 821 -58.67 61.99 51.46
CA VAL A 821 -59.39 61.19 52.42
C VAL A 821 -58.85 59.79 52.19
N PRO A 822 -59.02 58.83 53.10
CA PRO A 822 -58.49 57.47 52.97
C PRO A 822 -59.23 56.55 51.97
N LYS A 823 -59.21 56.96 50.68
CA LYS A 823 -59.82 56.36 49.48
C LYS A 823 -59.61 57.32 48.32
N LYS B 5 35.05 -36.24 -39.01
CA LYS B 5 35.35 -36.23 -40.44
C LYS B 5 34.13 -36.63 -41.28
N LYS B 6 33.39 -37.67 -40.84
CA LYS B 6 32.20 -38.21 -41.52
C LYS B 6 30.99 -37.76 -40.75
N VAL B 7 29.89 -37.50 -41.46
CA VAL B 7 28.71 -37.05 -40.77
C VAL B 7 27.47 -37.89 -41.03
N LEU B 8 27.67 -39.12 -41.49
CA LEU B 8 26.51 -39.95 -41.83
C LEU B 8 25.63 -39.18 -42.77
N THR B 9 26.21 -38.55 -43.78
CA THR B 9 25.39 -37.73 -44.60
C THR B 9 24.25 -38.52 -45.16
N LEU B 10 23.05 -38.00 -45.00
CA LEU B 10 21.88 -38.65 -45.55
C LEU B 10 21.27 -37.67 -46.53
N GLU B 11 20.74 -38.18 -47.62
CA GLU B 11 20.06 -37.37 -48.61
C GLU B 11 18.65 -37.03 -48.17
N GLY B 12 18.12 -35.92 -48.66
CA GLY B 12 16.74 -35.56 -48.36
C GLY B 12 16.37 -34.21 -48.92
N ASP B 13 15.10 -33.83 -48.69
CA ASP B 13 14.51 -32.58 -49.15
C ASP B 13 14.79 -31.51 -48.10
N LEU B 14 14.87 -31.97 -46.86
CA LEU B 14 15.16 -31.11 -45.73
C LEU B 14 16.22 -31.85 -44.99
N VAL B 15 17.25 -31.16 -44.55
CA VAL B 15 18.33 -31.83 -43.87
C VAL B 15 18.43 -31.46 -42.42
N LEU B 16 18.42 -32.46 -41.57
CA LEU B 16 18.56 -32.19 -40.16
C LEU B 16 19.93 -32.52 -39.68
N GLY B 17 20.58 -31.54 -39.12
CA GLY B 17 21.88 -31.80 -38.61
C GLY B 17 21.71 -32.35 -37.22
N GLY B 18 22.81 -32.65 -36.58
CA GLY B 18 22.74 -33.18 -35.23
C GLY B 18 24.11 -33.39 -34.67
N LEU B 19 24.18 -33.77 -33.40
CA LEU B 19 25.49 -33.94 -32.77
C LEU B 19 25.52 -34.96 -31.63
N PHE B 20 26.34 -36.00 -31.82
CA PHE B 20 26.46 -37.09 -30.88
C PHE B 20 27.90 -37.31 -30.45
N PRO B 21 28.15 -37.78 -29.24
CA PRO B 21 29.46 -38.12 -28.71
C PRO B 21 29.93 -39.45 -29.23
N VAL B 22 30.18 -39.52 -30.53
CA VAL B 22 30.64 -40.80 -31.06
C VAL B 22 31.90 -41.18 -30.36
N HIS B 23 32.81 -40.22 -30.23
CA HIS B 23 34.03 -40.52 -29.52
C HIS B 23 34.07 -39.89 -28.15
N GLN B 24 34.88 -40.53 -27.34
CA GLN B 24 35.23 -40.11 -26.01
C GLN B 24 36.23 -39.00 -26.16
N LYS B 25 36.64 -38.38 -25.08
CA LYS B 25 37.67 -37.36 -25.23
C LYS B 25 39.02 -38.04 -25.43
N GLY B 26 39.87 -37.45 -26.27
CA GLY B 26 41.25 -37.92 -26.44
C GLY B 26 42.17 -37.11 -25.53
N GLY B 27 41.53 -36.25 -24.73
CA GLY B 27 42.17 -35.36 -23.80
C GLY B 27 43.16 -34.48 -24.57
N PRO B 28 44.41 -34.33 -24.08
CA PRO B 28 45.49 -33.60 -24.68
C PRO B 28 46.32 -34.44 -25.64
N ALA B 29 46.00 -35.73 -25.81
CA ALA B 29 46.87 -36.60 -26.61
C ALA B 29 46.42 -36.59 -28.05
N GLU B 30 45.11 -36.72 -28.22
CA GLU B 30 44.42 -36.76 -29.49
C GLU B 30 43.18 -35.97 -29.27
N ASP B 31 42.56 -35.44 -30.28
CA ASP B 31 41.32 -34.79 -29.89
C ASP B 31 40.27 -35.80 -29.39
N CYS B 32 40.16 -36.97 -30.05
CA CYS B 32 39.14 -37.98 -29.82
C CYS B 32 39.74 -39.24 -29.21
N GLY B 33 38.99 -39.79 -28.28
CA GLY B 33 39.30 -41.02 -27.60
C GLY B 33 38.59 -42.10 -28.36
N PRO B 34 38.44 -43.29 -27.77
CA PRO B 34 37.78 -44.47 -28.34
C PRO B 34 36.32 -44.14 -28.47
N VAL B 35 35.62 -44.93 -29.25
CA VAL B 35 34.18 -44.71 -29.39
C VAL B 35 33.42 -45.02 -28.11
N ASN B 36 32.30 -44.33 -27.94
CA ASN B 36 31.37 -44.57 -26.86
C ASN B 36 30.29 -45.54 -27.31
N GLU B 37 30.35 -46.78 -26.87
CA GLU B 37 29.37 -47.71 -27.40
C GLU B 37 27.97 -47.35 -26.99
N HIS B 38 27.79 -47.01 -25.73
CA HIS B 38 26.44 -46.75 -25.26
C HIS B 38 26.03 -45.30 -25.39
N ARG B 39 26.99 -44.39 -25.32
CA ARG B 39 26.65 -42.99 -25.34
C ARG B 39 26.64 -42.39 -26.73
N GLY B 40 27.43 -42.98 -27.63
CA GLY B 40 27.64 -42.50 -28.96
C GLY B 40 26.89 -43.33 -29.98
N ILE B 41 27.47 -44.49 -30.28
CA ILE B 41 26.98 -45.34 -31.36
C ILE B 41 25.61 -45.92 -31.16
N GLN B 42 25.28 -46.46 -30.00
CA GLN B 42 23.94 -47.00 -29.88
C GLN B 42 22.91 -45.88 -30.02
N ARG B 43 23.23 -44.69 -29.54
CA ARG B 43 22.27 -43.62 -29.64
C ARG B 43 22.18 -43.18 -31.09
N LEU B 44 23.30 -43.11 -31.81
CA LEU B 44 23.17 -42.76 -33.20
C LEU B 44 22.46 -43.79 -34.00
N GLU B 45 22.69 -45.04 -33.70
CA GLU B 45 22.05 -46.01 -34.53
C GLU B 45 20.56 -45.92 -34.28
N ALA B 46 20.16 -45.71 -33.03
CA ALA B 46 18.74 -45.59 -32.74
C ALA B 46 18.17 -44.40 -33.48
N MET B 47 18.94 -43.32 -33.53
CA MET B 47 18.55 -42.16 -34.26
C MET B 47 18.29 -42.54 -35.69
N LEU B 48 19.25 -43.22 -36.30
CA LEU B 48 19.10 -43.60 -37.68
C LEU B 48 17.95 -44.53 -37.88
N PHE B 49 17.73 -45.46 -36.96
CA PHE B 49 16.64 -46.39 -37.14
C PHE B 49 15.37 -45.58 -37.19
N ALA B 50 15.23 -44.63 -36.28
CA ALA B 50 14.08 -43.79 -36.26
C ALA B 50 14.00 -42.90 -37.49
N LEU B 51 15.12 -42.36 -37.97
CA LEU B 51 15.06 -41.50 -39.14
C LEU B 51 14.62 -42.27 -40.36
N ASP B 52 15.05 -43.52 -40.49
CA ASP B 52 14.64 -44.31 -41.63
C ASP B 52 13.16 -44.63 -41.51
N ARG B 53 12.70 -44.88 -40.28
CA ARG B 53 11.30 -45.16 -40.05
C ARG B 53 10.47 -43.92 -40.38
N ILE B 54 11.00 -42.73 -40.08
CA ILE B 54 10.31 -41.50 -40.37
C ILE B 54 10.22 -41.31 -41.87
N ASN B 55 11.31 -41.54 -42.59
CA ASN B 55 11.26 -41.37 -44.04
C ASN B 55 10.31 -42.37 -44.69
N ARG B 56 10.14 -43.52 -44.07
CA ARG B 56 9.25 -44.57 -44.54
C ARG B 56 7.84 -44.48 -43.92
N ASP B 57 7.59 -43.47 -43.08
CA ASP B 57 6.33 -43.27 -42.39
C ASP B 57 5.28 -42.68 -43.33
N PRO B 58 4.13 -43.34 -43.57
CA PRO B 58 3.08 -42.89 -44.48
C PRO B 58 2.32 -41.64 -44.04
N HIS B 59 2.44 -41.24 -42.77
CA HIS B 59 1.68 -40.10 -42.29
C HIS B 59 2.53 -38.92 -41.87
N LEU B 60 3.75 -39.18 -41.42
CA LEU B 60 4.65 -38.14 -40.95
C LEU B 60 5.64 -37.73 -42.00
N LEU B 61 5.53 -36.48 -42.44
CA LEU B 61 6.37 -35.96 -43.49
C LEU B 61 6.44 -36.82 -44.75
N PRO B 62 5.32 -37.23 -45.35
CA PRO B 62 5.33 -38.06 -46.55
C PRO B 62 5.96 -37.33 -47.74
N GLY B 63 5.98 -35.98 -47.68
CA GLY B 63 6.54 -35.15 -48.73
C GLY B 63 7.95 -34.64 -48.44
N VAL B 64 8.54 -35.05 -47.32
CA VAL B 64 9.87 -34.54 -46.98
C VAL B 64 10.80 -35.65 -46.61
N ARG B 65 11.75 -35.95 -47.46
CA ARG B 65 12.70 -36.95 -47.05
C ARG B 65 13.70 -36.21 -46.16
N LEU B 66 13.99 -36.75 -45.00
CA LEU B 66 14.93 -36.09 -44.12
C LEU B 66 16.34 -36.60 -44.28
N GLY B 67 17.20 -35.66 -44.63
CA GLY B 67 18.60 -35.92 -44.84
C GLY B 67 19.26 -35.58 -43.54
N ALA B 68 20.59 -35.62 -43.50
CA ALA B 68 21.21 -35.32 -42.24
C ALA B 68 22.68 -34.97 -42.32
N HIS B 69 23.13 -34.23 -41.32
CA HIS B 69 24.55 -33.95 -41.08
C HIS B 69 24.80 -34.14 -39.60
N ILE B 70 25.19 -35.35 -39.23
CA ILE B 70 25.32 -35.64 -37.83
C ILE B 70 26.77 -35.63 -37.49
N LEU B 71 27.09 -34.77 -36.60
CA LEU B 71 28.41 -34.45 -36.22
C LEU B 71 28.91 -35.24 -35.05
N ASP B 72 30.23 -35.36 -34.98
CA ASP B 72 30.91 -36.06 -33.89
C ASP B 72 31.36 -35.09 -32.84
N SER B 73 30.71 -35.04 -31.71
CA SER B 73 31.12 -34.02 -30.75
C SER B 73 32.53 -34.24 -30.20
N CYS B 74 33.11 -35.49 -30.30
CA CYS B 74 34.43 -35.89 -29.83
C CYS B 74 34.49 -35.68 -28.29
N SER B 75 33.31 -35.45 -27.72
CA SER B 75 33.06 -35.13 -26.33
C SER B 75 33.79 -33.86 -25.91
N LYS B 76 34.01 -32.94 -26.87
CA LYS B 76 34.69 -31.68 -26.59
C LYS B 76 33.90 -30.49 -27.13
N ASP B 77 34.08 -29.34 -26.49
CA ASP B 77 33.42 -28.13 -26.89
C ASP B 77 34.00 -27.56 -28.16
N THR B 78 35.29 -27.77 -28.34
CA THR B 78 35.98 -27.29 -29.51
C THR B 78 35.39 -27.92 -30.74
N HIS B 79 35.19 -29.24 -30.71
CA HIS B 79 34.62 -29.92 -31.84
C HIS B 79 33.18 -29.61 -32.00
N ALA B 80 32.47 -29.45 -30.90
CA ALA B 80 31.08 -29.16 -31.05
C ALA B 80 30.90 -27.91 -31.88
N LEU B 81 31.74 -26.89 -31.72
CA LEU B 81 31.48 -25.73 -32.54
C LEU B 81 32.18 -25.77 -33.87
N GLU B 82 33.36 -26.43 -33.95
CA GLU B 82 34.00 -26.46 -35.24
C GLU B 82 33.07 -27.16 -36.20
N GLN B 83 32.40 -28.18 -35.70
CA GLN B 83 31.51 -28.93 -36.53
C GLN B 83 30.09 -28.34 -36.55
N ALA B 84 29.57 -27.77 -35.46
CA ALA B 84 28.20 -27.26 -35.50
C ALA B 84 28.07 -26.18 -36.52
N LEU B 85 29.14 -25.42 -36.68
CA LEU B 85 29.18 -24.32 -37.61
C LEU B 85 29.02 -24.81 -39.04
N ASP B 86 29.32 -26.08 -39.30
CA ASP B 86 29.24 -26.66 -40.63
C ASP B 86 27.80 -26.72 -41.07
N PHE B 87 26.85 -26.70 -40.12
CA PHE B 87 25.47 -26.79 -40.52
C PHE B 87 24.98 -25.42 -40.88
N VAL B 88 25.75 -24.41 -40.55
CA VAL B 88 25.38 -23.07 -40.87
C VAL B 88 25.88 -22.88 -42.27
N ARG B 89 27.13 -23.28 -42.48
CA ARG B 89 27.78 -23.20 -43.79
C ARG B 89 26.96 -23.95 -44.82
N ALA B 90 26.44 -25.11 -44.42
CA ALA B 90 25.61 -25.99 -45.25
C ALA B 90 24.28 -25.36 -45.74
N SER B 91 23.75 -24.31 -45.05
CA SER B 91 22.50 -23.63 -45.34
C SER B 91 22.52 -22.26 -44.67
N VAL B 121 18.17 -28.87 -35.70
CA VAL B 121 19.32 -29.68 -35.29
C VAL B 121 18.96 -30.53 -34.06
N ILE B 122 19.33 -31.83 -34.10
CA ILE B 122 19.11 -32.77 -32.98
C ILE B 122 20.44 -33.12 -32.37
N GLY B 123 20.67 -32.70 -31.17
CA GLY B 123 21.97 -32.94 -30.62
C GLY B 123 22.17 -32.35 -29.26
N GLY B 124 23.22 -32.82 -28.62
CA GLY B 124 23.50 -32.39 -27.30
C GLY B 124 23.42 -33.70 -26.57
N SER B 125 24.48 -34.13 -25.92
CA SER B 125 24.40 -35.35 -25.14
C SER B 125 24.93 -34.84 -23.86
N TYR B 126 26.23 -34.68 -23.76
CA TYR B 126 26.78 -34.04 -22.59
C TYR B 126 26.29 -32.59 -22.69
N SER B 127 26.34 -31.79 -21.63
CA SER B 127 25.80 -30.45 -21.64
C SER B 127 26.70 -29.32 -22.10
N ASP B 128 28.02 -29.42 -21.96
CA ASP B 128 28.82 -28.28 -22.37
C ASP B 128 28.59 -28.05 -23.84
N VAL B 129 28.45 -29.17 -24.52
CA VAL B 129 28.19 -29.22 -25.93
C VAL B 129 26.80 -28.73 -26.25
N SER B 130 25.77 -29.19 -25.55
CA SER B 130 24.46 -28.72 -25.97
C SER B 130 24.30 -27.21 -25.81
N ILE B 131 24.97 -26.64 -24.80
CA ILE B 131 24.88 -25.22 -24.58
C ILE B 131 25.60 -24.41 -25.65
N GLN B 132 26.82 -24.79 -25.97
CA GLN B 132 27.51 -23.95 -26.91
C GLN B 132 26.94 -24.10 -28.30
N VAL B 133 26.41 -25.25 -28.62
CA VAL B 133 25.84 -25.38 -29.93
C VAL B 133 24.65 -24.46 -30.03
N ALA B 134 23.83 -24.41 -28.99
CA ALA B 134 22.68 -23.52 -29.03
C ALA B 134 23.13 -22.08 -29.24
N ASN B 135 24.27 -21.68 -28.64
CA ASN B 135 24.73 -20.32 -28.84
C ASN B 135 24.99 -19.98 -30.29
N LEU B 136 25.48 -20.92 -31.09
CA LEU B 136 25.62 -20.59 -32.50
C LEU B 136 24.38 -20.77 -33.31
N LEU B 137 23.64 -21.82 -33.07
CA LEU B 137 22.55 -22.07 -33.97
C LEU B 137 21.48 -21.02 -33.93
N ARG B 138 21.26 -20.45 -32.77
CA ARG B 138 20.23 -19.44 -32.68
C ARG B 138 20.56 -18.19 -33.46
N LEU B 139 21.82 -17.98 -33.80
CA LEU B 139 22.22 -16.75 -34.46
C LEU B 139 21.80 -16.79 -35.90
N PHE B 140 21.48 -17.99 -36.38
CA PHE B 140 21.11 -18.16 -37.75
C PHE B 140 19.68 -18.58 -37.82
N GLN B 141 18.98 -18.39 -36.72
CA GLN B 141 17.58 -18.78 -36.56
C GLN B 141 17.37 -20.27 -36.75
N ILE B 142 18.30 -21.07 -36.24
CA ILE B 142 18.18 -22.51 -36.33
C ILE B 142 17.83 -23.09 -34.95
N PRO B 143 16.69 -23.79 -34.79
CA PRO B 143 16.26 -24.39 -33.55
C PRO B 143 17.07 -25.62 -33.24
N GLN B 144 17.19 -25.94 -31.96
CA GLN B 144 17.88 -27.15 -31.52
C GLN B 144 17.10 -27.94 -30.49
N ILE B 145 17.03 -29.24 -30.66
CA ILE B 145 16.42 -30.06 -29.65
C ILE B 145 17.48 -30.95 -29.04
N SER B 146 17.57 -31.02 -27.72
CA SER B 146 18.56 -31.93 -27.14
C SER B 146 17.92 -33.27 -27.19
N TYR B 147 18.71 -34.33 -27.13
CA TYR B 147 18.08 -35.64 -27.09
C TYR B 147 18.45 -36.28 -25.80
N ALA B 148 19.55 -35.82 -25.22
CA ALA B 148 20.01 -36.40 -24.00
C ALA B 148 20.39 -35.36 -22.98
N SER B 149 20.83 -34.17 -23.42
CA SER B 149 21.23 -33.14 -22.47
C SER B 149 20.04 -32.60 -21.70
N THR B 150 20.12 -32.58 -20.38
CA THR B 150 18.98 -32.13 -19.58
C THR B 150 19.11 -30.69 -19.14
N SER B 151 20.35 -30.23 -18.91
CA SER B 151 20.66 -29.16 -17.96
C SER B 151 19.68 -28.01 -17.89
N ALA B 152 19.33 -27.66 -16.65
CA ALA B 152 18.46 -26.55 -16.33
C ALA B 152 18.99 -25.22 -16.85
N LYS B 153 20.27 -25.08 -17.20
CA LYS B 153 20.70 -23.77 -17.67
C LYS B 153 20.01 -23.50 -18.99
N LEU B 154 19.72 -24.57 -19.72
CA LEU B 154 19.10 -24.44 -21.00
C LEU B 154 17.61 -24.37 -20.76
N SER B 155 17.21 -23.42 -19.94
CA SER B 155 15.87 -22.93 -19.73
C SER B 155 15.85 -21.43 -20.05
N ASP B 156 17.04 -20.81 -20.12
CA ASP B 156 17.14 -19.38 -20.23
C ASP B 156 17.01 -18.91 -21.66
N LYS B 157 15.79 -18.59 -22.04
CA LYS B 157 15.53 -18.20 -23.41
C LYS B 157 16.07 -16.84 -23.79
N SER B 158 16.64 -16.10 -22.83
CA SER B 158 17.20 -14.80 -23.19
C SER B 158 18.56 -15.03 -23.83
N ARG B 159 19.10 -16.23 -23.66
CA ARG B 159 20.39 -16.58 -24.18
C ARG B 159 20.26 -17.72 -25.18
N TYR B 160 19.28 -18.58 -24.94
CA TYR B 160 19.08 -19.75 -25.75
C TYR B 160 17.64 -19.79 -26.15
N ASP B 161 17.23 -19.06 -27.13
CA ASP B 161 15.80 -18.99 -27.33
C ASP B 161 15.20 -20.18 -28.01
N TYR B 162 15.73 -20.55 -29.14
CA TYR B 162 15.08 -21.60 -29.89
C TYR B 162 15.49 -23.00 -29.53
N PHE B 163 15.06 -23.49 -28.39
CA PHE B 163 15.45 -24.86 -28.07
C PHE B 163 14.39 -25.66 -27.33
N ALA B 164 14.59 -26.96 -27.40
CA ALA B 164 13.78 -27.88 -26.62
C ALA B 164 14.65 -28.95 -26.01
N ARG B 165 14.30 -29.40 -24.81
CA ARG B 165 15.01 -30.46 -24.08
C ARG B 165 14.14 -31.70 -24.10
N THR B 166 14.57 -32.77 -24.76
CA THR B 166 13.74 -33.99 -24.77
C THR B 166 13.59 -34.58 -23.36
N VAL B 167 14.51 -34.25 -22.45
CA VAL B 167 14.52 -34.75 -21.08
C VAL B 167 14.52 -33.58 -20.10
N PRO B 168 13.61 -33.55 -19.12
CA PRO B 168 13.54 -32.46 -18.16
C PRO B 168 14.69 -32.56 -17.14
N PRO B 169 15.39 -31.47 -16.84
CA PRO B 169 16.49 -31.49 -15.89
C PRO B 169 16.03 -31.87 -14.49
N ASP B 170 16.97 -32.38 -13.71
CA ASP B 170 16.68 -32.98 -12.41
C ASP B 170 16.00 -32.01 -11.43
N PHE B 171 16.04 -30.70 -11.68
CA PHE B 171 15.19 -29.73 -11.01
C PHE B 171 13.74 -30.24 -10.86
N PHE B 172 13.17 -30.90 -11.88
CA PHE B 172 11.75 -31.23 -11.86
C PHE B 172 11.43 -32.16 -10.68
N GLN B 173 12.42 -32.95 -10.25
CA GLN B 173 12.21 -33.97 -9.25
C GLN B 173 11.74 -33.36 -7.95
N ALA B 174 12.10 -32.10 -7.69
CA ALA B 174 11.55 -31.29 -6.62
C ALA B 174 10.05 -31.47 -6.44
N LYS B 175 9.31 -31.49 -7.54
CA LYS B 175 7.86 -31.54 -7.57
C LYS B 175 7.40 -32.86 -6.95
N ALA B 176 7.92 -33.95 -7.50
CA ALA B 176 7.67 -35.26 -6.95
C ALA B 176 8.13 -35.36 -5.51
N MET B 177 9.32 -34.85 -5.20
CA MET B 177 9.89 -34.95 -3.87
C MET B 177 8.98 -34.29 -2.86
N ALA B 178 8.61 -33.06 -3.12
CA ALA B 178 7.69 -32.34 -2.27
C ALA B 178 6.37 -33.10 -2.16
N GLU B 179 5.88 -33.67 -3.26
CA GLU B 179 4.65 -34.46 -3.20
C GLU B 179 4.77 -35.73 -2.40
N ILE B 180 5.93 -36.38 -2.40
CA ILE B 180 6.15 -37.56 -1.57
C ILE B 180 6.06 -37.18 -0.09
N LEU B 181 6.67 -36.07 0.25
CA LEU B 181 6.57 -35.58 1.60
C LEU B 181 5.11 -35.29 1.93
N ARG B 182 4.36 -34.71 0.97
CA ARG B 182 2.96 -34.46 1.30
C ARG B 182 2.18 -35.76 1.48
N PHE B 183 2.46 -36.76 0.66
CA PHE B 183 1.82 -38.08 0.74
C PHE B 183 1.90 -38.66 2.13
N PHE B 184 3.11 -38.57 2.66
CA PHE B 184 3.49 -39.00 3.98
C PHE B 184 3.01 -38.11 5.10
N ASN B 185 2.35 -37.01 4.77
CA ASN B 185 2.00 -36.05 5.78
C ASN B 185 3.36 -35.61 6.24
N TRP B 186 4.38 -36.23 5.67
CA TRP B 186 5.75 -35.89 6.01
C TRP B 186 5.96 -34.47 5.58
N THR B 187 6.70 -33.70 6.37
CA THR B 187 6.89 -32.29 6.03
C THR B 187 8.20 -31.73 6.50
N TYR B 188 8.34 -31.60 7.80
CA TYR B 188 9.54 -30.99 8.36
C TYR B 188 10.72 -31.96 8.24
N VAL B 189 11.82 -31.54 7.59
CA VAL B 189 12.79 -32.53 7.04
C VAL B 189 14.18 -31.97 6.71
N SER B 190 15.25 -32.75 6.89
CA SER B 190 16.61 -32.35 6.48
C SER B 190 16.92 -32.71 5.02
N THR B 191 17.77 -31.98 4.32
CA THR B 191 17.99 -32.25 2.88
C THR B 191 19.42 -32.02 2.43
N VAL B 192 19.79 -32.59 1.28
CA VAL B 192 21.17 -32.61 0.83
C VAL B 192 21.26 -32.51 -0.69
N ALA B 193 22.26 -31.80 -1.17
CA ALA B 193 22.74 -31.89 -2.54
C ALA B 193 24.13 -32.52 -2.57
N SER B 194 24.56 -33.06 -3.70
CA SER B 194 25.99 -33.17 -3.98
C SER B 194 26.61 -31.78 -4.12
N GLU B 195 27.92 -31.73 -4.38
CA GLU B 195 28.61 -30.54 -4.90
C GLU B 195 28.10 -30.12 -6.29
N GLY B 196 27.14 -30.85 -6.86
CA GLY B 196 26.49 -30.50 -8.11
C GLY B 196 25.88 -29.11 -8.10
N ASP B 197 26.11 -28.38 -9.17
CA ASP B 197 25.29 -27.25 -9.55
C ASP B 197 23.89 -27.71 -9.95
N TYR B 198 23.78 -28.88 -10.56
CA TYR B 198 22.52 -29.61 -10.64
C TYR B 198 21.97 -29.88 -9.24
N GLY B 199 22.85 -30.14 -8.28
CA GLY B 199 22.51 -30.28 -6.86
C GLY B 199 21.89 -28.99 -6.33
N GLU B 200 22.54 -27.86 -6.54
CA GLU B 200 21.98 -26.55 -6.20
C GLU B 200 20.64 -26.34 -6.87
N THR B 201 20.58 -26.66 -8.16
CA THR B 201 19.38 -26.49 -8.97
C THR B 201 18.23 -27.27 -8.39
N GLY B 202 18.45 -28.55 -8.11
CA GLY B 202 17.48 -29.41 -7.49
C GLY B 202 17.11 -28.91 -6.11
N ILE B 203 18.07 -28.46 -5.32
CA ILE B 203 17.80 -27.98 -3.97
C ILE B 203 16.99 -26.70 -4.00
N GLU B 204 17.39 -25.72 -4.80
CA GLU B 204 16.56 -24.54 -4.97
C GLU B 204 15.20 -24.96 -5.45
N ALA B 205 15.11 -25.81 -6.46
CA ALA B 205 13.81 -26.16 -7.02
C ALA B 205 12.95 -26.83 -5.94
N PHE B 206 13.57 -27.71 -5.18
CA PHE B 206 12.93 -28.39 -4.08
C PHE B 206 12.43 -27.40 -3.05
N GLU B 207 13.26 -26.45 -2.64
CA GLU B 207 12.81 -25.40 -1.72
C GLU B 207 11.58 -24.69 -2.26
N LEU B 208 11.52 -24.35 -3.54
CA LEU B 208 10.35 -23.71 -4.09
C LEU B 208 9.11 -24.59 -3.96
N GLU B 209 9.19 -25.82 -4.45
CA GLU B 209 8.08 -26.77 -4.38
C GLU B 209 7.66 -27.09 -2.95
N ALA B 210 8.64 -27.15 -2.07
CA ALA B 210 8.46 -27.40 -0.67
C ALA B 210 7.69 -26.27 -0.04
N ARG B 211 8.12 -25.02 -0.26
CA ARG B 211 7.43 -23.92 0.37
C ARG B 211 6.01 -23.85 -0.13
N ALA B 212 5.80 -24.12 -1.41
CA ALA B 212 4.46 -24.08 -1.98
C ALA B 212 3.53 -25.04 -1.25
N ARG B 213 4.08 -26.14 -0.78
CA ARG B 213 3.33 -27.17 -0.07
C ARG B 213 3.50 -27.10 1.44
N ASN B 214 4.05 -25.99 1.94
CA ASN B 214 4.29 -25.75 3.35
C ASN B 214 5.18 -26.79 4.00
N ILE B 215 6.20 -27.19 3.28
CA ILE B 215 7.19 -28.13 3.73
C ILE B 215 8.46 -27.33 4.08
N CYS B 216 8.95 -27.52 5.31
CA CYS B 216 10.08 -26.83 5.91
C CYS B 216 11.33 -27.69 5.91
N VAL B 217 12.45 -27.07 5.56
CA VAL B 217 13.78 -27.63 5.75
C VAL B 217 14.19 -27.51 7.20
N ALA B 218 14.41 -28.65 7.83
CA ALA B 218 15.07 -28.74 9.12
C ALA B 218 16.50 -28.19 9.04
N THR B 219 17.29 -28.68 8.09
CA THR B 219 18.64 -28.19 7.76
C THR B 219 19.09 -28.79 6.44
N SER B 220 20.14 -28.26 5.80
CA SER B 220 20.66 -28.81 4.55
C SER B 220 22.11 -28.44 4.19
N GLU B 221 22.70 -29.17 3.26
CA GLU B 221 24.05 -28.89 2.72
C GLU B 221 24.35 -29.53 1.36
N LYS B 222 25.38 -29.03 0.67
CA LYS B 222 26.04 -29.67 -0.48
C LYS B 222 27.16 -30.61 -0.04
N VAL B 223 27.51 -31.57 -0.89
CA VAL B 223 28.42 -32.68 -0.55
C VAL B 223 29.47 -32.93 -1.63
N GLY B 224 30.73 -32.62 -1.34
CA GLY B 224 31.84 -32.91 -2.25
C GLY B 224 32.02 -34.41 -2.52
N ARG B 225 32.38 -34.75 -3.76
CA ARG B 225 33.06 -36.01 -4.10
C ARG B 225 34.44 -36.02 -3.43
N ALA B 226 35.13 -34.90 -3.54
CA ALA B 226 36.54 -34.71 -3.17
C ALA B 226 36.75 -34.39 -1.67
N MET B 227 36.20 -35.21 -0.77
CA MET B 227 36.33 -35.01 0.66
C MET B 227 36.50 -36.38 1.31
N SER B 228 37.02 -36.39 2.52
CA SER B 228 37.27 -37.63 3.25
C SER B 228 36.01 -38.33 3.67
N ARG B 229 36.12 -39.62 4.01
CA ARG B 229 34.93 -40.37 4.41
C ARG B 229 34.33 -39.74 5.66
N ALA B 230 35.18 -39.14 6.49
CA ALA B 230 34.76 -38.49 7.70
C ALA B 230 33.85 -37.31 7.40
N ALA B 231 34.08 -36.63 6.28
CA ALA B 231 33.27 -35.50 5.91
C ALA B 231 31.88 -35.98 5.54
N PHE B 232 31.81 -37.18 4.95
CA PHE B 232 30.53 -37.77 4.58
C PHE B 232 29.81 -38.17 5.85
N GLU B 233 30.58 -38.66 6.82
CA GLU B 233 30.01 -39.00 8.12
C GLU B 233 29.54 -37.73 8.77
N GLY B 234 30.29 -36.63 8.61
CA GLY B 234 29.93 -35.36 9.20
C GLY B 234 28.58 -34.88 8.68
N VAL B 235 28.34 -35.04 7.38
CA VAL B 235 27.05 -34.74 6.78
C VAL B 235 25.96 -35.57 7.46
N VAL B 236 26.19 -36.88 7.59
CA VAL B 236 25.18 -37.72 8.20
C VAL B 236 24.97 -37.32 9.65
N ARG B 237 26.05 -37.03 10.38
CA ARG B 237 25.86 -36.65 11.75
C ARG B 237 25.06 -35.37 11.80
N ALA B 238 25.36 -34.39 10.96
CA ALA B 238 24.66 -33.12 10.96
C ALA B 238 23.16 -33.31 10.81
N LEU B 239 22.72 -34.24 9.95
CA LEU B 239 21.32 -34.67 9.91
C LEU B 239 20.88 -35.19 11.28
N LEU B 240 21.59 -36.20 11.78
CA LEU B 240 21.23 -36.86 13.03
C LEU B 240 21.32 -35.94 14.25
N GLN B 241 22.03 -34.83 14.12
CA GLN B 241 22.21 -33.88 15.19
C GLN B 241 21.03 -32.95 15.40
N LYS B 242 20.06 -32.95 14.47
CA LYS B 242 18.84 -32.14 14.55
C LYS B 242 17.57 -33.00 14.46
N PRO B 243 17.34 -33.89 15.45
CA PRO B 243 16.27 -34.86 15.34
C PRO B 243 14.92 -34.30 15.73
N SER B 244 14.46 -33.28 15.03
CA SER B 244 13.11 -32.75 15.30
C SER B 244 12.19 -33.57 14.43
N ALA B 245 12.75 -34.09 13.34
CA ALA B 245 12.27 -35.14 12.45
C ALA B 245 13.53 -35.96 12.15
N ARG B 246 13.37 -37.26 11.90
CA ARG B 246 14.52 -38.18 11.82
C ARG B 246 14.53 -38.83 10.45
N VAL B 247 14.58 -37.97 9.44
CA VAL B 247 14.32 -38.31 8.06
C VAL B 247 14.96 -37.25 7.15
N ALA B 248 15.30 -37.60 5.90
CA ALA B 248 15.98 -36.66 5.00
C ALA B 248 15.83 -36.93 3.49
N VAL B 249 16.27 -36.00 2.63
CA VAL B 249 16.18 -36.17 1.16
C VAL B 249 17.41 -35.66 0.44
N LEU B 250 17.77 -36.28 -0.69
CA LEU B 250 19.02 -36.11 -1.37
C LEU B 250 18.88 -35.82 -2.87
N PHE B 251 19.57 -34.79 -3.34
CA PHE B 251 20.01 -34.63 -4.71
C PHE B 251 21.48 -35.02 -4.81
N THR B 252 21.86 -35.77 -5.84
CA THR B 252 23.18 -36.40 -5.83
C THR B 252 23.61 -36.86 -7.22
N ARG B 253 24.84 -37.35 -7.31
CA ARG B 253 25.22 -38.35 -8.30
C ARG B 253 25.87 -39.51 -7.56
N SER B 254 25.70 -40.70 -8.10
CA SER B 254 25.77 -41.95 -7.34
C SER B 254 27.09 -42.18 -6.59
N GLU B 255 28.20 -41.64 -7.08
CA GLU B 255 29.50 -41.68 -6.44
C GLU B 255 29.46 -41.05 -5.05
N ASP B 256 28.63 -40.03 -4.88
CA ASP B 256 28.40 -39.41 -3.59
C ASP B 256 27.42 -40.26 -2.79
N ALA B 257 26.32 -40.68 -3.43
CA ALA B 257 25.30 -41.49 -2.79
C ALA B 257 25.91 -42.75 -2.15
N ARG B 258 26.88 -43.35 -2.83
CA ARG B 258 27.70 -44.43 -2.30
C ARG B 258 28.31 -44.08 -0.96
N GLU B 259 29.15 -43.05 -0.91
CA GLU B 259 29.88 -42.80 0.33
C GLU B 259 28.98 -42.25 1.42
N LEU B 260 27.96 -41.49 1.05
CA LEU B 260 26.90 -41.12 1.97
C LEU B 260 26.24 -42.36 2.56
N LEU B 261 25.83 -43.31 1.73
CA LEU B 261 25.18 -44.51 2.22
C LEU B 261 26.15 -45.38 3.02
N ALA B 262 27.43 -45.39 2.64
CA ALA B 262 28.44 -46.04 3.47
C ALA B 262 28.56 -45.39 4.85
N ALA B 263 28.57 -44.05 4.92
CA ALA B 263 28.66 -43.36 6.18
C ALA B 263 27.46 -43.66 7.05
N SER B 264 26.26 -43.62 6.46
CA SER B 264 25.00 -44.00 7.11
C SER B 264 25.11 -45.38 7.75
N GLN B 265 25.63 -46.34 6.99
CA GLN B 265 25.75 -47.69 7.48
C GLN B 265 26.79 -47.79 8.60
N ARG B 266 27.94 -47.11 8.45
CA ARG B 266 29.01 -47.18 9.45
C ARG B 266 28.61 -46.60 10.77
N LEU B 267 27.83 -45.55 10.71
CA LEU B 267 27.38 -44.83 11.89
C LEU B 267 26.15 -45.44 12.51
N ASN B 268 25.62 -46.51 11.91
CA ASN B 268 24.38 -47.11 12.37
C ASN B 268 23.30 -46.03 12.43
N ALA B 269 23.23 -45.20 11.39
CA ALA B 269 22.33 -44.06 11.30
C ALA B 269 20.85 -44.49 11.27
N SER B 270 20.04 -43.92 12.17
CA SER B 270 18.62 -44.20 12.28
C SER B 270 17.77 -43.05 11.71
N PHE B 271 17.33 -43.23 10.48
CA PHE B 271 16.44 -42.33 9.76
C PHE B 271 15.85 -43.06 8.56
N THR B 272 14.94 -42.42 7.85
CA THR B 272 14.54 -42.85 6.50
C THR B 272 14.76 -41.72 5.52
N TRP B 273 15.05 -42.00 4.27
CA TRP B 273 15.44 -40.95 3.33
C TRP B 273 15.15 -41.25 1.87
N VAL B 274 15.19 -40.22 1.03
CA VAL B 274 14.83 -40.35 -0.38
C VAL B 274 15.83 -39.65 -1.28
N ALA B 275 16.00 -40.13 -2.50
CA ALA B 275 16.93 -39.51 -3.44
C ALA B 275 16.37 -39.25 -4.83
N SER B 276 16.91 -38.19 -5.41
CA SER B 276 16.94 -37.90 -6.84
C SER B 276 17.44 -39.09 -7.64
N ASP B 277 17.08 -39.16 -8.91
CA ASP B 277 17.50 -40.28 -9.75
C ASP B 277 18.99 -40.25 -10.10
N GLY B 278 19.70 -39.18 -9.74
CA GLY B 278 21.15 -39.18 -9.63
C GLY B 278 21.69 -40.28 -8.70
N TRP B 279 20.82 -40.78 -7.82
CA TRP B 279 20.88 -42.13 -7.30
C TRP B 279 19.47 -42.73 -7.34
N GLY B 280 19.04 -43.11 -8.54
CA GLY B 280 17.82 -43.88 -8.78
C GLY B 280 18.15 -45.35 -9.01
N ALA B 281 17.47 -46.28 -8.35
CA ALA B 281 17.83 -47.69 -8.37
C ALA B 281 19.30 -47.87 -7.99
N LEU B 282 20.18 -48.21 -8.92
CA LEU B 282 21.62 -48.23 -8.66
C LEU B 282 21.93 -49.12 -7.45
N GLU B 283 21.67 -50.37 -7.72
CA GLU B 283 21.99 -51.55 -6.94
C GLU B 283 23.46 -51.51 -6.47
N SER B 284 24.30 -50.91 -7.32
CA SER B 284 25.72 -50.69 -7.09
C SER B 284 25.99 -49.85 -5.84
N VAL B 285 25.17 -48.85 -5.55
CA VAL B 285 25.32 -48.02 -4.36
C VAL B 285 24.95 -48.82 -3.10
N VAL B 286 23.85 -49.58 -3.16
CA VAL B 286 23.29 -50.32 -2.01
C VAL B 286 24.01 -51.62 -1.66
N ALA B 287 25.14 -51.94 -2.31
CA ALA B 287 25.87 -53.19 -2.08
C ALA B 287 26.71 -53.22 -0.77
N GLY B 288 27.45 -52.15 -0.47
CA GLY B 288 28.20 -51.98 0.79
C GLY B 288 27.34 -51.78 2.03
N SER B 289 26.04 -51.58 1.87
CA SER B 289 25.14 -51.04 2.89
C SER B 289 23.68 -51.45 2.64
N GLU B 290 23.45 -52.67 2.17
CA GLU B 290 22.12 -53.19 1.88
C GLU B 290 21.14 -52.94 3.02
N GLY B 291 21.58 -53.11 4.27
CA GLY B 291 20.73 -52.91 5.43
C GLY B 291 20.26 -51.45 5.58
N ALA B 292 21.18 -50.49 5.63
CA ALA B 292 20.83 -49.08 5.73
C ALA B 292 19.98 -48.65 4.54
N ALA B 293 20.25 -49.18 3.34
CA ALA B 293 19.52 -48.89 2.13
C ALA B 293 18.02 -49.17 2.20
N GLU B 294 17.54 -49.95 3.18
CA GLU B 294 16.12 -50.26 3.23
C GLU B 294 15.24 -49.06 3.45
N GLY B 295 15.69 -48.12 4.29
CA GLY B 295 14.88 -47.00 4.77
C GLY B 295 14.65 -45.92 3.72
N ALA B 296 14.51 -46.29 2.44
CA ALA B 296 14.56 -45.31 1.37
C ALA B 296 13.78 -45.63 0.11
N ILE B 297 13.44 -44.54 -0.57
CA ILE B 297 12.85 -44.50 -1.91
C ILE B 297 13.73 -43.69 -2.84
N THR B 298 13.71 -44.05 -4.11
CA THR B 298 14.31 -43.23 -5.15
C THR B 298 13.29 -43.02 -6.25
N ILE B 299 13.41 -41.86 -6.88
CA ILE B 299 12.89 -41.68 -8.23
C ILE B 299 13.88 -42.28 -9.24
N GLU B 300 13.35 -42.73 -10.36
CA GLU B 300 14.06 -42.76 -11.63
C GLU B 300 13.14 -42.15 -12.66
N LEU B 301 13.64 -41.54 -13.71
CA LEU B 301 12.84 -41.44 -14.91
C LEU B 301 12.52 -42.85 -15.39
N ALA B 302 11.24 -43.12 -15.58
CA ALA B 302 10.70 -44.42 -15.89
C ALA B 302 11.26 -44.89 -17.20
N SER B 303 11.61 -46.17 -17.25
CA SER B 303 12.19 -46.76 -18.42
C SER B 303 11.22 -47.47 -19.33
N TYR B 304 11.20 -47.06 -20.59
CA TYR B 304 10.35 -47.65 -21.59
C TYR B 304 11.17 -47.98 -22.82
N PRO B 305 12.06 -49.00 -22.76
CA PRO B 305 13.02 -49.30 -23.79
C PRO B 305 12.28 -49.65 -25.05
N ILE B 306 12.87 -49.33 -26.18
CA ILE B 306 12.27 -49.69 -27.45
C ILE B 306 12.79 -51.04 -27.88
N SER B 307 11.95 -52.05 -27.73
CA SER B 307 12.34 -53.42 -28.03
C SER B 307 12.56 -53.62 -29.51
N ASP B 308 11.88 -52.80 -30.32
CA ASP B 308 12.04 -52.89 -31.76
C ASP B 308 13.44 -52.53 -32.17
N PHE B 309 14.05 -51.58 -31.46
CA PHE B 309 15.35 -51.13 -31.85
C PHE B 309 16.36 -52.04 -31.24
N ALA B 310 16.04 -52.61 -30.08
CA ALA B 310 16.97 -53.55 -29.50
C ALA B 310 17.12 -54.71 -30.44
N SER B 311 16.01 -55.09 -31.08
CA SER B 311 15.99 -56.16 -32.04
C SER B 311 16.80 -55.78 -33.25
N TYR B 312 16.59 -54.56 -33.76
CA TYR B 312 17.31 -54.13 -34.94
C TYR B 312 18.80 -54.08 -34.67
N PHE B 313 19.19 -53.59 -33.49
CA PHE B 313 20.60 -53.48 -33.19
C PHE B 313 21.18 -54.88 -32.97
N GLN B 314 20.47 -55.76 -32.25
CA GLN B 314 21.01 -57.09 -31.97
C GLN B 314 21.32 -57.85 -33.25
N SER B 315 20.48 -57.70 -34.26
CA SER B 315 20.65 -58.37 -35.54
C SER B 315 21.48 -57.56 -36.55
N LEU B 316 21.93 -56.39 -36.14
CA LEU B 316 22.66 -55.47 -36.98
C LEU B 316 24.00 -56.06 -37.33
N ASP B 317 24.40 -55.91 -38.58
CA ASP B 317 25.69 -56.43 -38.98
C ASP B 317 26.37 -55.46 -39.96
N PRO B 318 26.97 -54.35 -39.44
CA PRO B 318 27.57 -53.20 -40.12
C PRO B 318 28.76 -53.53 -41.01
N TRP B 319 29.22 -54.77 -40.94
CA TRP B 319 30.25 -55.22 -41.82
C TRP B 319 29.72 -55.06 -43.22
N ASN B 320 28.46 -55.47 -43.39
CA ASN B 320 27.80 -55.36 -44.66
C ASN B 320 27.03 -54.06 -44.70
N ASN B 321 26.38 -53.73 -43.59
CA ASN B 321 25.61 -52.49 -43.53
C ASN B 321 26.51 -51.34 -43.09
N SER B 322 27.38 -50.96 -44.01
CA SER B 322 28.53 -50.06 -43.90
C SER B 322 28.25 -48.56 -43.75
N ARG B 323 27.00 -48.14 -43.90
CA ARG B 323 26.64 -46.72 -43.83
C ARG B 323 27.24 -45.96 -42.65
N ASN B 324 27.28 -46.58 -41.46
CA ASN B 324 27.82 -45.92 -40.30
C ASN B 324 29.33 -46.22 -40.15
N PRO B 325 30.20 -45.24 -40.42
CA PRO B 325 31.63 -45.38 -40.54
C PRO B 325 32.34 -45.68 -39.24
N TRP B 326 31.68 -45.53 -38.11
CA TRP B 326 32.41 -45.73 -36.88
C TRP B 326 32.23 -47.14 -36.36
N PHE B 327 31.50 -47.96 -37.12
CA PHE B 327 31.35 -49.31 -36.66
C PHE B 327 32.60 -50.11 -36.74
N ARG B 328 33.53 -49.82 -37.63
CA ARG B 328 34.67 -50.71 -37.63
C ARG B 328 35.34 -50.71 -36.25
N GLU B 329 35.47 -49.54 -35.59
CA GLU B 329 36.06 -49.56 -34.26
C GLU B 329 35.14 -50.27 -33.27
N PHE B 330 33.84 -50.01 -33.38
CA PHE B 330 32.86 -50.59 -32.47
C PHE B 330 32.98 -52.10 -32.49
N TRP B 331 33.02 -52.69 -33.68
CA TRP B 331 33.10 -54.13 -33.83
C TRP B 331 34.30 -54.69 -33.16
N GLU B 332 35.45 -54.05 -33.38
CA GLU B 332 36.73 -54.51 -32.86
C GLU B 332 36.77 -54.51 -31.35
N GLN B 333 36.11 -53.55 -30.73
CA GLN B 333 36.12 -53.51 -29.29
C GLN B 333 34.90 -54.20 -28.64
N ARG B 334 33.77 -54.30 -29.37
CA ARG B 334 32.56 -54.92 -28.83
C ARG B 334 32.74 -56.43 -28.78
N PHE B 335 33.32 -56.96 -29.85
CA PHE B 335 33.65 -58.36 -29.97
C PHE B 335 35.16 -58.26 -29.90
N ARG B 336 35.88 -59.11 -29.19
CA ARG B 336 37.30 -58.81 -29.26
C ARG B 336 37.91 -59.44 -30.52
N CYS B 337 38.17 -58.58 -31.53
CA CYS B 337 38.65 -58.92 -32.88
C CYS B 337 39.39 -57.75 -33.52
N SER B 338 39.73 -57.93 -34.80
CA SER B 338 40.38 -56.90 -35.60
C SER B 338 39.96 -56.96 -37.07
N PHE B 339 39.75 -55.81 -37.71
CA PHE B 339 39.47 -55.85 -39.14
C PHE B 339 40.73 -55.72 -39.98
N ARG B 340 41.90 -55.57 -39.37
CA ARG B 340 43.12 -55.41 -40.16
C ARG B 340 43.38 -56.62 -41.07
N GLN B 341 43.06 -57.80 -40.54
CA GLN B 341 43.21 -59.08 -41.22
C GLN B 341 41.85 -59.63 -41.62
N ARG B 342 40.82 -58.80 -41.54
CA ARG B 342 39.45 -59.26 -41.74
C ARG B 342 39.09 -60.37 -40.74
N ASP B 343 39.48 -60.23 -39.46
CA ASP B 343 39.12 -61.26 -38.49
C ASP B 343 37.73 -61.00 -37.90
N CYS B 344 37.33 -59.71 -37.72
CA CYS B 344 36.01 -59.28 -37.22
C CYS B 344 34.97 -59.65 -38.26
N ALA B 345 35.39 -59.73 -39.50
CA ALA B 345 34.51 -60.08 -40.60
C ALA B 345 33.90 -61.47 -40.35
N ALA B 346 34.62 -62.34 -39.63
CA ALA B 346 34.19 -63.69 -39.33
C ALA B 346 33.32 -63.77 -38.07
N HIS B 347 33.12 -62.66 -37.40
CA HIS B 347 32.38 -62.63 -36.16
C HIS B 347 31.27 -61.63 -36.25
N SER B 348 30.12 -62.06 -36.74
CA SER B 348 29.03 -61.14 -37.04
C SER B 348 28.76 -60.33 -35.80
N LEU B 349 28.40 -59.06 -35.97
CA LEU B 349 28.28 -58.21 -34.77
C LEU B 349 27.28 -58.77 -33.76
N ARG B 350 26.25 -59.41 -34.28
CA ARG B 350 25.14 -60.02 -33.52
C ARG B 350 25.61 -61.12 -32.58
N ALA B 351 26.85 -61.56 -32.74
CA ALA B 351 27.48 -62.57 -31.91
C ALA B 351 27.57 -62.10 -30.46
N VAL B 352 27.70 -60.78 -30.26
CA VAL B 352 27.83 -60.24 -28.92
C VAL B 352 26.41 -59.87 -28.45
N PRO B 353 25.95 -60.30 -27.26
CA PRO B 353 24.65 -59.97 -26.71
C PRO B 353 24.46 -58.46 -26.63
N PHE B 354 23.25 -58.01 -26.93
CA PHE B 354 22.92 -56.59 -26.93
C PHE B 354 22.01 -56.14 -25.80
N GLU B 355 22.33 -54.97 -25.25
CA GLU B 355 21.53 -54.31 -24.25
C GLU B 355 21.52 -52.83 -24.61
N GLN B 356 20.49 -52.13 -24.19
CA GLN B 356 20.40 -50.70 -24.45
C GLN B 356 19.93 -49.94 -23.25
N GLU B 357 20.32 -48.68 -23.20
CA GLU B 357 19.82 -47.80 -22.17
C GLU B 357 18.43 -47.38 -22.53
N SER B 358 17.63 -47.06 -21.53
CA SER B 358 16.25 -46.58 -21.68
C SER B 358 16.21 -45.24 -22.37
N LYS B 359 17.36 -44.60 -22.37
CA LYS B 359 17.64 -43.30 -22.91
C LYS B 359 17.32 -43.29 -24.40
N ILE B 360 17.31 -44.47 -25.01
CA ILE B 360 17.03 -44.65 -26.41
C ILE B 360 15.70 -44.03 -26.80
N MET B 361 14.77 -43.96 -25.86
CA MET B 361 13.48 -43.40 -26.14
C MET B 361 13.55 -41.92 -26.38
N PHE B 362 14.48 -41.22 -25.75
CA PHE B 362 14.62 -39.81 -25.99
C PHE B 362 15.28 -39.56 -27.31
N VAL B 363 16.16 -40.48 -27.73
CA VAL B 363 16.82 -40.31 -29.00
C VAL B 363 15.73 -40.32 -30.06
N VAL B 364 14.81 -41.25 -29.89
CA VAL B 364 13.72 -41.42 -30.80
C VAL B 364 12.71 -40.30 -30.66
N ASN B 365 12.35 -39.92 -29.43
CA ASN B 365 11.39 -38.85 -29.33
C ASN B 365 11.95 -37.58 -29.93
N ALA B 366 13.26 -37.33 -29.81
CA ALA B 366 13.81 -36.11 -30.38
C ALA B 366 13.67 -36.08 -31.89
N VAL B 367 13.88 -37.22 -32.56
CA VAL B 367 13.74 -37.19 -34.01
C VAL B 367 12.29 -37.10 -34.43
N TYR B 368 11.40 -37.76 -33.70
CA TYR B 368 10.01 -37.68 -34.08
C TYR B 368 9.44 -36.34 -33.75
N ALA B 369 9.83 -35.75 -32.63
CA ALA B 369 9.31 -34.46 -32.25
C ALA B 369 9.76 -33.43 -33.25
N MET B 370 11.00 -33.53 -33.73
CA MET B 370 11.45 -32.58 -34.71
C MET B 370 10.71 -32.81 -36.01
N ALA B 371 10.55 -34.07 -36.39
CA ALA B 371 9.87 -34.37 -37.63
C ALA B 371 8.44 -33.88 -37.59
N HIS B 372 7.81 -34.02 -36.44
CA HIS B 372 6.44 -33.59 -36.28
C HIS B 372 6.38 -32.09 -36.35
N ALA B 373 7.32 -31.41 -35.71
CA ALA B 373 7.30 -29.97 -35.79
C ALA B 373 7.43 -29.54 -37.24
N LEU B 374 8.25 -30.25 -38.01
CA LEU B 374 8.42 -29.93 -39.41
C LEU B 374 7.14 -30.23 -40.15
N HIS B 375 6.47 -31.30 -39.77
CA HIS B 375 5.23 -31.72 -40.38
C HIS B 375 4.18 -30.64 -40.21
N ASN B 376 4.06 -30.13 -39.00
CA ASN B 376 3.07 -29.11 -38.73
C ASN B 376 3.47 -27.81 -39.38
N MET B 377 4.77 -27.57 -39.48
CA MET B 377 5.25 -26.41 -40.16
C MET B 377 4.85 -26.47 -41.61
N HIS B 378 4.96 -27.65 -42.22
CA HIS B 378 4.55 -27.80 -43.59
C HIS B 378 3.05 -27.70 -43.72
N ARG B 379 2.30 -28.22 -42.77
CA ARG B 379 0.88 -28.05 -42.94
C ARG B 379 0.53 -26.55 -42.93
N ALA B 380 1.21 -25.76 -42.09
CA ALA B 380 1.00 -24.32 -42.03
C ALA B 380 1.56 -23.53 -43.23
N LEU B 381 2.75 -23.89 -43.72
CA LEU B 381 3.43 -23.17 -44.82
C LEU B 381 3.31 -23.77 -46.25
N CYS B 382 2.96 -25.08 -46.33
CA CYS B 382 2.84 -25.87 -47.56
C CYS B 382 1.53 -26.69 -47.44
N PRO B 383 0.37 -26.00 -47.20
CA PRO B 383 -0.93 -26.58 -46.86
C PRO B 383 -1.62 -27.36 -47.93
N ASN B 384 -1.23 -27.14 -49.17
CA ASN B 384 -1.90 -27.77 -50.28
C ASN B 384 -0.97 -28.58 -51.15
N THR B 385 0.21 -28.88 -50.65
CA THR B 385 1.17 -29.60 -51.46
C THR B 385 1.70 -30.82 -50.70
N THR B 386 1.93 -31.89 -51.44
CA THR B 386 2.36 -33.20 -50.93
C THR B 386 3.86 -33.44 -50.98
N ARG B 387 4.59 -32.40 -51.34
CA ARG B 387 6.04 -32.39 -51.45
C ARG B 387 6.56 -31.12 -50.80
N LEU B 388 7.79 -31.14 -50.31
CA LEU B 388 8.34 -29.93 -49.70
C LEU B 388 8.25 -28.72 -50.65
N CYS B 389 7.75 -27.58 -50.09
CA CYS B 389 7.55 -26.29 -50.73
C CYS B 389 8.74 -25.38 -50.48
N ASP B 390 8.87 -24.38 -51.35
CA ASP B 390 9.94 -23.40 -51.27
C ASP B 390 9.93 -22.60 -49.96
N ALA B 391 8.79 -22.57 -49.31
CA ALA B 391 8.58 -21.87 -48.05
C ALA B 391 9.53 -22.38 -46.97
N MET B 392 9.96 -23.64 -47.10
CA MET B 392 10.85 -24.27 -46.15
C MET B 392 12.28 -24.37 -46.61
N ARG B 393 12.63 -23.67 -47.68
CA ARG B 393 14.01 -23.66 -48.10
C ARG B 393 14.86 -22.78 -47.16
N PRO B 394 14.38 -21.60 -46.68
CA PRO B 394 15.10 -20.73 -45.80
C PRO B 394 15.04 -21.29 -44.41
N VAL B 395 15.85 -20.76 -43.54
CA VAL B 395 15.75 -21.12 -42.16
C VAL B 395 14.60 -20.30 -41.57
N ASN B 396 13.67 -20.96 -40.87
CA ASN B 396 12.50 -20.30 -40.33
C ASN B 396 12.46 -19.84 -38.85
N GLY B 397 13.53 -19.98 -38.07
CA GLY B 397 13.51 -19.44 -36.72
C GLY B 397 12.41 -19.90 -35.82
N ARG B 398 11.78 -18.89 -35.24
CA ARG B 398 10.69 -18.95 -34.30
C ARG B 398 9.47 -19.59 -34.90
N ARG B 399 9.36 -19.55 -36.22
CA ARG B 399 8.18 -20.11 -36.82
C ARG B 399 8.21 -21.60 -36.52
N LEU B 400 9.39 -22.20 -36.48
CA LEU B 400 9.43 -23.58 -36.08
C LEU B 400 9.40 -23.61 -34.59
N TYR B 401 10.28 -22.85 -33.99
CA TYR B 401 10.41 -23.01 -32.58
C TYR B 401 9.19 -22.73 -31.70
N LYS B 402 8.55 -21.57 -31.84
CA LYS B 402 7.46 -21.30 -30.94
C LYS B 402 6.17 -21.94 -31.42
N ASP B 403 6.01 -22.03 -32.75
CA ASP B 403 4.76 -22.57 -33.25
C ASP B 403 4.66 -24.07 -33.46
N PHE B 404 5.75 -24.76 -33.79
CA PHE B 404 5.60 -26.18 -34.06
C PHE B 404 6.44 -27.09 -33.16
N VAL B 405 7.59 -26.62 -32.72
CA VAL B 405 8.52 -27.43 -31.93
C VAL B 405 8.00 -27.80 -30.55
N LEU B 406 7.39 -26.86 -29.85
CA LEU B 406 6.95 -27.15 -28.51
C LEU B 406 5.57 -27.82 -28.52
N ASN B 407 4.82 -27.51 -29.57
CA ASN B 407 3.46 -27.97 -29.74
C ASN B 407 3.39 -29.35 -30.37
N VAL B 408 3.86 -30.30 -29.60
CA VAL B 408 3.95 -31.70 -29.96
C VAL B 408 3.13 -32.50 -28.97
N LYS B 409 2.29 -33.43 -29.39
CA LYS B 409 1.44 -34.09 -28.41
C LYS B 409 0.93 -35.45 -28.84
N PHE B 410 1.62 -36.50 -28.45
CA PHE B 410 1.17 -37.84 -28.79
C PHE B 410 1.78 -38.89 -27.93
N ASP B 411 1.59 -40.13 -28.36
CA ASP B 411 2.21 -41.21 -27.66
C ASP B 411 3.39 -41.54 -28.52
N ALA B 412 4.51 -41.84 -27.87
CA ALA B 412 5.72 -42.13 -28.62
C ALA B 412 5.62 -43.45 -29.37
N PRO B 413 6.14 -43.51 -30.61
CA PRO B 413 6.13 -44.68 -31.43
C PRO B 413 7.02 -45.69 -30.77
N PHE B 414 6.68 -46.94 -30.94
CA PHE B 414 7.43 -48.08 -30.43
C PHE B 414 7.42 -48.14 -28.90
N ARG B 415 6.65 -47.27 -28.25
CA ARG B 415 6.51 -47.27 -26.82
C ARG B 415 5.66 -48.47 -26.46
N PRO B 416 5.86 -49.10 -25.29
CA PRO B 416 4.99 -50.17 -24.86
C PRO B 416 3.55 -49.69 -24.90
N ALA B 417 2.68 -50.54 -25.43
CA ALA B 417 1.26 -50.23 -25.66
C ALA B 417 0.47 -49.95 -24.40
N ASP B 418 0.97 -50.43 -23.27
CA ASP B 418 0.30 -50.26 -22.01
C ASP B 418 0.38 -48.85 -21.44
N THR B 419 1.30 -48.03 -21.94
CA THR B 419 1.47 -46.72 -21.34
C THR B 419 1.61 -45.53 -22.27
N HIS B 420 1.66 -44.35 -21.65
CA HIS B 420 1.73 -43.07 -22.37
C HIS B 420 2.72 -42.08 -21.79
N ASN B 421 3.31 -41.27 -22.67
CA ASN B 421 4.17 -40.18 -22.23
C ASN B 421 3.77 -38.80 -22.69
N GLU B 422 2.69 -38.66 -23.47
CA GLU B 422 2.25 -37.35 -23.92
C GLU B 422 3.42 -36.45 -24.27
N VAL B 423 4.20 -36.84 -25.30
CA VAL B 423 5.39 -36.06 -25.53
C VAL B 423 4.95 -34.70 -25.94
N ARG B 424 5.39 -33.72 -25.16
CA ARG B 424 5.09 -32.31 -25.24
C ARG B 424 6.20 -31.56 -24.59
N PHE B 425 6.29 -30.27 -24.87
CA PHE B 425 7.22 -29.41 -24.17
C PHE B 425 6.46 -28.24 -23.62
N ASP B 426 6.94 -27.68 -22.54
CA ASP B 426 6.32 -26.45 -22.07
C ASP B 426 6.91 -25.31 -22.87
N ARG B 427 6.59 -24.09 -22.48
CA ARG B 427 7.01 -22.91 -23.22
C ARG B 427 8.52 -22.67 -23.22
N PHE B 428 9.24 -23.36 -22.34
CA PHE B 428 10.67 -23.21 -22.23
C PHE B 428 11.37 -24.40 -22.84
N GLY B 429 10.62 -25.29 -23.49
CA GLY B 429 11.28 -26.44 -24.04
C GLY B 429 11.46 -27.53 -23.01
N ASP B 430 10.80 -27.49 -21.87
CA ASP B 430 10.91 -28.60 -20.92
C ASP B 430 10.11 -29.80 -21.43
N GLY B 431 10.78 -30.86 -21.84
CA GLY B 431 10.12 -32.09 -22.28
C GLY B 431 9.41 -32.77 -21.12
N ILE B 432 8.10 -32.88 -21.22
CA ILE B 432 7.26 -33.45 -20.17
C ILE B 432 7.43 -34.98 -20.13
N GLY B 433 7.51 -35.61 -18.95
CA GLY B 433 7.99 -36.99 -18.82
C GLY B 433 7.30 -37.89 -17.77
N ARG B 434 7.97 -38.98 -17.38
CA ARG B 434 7.42 -40.05 -16.53
C ARG B 434 8.47 -40.59 -15.60
N TYR B 435 8.12 -40.91 -14.36
CA TYR B 435 9.13 -41.23 -13.36
C TYR B 435 8.67 -42.32 -12.40
N ASN B 436 9.52 -43.29 -12.12
CA ASN B 436 9.16 -44.37 -11.22
C ASN B 436 9.57 -44.03 -9.83
N ILE B 437 8.66 -44.25 -8.91
CA ILE B 437 8.95 -44.00 -7.51
C ILE B 437 8.99 -45.34 -6.84
N PHE B 438 10.08 -45.74 -6.24
CA PHE B 438 10.22 -47.12 -5.79
C PHE B 438 11.14 -47.21 -4.59
N THR B 439 10.95 -48.25 -3.78
CA THR B 439 11.72 -48.42 -2.56
C THR B 439 12.61 -49.62 -2.56
N TYR B 440 13.61 -49.69 -1.68
CA TYR B 440 14.47 -50.86 -1.56
C TYR B 440 14.00 -51.78 -0.44
N LEU B 441 13.43 -52.93 -0.81
CA LEU B 441 12.81 -53.83 0.12
C LEU B 441 13.74 -54.78 0.81
N ARG B 442 13.40 -55.06 2.05
CA ARG B 442 14.06 -56.07 2.83
C ARG B 442 13.70 -57.40 2.23
N ALA B 443 14.65 -58.28 2.19
CA ALA B 443 14.45 -59.61 1.70
C ALA B 443 15.06 -60.57 2.66
N GLY B 444 14.32 -60.99 3.67
CA GLY B 444 14.90 -61.85 4.71
C GLY B 444 15.28 -63.22 4.13
N SER B 445 14.71 -63.53 2.97
CA SER B 445 14.91 -64.74 2.21
C SER B 445 15.77 -64.55 0.97
N GLY B 446 16.43 -63.40 0.83
CA GLY B 446 17.20 -63.16 -0.40
C GLY B 446 17.86 -61.79 -0.43
N ARG B 447 18.16 -61.32 -1.63
CA ARG B 447 18.81 -60.03 -1.79
C ARG B 447 17.75 -58.98 -1.78
N TYR B 448 18.09 -57.80 -1.29
CA TYR B 448 17.13 -56.73 -1.20
C TYR B 448 16.87 -56.23 -2.59
N ARG B 449 15.62 -55.84 -2.86
CA ARG B 449 15.14 -55.54 -4.21
C ARG B 449 14.38 -54.25 -4.29
N TYR B 450 14.60 -53.50 -5.37
CA TYR B 450 13.76 -52.35 -5.63
C TYR B 450 12.34 -52.80 -5.94
N GLN B 451 11.37 -52.04 -5.47
CA GLN B 451 9.96 -52.25 -5.73
C GLN B 451 9.19 -51.00 -6.02
N LYS B 452 8.55 -50.98 -7.16
CA LYS B 452 7.77 -49.82 -7.51
C LYS B 452 6.71 -49.63 -6.47
N VAL B 453 6.65 -48.42 -5.94
CA VAL B 453 5.66 -48.09 -4.95
C VAL B 453 4.59 -47.40 -5.76
N GLY B 454 5.06 -46.63 -6.72
CA GLY B 454 4.21 -45.86 -7.59
C GLY B 454 5.01 -45.10 -8.61
N TYR B 455 4.47 -43.98 -9.03
CA TYR B 455 5.07 -43.22 -10.10
C TYR B 455 4.75 -41.77 -9.98
N TRP B 456 5.48 -40.95 -10.72
CA TRP B 456 5.19 -39.55 -10.86
C TRP B 456 5.06 -39.24 -12.34
N ALA B 457 4.26 -38.23 -12.61
CA ALA B 457 4.05 -37.78 -13.96
C ALA B 457 3.96 -36.25 -13.98
N GLU B 458 2.95 -35.69 -13.30
CA GLU B 458 2.87 -34.25 -13.14
C GLU B 458 2.48 -34.19 -11.73
N GLY B 459 2.06 -35.33 -11.20
CA GLY B 459 1.74 -35.43 -9.81
C GLY B 459 2.04 -36.87 -9.46
N LEU B 460 1.95 -37.16 -8.16
CA LEU B 460 2.28 -38.46 -7.55
C LEU B 460 1.16 -39.45 -7.23
N THR B 461 1.44 -40.74 -7.48
CA THR B 461 0.61 -41.86 -7.06
C THR B 461 1.47 -42.90 -6.31
N LEU B 462 1.06 -43.34 -5.11
CA LEU B 462 1.83 -44.37 -4.35
C LEU B 462 0.98 -45.39 -3.58
N ASP B 463 1.35 -46.67 -3.66
CA ASP B 463 0.73 -47.75 -2.88
C ASP B 463 1.48 -48.00 -1.57
N THR B 464 0.88 -47.57 -0.46
CA THR B 464 1.47 -47.57 0.87
C THR B 464 1.81 -48.96 1.38
N SER B 465 1.13 -49.98 0.85
CA SER B 465 1.32 -51.33 1.36
C SER B 465 2.70 -51.84 1.01
N LEU B 466 3.38 -51.16 0.10
CA LEU B 466 4.68 -51.55 -0.34
C LEU B 466 5.77 -50.81 0.40
N ILE B 467 5.42 -50.01 1.40
CA ILE B 467 6.43 -49.25 2.12
C ILE B 467 6.79 -49.93 3.47
N PRO B 468 8.01 -50.42 3.66
CA PRO B 468 8.49 -51.13 4.84
C PRO B 468 8.41 -50.37 6.16
N TRP B 469 8.31 -49.06 6.12
CA TRP B 469 8.22 -48.25 7.32
C TRP B 469 6.91 -47.50 7.40
N ALA B 470 5.95 -47.82 6.54
CA ALA B 470 4.70 -47.06 6.58
C ALA B 470 3.49 -47.95 6.34
N SER B 471 3.68 -49.10 5.71
CA SER B 471 2.59 -50.01 5.47
C SER B 471 2.06 -50.20 6.88
N PRO B 472 0.76 -50.21 7.16
CA PRO B 472 0.21 -50.24 8.52
C PRO B 472 0.83 -51.24 9.51
N SER B 473 1.21 -52.44 9.06
CA SER B 473 1.78 -53.42 9.97
C SER B 473 3.19 -53.06 10.39
N ALA B 474 3.79 -52.14 9.67
CA ALA B 474 5.14 -51.65 9.89
C ALA B 474 5.15 -50.50 10.87
N GLY B 475 3.97 -49.99 11.22
CA GLY B 475 3.93 -48.83 12.08
C GLY B 475 4.05 -47.57 11.22
N PRO B 476 4.04 -46.40 11.84
CA PRO B 476 4.13 -45.08 11.24
C PRO B 476 5.53 -44.72 10.80
N LEU B 477 5.62 -43.70 9.96
CA LEU B 477 6.86 -43.07 9.56
C LEU B 477 7.48 -42.43 10.83
N PRO B 478 8.83 -42.39 10.98
CA PRO B 478 9.56 -41.70 12.04
C PRO B 478 9.17 -40.24 11.98
N ALA B 479 9.38 -39.52 13.07
CA ALA B 479 8.91 -38.15 13.11
C ALA B 479 9.27 -37.39 11.86
N SER B 480 8.24 -36.76 11.32
CA SER B 480 8.32 -35.99 10.10
C SER B 480 7.50 -34.73 10.27
N ARG B 481 6.99 -34.47 11.48
CA ARG B 481 6.08 -33.38 11.84
C ARG B 481 6.52 -32.74 13.14
N CYS B 482 5.98 -31.55 13.40
CA CYS B 482 6.12 -30.88 14.68
C CYS B 482 4.76 -30.39 15.20
N SER B 483 4.18 -29.42 14.53
CA SER B 483 2.99 -28.71 15.00
C SER B 483 2.11 -28.22 13.85
N GLU B 484 0.83 -28.07 14.15
CA GLU B 484 -0.21 -27.73 13.19
C GLU B 484 -0.25 -26.24 12.85
N PRO B 485 -1.01 -25.83 11.81
CA PRO B 485 -1.41 -24.45 11.59
C PRO B 485 -2.42 -23.97 12.66
N CYS B 486 -1.94 -23.91 13.91
CA CYS B 486 -2.60 -23.25 15.04
C CYS B 486 -2.52 -21.71 14.84
N LEU B 487 -3.55 -21.13 14.23
CA LEU B 487 -3.58 -19.76 13.67
C LEU B 487 -4.91 -19.04 13.98
N GLN B 488 -5.45 -19.28 15.16
CA GLN B 488 -6.86 -19.09 15.50
C GLN B 488 -6.99 -18.69 16.99
N ASN B 489 -8.02 -19.15 17.68
CA ASN B 489 -8.22 -18.88 19.11
C ASN B 489 -7.02 -19.31 19.97
N GLU B 490 -6.34 -20.39 19.55
CA GLU B 490 -4.93 -20.58 19.81
C GLU B 490 -4.11 -20.20 18.59
N VAL B 491 -2.96 -19.61 18.85
CA VAL B 491 -1.97 -19.11 17.91
C VAL B 491 -0.60 -19.71 18.27
N LYS B 492 0.34 -19.74 17.33
CA LYS B 492 1.65 -20.34 17.58
C LYS B 492 2.44 -19.64 18.71
N SER B 493 3.40 -20.32 19.31
CA SER B 493 4.42 -19.68 20.15
C SER B 493 5.42 -18.93 19.27
N VAL B 494 6.47 -18.35 19.88
CA VAL B 494 7.61 -17.76 19.14
C VAL B 494 8.95 -18.40 19.54
N GLN B 495 8.93 -19.70 19.86
CA GLN B 495 10.11 -20.48 20.23
C GLN B 495 11.29 -20.22 19.27
N PRO B 496 12.44 -19.71 19.72
CA PRO B 496 13.57 -19.51 18.83
C PRO B 496 13.99 -20.80 18.16
N GLY B 497 14.44 -20.70 16.91
CA GLY B 497 14.92 -21.86 16.17
C GLY B 497 13.80 -22.68 15.55
N GLU B 498 12.99 -23.33 16.37
CA GLU B 498 11.91 -24.22 15.92
C GLU B 498 10.68 -23.45 15.37
N VAL B 499 10.87 -22.55 14.40
CA VAL B 499 9.77 -21.75 13.82
C VAL B 499 8.72 -22.63 13.16
N CYS B 500 9.18 -23.62 12.37
CA CYS B 500 8.39 -24.57 11.61
C CYS B 500 7.84 -25.61 12.58
N CYS B 501 8.19 -25.53 13.86
CA CYS B 501 7.78 -26.39 14.95
C CYS B 501 7.21 -25.59 16.13
N TRP B 502 6.79 -24.33 15.94
CA TRP B 502 6.27 -23.51 17.03
C TRP B 502 5.10 -24.19 17.72
N LEU B 503 5.07 -24.08 19.04
CA LEU B 503 4.05 -24.67 19.90
C LEU B 503 2.68 -24.01 19.63
N CYS B 504 1.57 -24.57 20.11
CA CYS B 504 0.25 -23.94 20.01
C CYS B 504 -0.18 -23.36 21.37
N ILE B 505 -0.59 -22.09 21.40
CA ILE B 505 -0.82 -21.32 22.63
C ILE B 505 -2.11 -20.48 22.52
N PRO B 506 -3.04 -20.52 23.49
CA PRO B 506 -4.21 -19.65 23.53
C PRO B 506 -3.88 -18.16 23.67
N CYS B 507 -4.71 -17.30 23.06
CA CYS B 507 -4.81 -15.89 23.44
C CYS B 507 -5.64 -15.70 24.74
N GLN B 508 -5.96 -14.46 25.08
CA GLN B 508 -6.74 -14.04 26.24
C GLN B 508 -8.07 -13.35 25.87
N PRO B 509 -9.10 -13.47 26.72
CA PRO B 509 -10.51 -13.43 26.33
C PRO B 509 -11.11 -12.05 26.04
N TYR B 510 -10.38 -11.21 25.32
CA TYR B 510 -10.76 -9.86 24.93
C TYR B 510 -10.16 -9.45 23.56
N GLU B 511 -9.41 -10.35 22.93
CA GLU B 511 -8.53 -10.02 21.80
C GLU B 511 -9.08 -10.54 20.45
N TYR B 512 -8.34 -10.29 19.36
CA TYR B 512 -8.62 -10.76 18.00
C TYR B 512 -7.33 -11.03 17.22
N ARG B 513 -7.41 -11.84 16.18
CA ARG B 513 -6.23 -12.36 15.48
C ARG B 513 -5.20 -11.27 15.12
N LEU B 514 -3.95 -11.47 15.55
CA LEU B 514 -2.81 -10.60 15.28
C LEU B 514 -1.52 -11.44 15.14
N ASP B 515 -0.90 -11.42 13.96
CA ASP B 515 0.19 -12.35 13.62
C ASP B 515 -0.25 -13.82 13.63
N GLU B 516 0.67 -14.74 13.39
CA GLU B 516 0.47 -16.18 13.58
C GLU B 516 0.59 -16.61 15.06
N PHE B 517 0.97 -15.69 15.96
CA PHE B 517 1.43 -16.04 17.31
C PHE B 517 0.83 -15.21 18.48
N THR B 518 -0.04 -14.23 18.22
CA THR B 518 -0.66 -13.40 19.28
C THR B 518 -2.06 -12.88 18.89
N CYS B 519 -2.63 -11.93 19.63
CA CYS B 519 -3.91 -11.30 19.34
C CYS B 519 -3.92 -9.82 19.76
N ALA B 520 -4.54 -8.96 18.97
CA ALA B 520 -4.78 -7.55 19.26
C ALA B 520 -5.92 -7.42 20.27
N ASP B 521 -5.81 -6.53 21.24
CA ASP B 521 -6.93 -6.16 22.12
C ASP B 521 -8.06 -5.51 21.29
N CYS B 522 -9.30 -5.98 21.42
CA CYS B 522 -10.44 -5.40 20.72
C CYS B 522 -10.87 -4.07 21.34
N GLY B 523 -12.02 -3.55 20.87
CA GLY B 523 -12.83 -2.70 21.73
C GLY B 523 -13.30 -3.46 22.98
N LEU B 524 -13.99 -2.75 23.85
CA LEU B 524 -14.63 -3.32 25.04
C LEU B 524 -15.71 -4.37 24.73
N GLY B 525 -15.59 -5.51 25.40
CA GLY B 525 -16.45 -6.66 25.20
C GLY B 525 -15.67 -7.93 25.43
N TYR B 526 -16.35 -9.07 25.48
CA TYR B 526 -15.69 -10.34 25.72
C TYR B 526 -15.24 -10.91 24.40
N TRP B 527 -13.95 -11.24 24.28
CA TRP B 527 -13.33 -11.87 23.11
C TRP B 527 -13.88 -11.36 21.75
N PRO B 528 -14.06 -10.05 21.50
CA PRO B 528 -14.90 -9.56 20.39
C PRO B 528 -14.51 -9.94 18.97
N ASN B 529 -13.33 -10.54 18.72
CA ASN B 529 -12.77 -10.71 17.39
C ASN B 529 -12.80 -9.40 16.57
N ALA B 530 -12.43 -8.29 17.22
CA ALA B 530 -12.65 -6.89 16.85
C ALA B 530 -14.13 -6.50 16.79
N ASP B 547 -31.21 -7.43 33.49
CA ASP B 547 -32.56 -6.91 33.69
C ASP B 547 -33.67 -8.00 33.61
N ALA B 548 -33.32 -9.31 33.75
CA ALA B 548 -34.23 -10.46 33.63
C ALA B 548 -35.41 -10.40 34.60
N TRP B 549 -35.16 -9.88 35.79
CA TRP B 549 -36.20 -9.79 36.78
C TRP B 549 -36.66 -8.35 36.96
N ALA B 550 -36.37 -7.47 35.98
CA ALA B 550 -36.72 -6.04 36.00
C ALA B 550 -38.22 -5.84 36.02
N VAL B 551 -38.93 -6.86 35.60
CA VAL B 551 -40.36 -6.85 35.58
C VAL B 551 -40.89 -6.76 37.02
N GLY B 552 -40.09 -7.27 37.96
CA GLY B 552 -40.39 -7.27 39.37
C GLY B 552 -40.65 -5.85 39.87
N PRO B 553 -39.63 -4.96 39.85
CA PRO B 553 -39.76 -3.58 40.24
C PRO B 553 -40.73 -2.79 39.40
N VAL B 554 -40.95 -3.16 38.15
CA VAL B 554 -41.93 -2.39 37.41
C VAL B 554 -43.29 -2.69 37.99
N THR B 555 -43.55 -3.97 38.22
CA THR B 555 -44.82 -4.41 38.75
C THR B 555 -45.06 -3.87 40.13
N ILE B 556 -44.08 -3.97 41.03
CA ILE B 556 -44.34 -3.49 42.37
C ILE B 556 -44.45 -1.99 42.42
N ALA B 557 -43.67 -1.26 41.62
CA ALA B 557 -43.76 0.17 41.66
C ALA B 557 -45.12 0.63 41.23
N CYS B 558 -45.66 0.00 40.19
CA CYS B 558 -46.95 0.40 39.69
C CYS B 558 -48.03 0.06 40.72
N LEU B 559 -47.95 -1.13 41.31
CA LEU B 559 -48.94 -1.54 42.29
C LEU B 559 -48.85 -0.69 43.53
N GLY B 560 -47.64 -0.31 43.90
CA GLY B 560 -47.41 0.53 45.05
C GLY B 560 -48.13 1.83 44.84
N ALA B 561 -47.91 2.46 43.67
CA ALA B 561 -48.56 3.74 43.40
C ALA B 561 -50.07 3.63 43.42
N LEU B 562 -50.63 2.55 42.88
CA LEU B 562 -52.07 2.41 42.89
C LEU B 562 -52.60 2.27 44.29
N ALA B 563 -51.97 1.43 45.10
CA ALA B 563 -52.44 1.21 46.45
C ALA B 563 -52.31 2.47 47.29
N THR B 564 -51.24 3.22 47.05
CA THR B 564 -50.92 4.43 47.75
C THR B 564 -51.98 5.47 47.56
N LEU B 565 -52.40 5.63 46.32
CA LEU B 565 -53.39 6.64 46.05
C LEU B 565 -54.81 6.13 46.34
N PHE B 566 -55.04 4.80 46.28
CA PHE B 566 -56.37 4.27 46.61
C PHE B 566 -56.64 4.63 48.06
N VAL B 567 -55.61 4.47 48.89
CA VAL B 567 -55.68 4.81 50.29
C VAL B 567 -55.70 6.32 50.52
N LEU B 568 -54.88 7.10 49.81
CA LEU B 568 -54.91 8.53 50.03
C LEU B 568 -56.30 9.07 49.88
N GLY B 569 -57.03 8.58 48.89
CA GLY B 569 -58.38 9.04 48.64
C GLY B 569 -59.33 8.75 49.80
N VAL B 570 -58.97 7.80 50.67
CA VAL B 570 -59.78 7.48 51.82
C VAL B 570 -59.51 8.55 52.84
N PHE B 571 -58.24 8.84 53.05
CA PHE B 571 -57.89 9.83 54.04
C PHE B 571 -58.36 11.22 53.65
N VAL B 572 -58.26 11.55 52.36
CA VAL B 572 -58.67 12.85 51.86
C VAL B 572 -60.19 13.00 51.90
N ARG B 573 -60.94 11.95 51.50
CA ARG B 573 -62.40 12.02 51.54
C ARG B 573 -62.84 12.32 52.97
N HIS B 574 -62.07 11.84 53.93
CA HIS B 574 -62.30 12.00 55.34
C HIS B 574 -61.54 13.17 56.01
N ASN B 575 -61.13 14.20 55.24
CA ASN B 575 -60.45 15.35 55.86
C ASN B 575 -61.31 16.05 56.91
N ALA B 576 -62.63 16.02 56.75
CA ALA B 576 -63.54 16.66 57.70
C ALA B 576 -63.94 15.73 58.86
N THR B 577 -63.45 14.49 58.84
CA THR B 577 -63.76 13.47 59.84
C THR B 577 -62.65 13.55 60.91
N PRO B 578 -62.93 13.29 62.21
CA PRO B 578 -61.96 13.28 63.32
C PRO B 578 -60.68 12.48 63.06
N VAL B 579 -60.75 11.47 62.20
CA VAL B 579 -59.57 10.67 61.92
C VAL B 579 -58.47 11.54 61.27
N VAL B 580 -58.87 12.59 60.53
CA VAL B 580 -57.91 13.47 59.92
C VAL B 580 -57.72 14.68 60.81
N LYS B 581 -58.79 15.19 61.42
CA LYS B 581 -58.65 16.39 62.25
C LYS B 581 -57.66 16.17 63.39
N ALA B 582 -57.60 14.94 63.90
CA ALA B 582 -56.71 14.54 64.97
C ALA B 582 -55.32 14.16 64.47
N SER B 583 -55.09 14.25 63.16
CA SER B 583 -53.83 13.85 62.56
C SER B 583 -53.01 15.02 62.00
N GLY B 584 -51.70 14.83 61.92
CA GLY B 584 -50.83 15.79 61.25
C GLY B 584 -50.98 15.55 59.77
N ARG B 585 -52.14 15.93 59.23
CA ARG B 585 -52.54 15.60 57.88
C ARG B 585 -51.55 16.02 56.82
N GLU B 586 -50.85 17.12 56.99
CA GLU B 586 -49.91 17.49 55.95
C GLU B 586 -48.79 16.44 55.91
N LEU B 587 -48.44 15.91 57.08
CA LEU B 587 -47.38 14.94 57.22
C LEU B 587 -47.91 13.58 56.90
N CYS B 588 -49.18 13.36 57.14
CA CYS B 588 -49.73 12.08 56.82
C CYS B 588 -49.58 11.91 55.34
N TYR B 589 -49.79 13.01 54.63
CA TYR B 589 -49.71 13.06 53.21
C TYR B 589 -48.26 13.09 52.75
N ILE B 590 -47.33 13.71 53.51
CA ILE B 590 -45.95 13.71 53.04
C ILE B 590 -45.46 12.27 53.14
N LEU B 591 -45.89 11.56 54.19
CA LEU B 591 -45.55 10.18 54.42
C LEU B 591 -46.14 9.25 53.39
N LEU B 592 -47.43 9.40 53.07
CA LEU B 592 -48.06 8.55 52.08
C LEU B 592 -47.40 8.72 50.73
N GLY B 593 -47.12 9.98 50.42
CA GLY B 593 -46.53 10.37 49.18
C GLY B 593 -45.17 9.75 48.99
N GLY B 594 -44.55 9.24 50.06
CA GLY B 594 -43.25 8.62 49.99
C GLY B 594 -43.30 7.40 49.13
N VAL B 595 -44.43 6.68 49.12
CA VAL B 595 -44.55 5.48 48.30
C VAL B 595 -44.80 5.91 46.89
N PHE B 596 -45.62 6.94 46.74
CA PHE B 596 -45.85 7.40 45.39
C PHE B 596 -44.49 7.84 44.82
N LEU B 597 -43.69 8.52 45.65
CA LEU B 597 -42.37 8.91 45.25
C LEU B 597 -41.54 7.67 45.03
N CYS B 598 -41.67 6.61 45.84
CA CYS B 598 -40.88 5.41 45.60
C CYS B 598 -41.13 4.94 44.18
N TYR B 599 -42.39 4.97 43.76
CA TYR B 599 -42.74 4.65 42.38
C TYR B 599 -42.04 5.55 41.38
N CYS B 600 -42.12 6.85 41.61
CA CYS B 600 -41.52 7.79 40.69
C CYS B 600 -40.01 7.60 40.60
N MET B 601 -39.41 7.38 41.76
CA MET B 601 -37.99 7.21 41.92
C MET B 601 -37.55 5.92 41.27
N THR B 602 -38.40 4.89 41.34
CA THR B 602 -38.10 3.63 40.70
C THR B 602 -37.89 3.80 39.23
N PHE B 603 -38.74 4.58 38.60
CA PHE B 603 -38.55 4.77 37.19
C PHE B 603 -37.29 5.63 36.95
N ILE B 604 -37.00 6.60 37.81
CA ILE B 604 -35.79 7.38 37.66
C ILE B 604 -34.56 6.47 37.81
N PHE B 605 -34.62 5.52 38.74
CA PHE B 605 -33.55 4.58 39.06
C PHE B 605 -33.16 3.73 37.85
N ILE B 606 -34.03 3.62 36.85
CA ILE B 606 -33.73 2.79 35.71
C ILE B 606 -33.53 3.63 34.45
N ALA B 607 -33.42 4.95 34.63
CA ALA B 607 -33.18 5.89 33.56
C ALA B 607 -31.80 5.68 33.01
N LYS B 608 -31.58 5.95 31.72
CA LYS B 608 -30.22 5.80 31.23
C LYS B 608 -29.32 6.64 32.13
N PRO B 609 -28.25 6.07 32.73
CA PRO B 609 -27.34 6.73 33.63
C PRO B 609 -26.58 7.97 33.17
N SER B 610 -26.69 8.97 34.03
CA SER B 610 -26.03 10.26 33.95
C SER B 610 -26.06 10.80 35.37
N THR B 611 -25.34 11.89 35.64
CA THR B 611 -25.34 12.46 36.98
C THR B 611 -26.67 13.12 37.31
N ALA B 612 -27.41 13.43 36.25
CA ALA B 612 -28.72 14.05 36.28
C ALA B 612 -29.71 13.20 37.03
N VAL B 613 -29.47 11.89 37.02
CA VAL B 613 -30.37 10.96 37.68
C VAL B 613 -29.75 10.17 38.85
N CYS B 614 -28.39 9.86 38.85
CA CYS B 614 -27.81 9.05 39.92
C CYS B 614 -27.72 9.84 41.23
N THR B 615 -27.64 11.17 41.15
CA THR B 615 -27.57 11.92 42.38
C THR B 615 -28.91 11.77 43.06
N LEU B 616 -29.99 11.88 42.26
CA LEU B 616 -31.34 11.78 42.75
C LEU B 616 -31.56 10.40 43.29
N ARG B 617 -31.00 9.41 42.61
CA ARG B 617 -31.13 8.03 43.03
C ARG B 617 -30.62 7.84 44.42
N ARG B 618 -29.43 8.33 44.69
CA ARG B 618 -28.89 8.17 46.01
C ARG B 618 -29.70 8.97 47.04
N LEU B 619 -30.14 10.17 46.66
CA LEU B 619 -30.92 10.99 47.57
C LEU B 619 -32.28 10.40 47.85
N GLY B 620 -32.78 9.65 46.89
CA GLY B 620 -34.04 8.99 46.95
C GLY B 620 -34.09 7.91 48.02
N LEU B 621 -32.92 7.51 48.51
CA LEU B 621 -32.83 6.47 49.51
C LEU B 621 -32.89 7.11 50.88
N GLY B 622 -32.93 8.43 50.87
CA GLY B 622 -33.11 9.27 52.03
C GLY B 622 -34.58 9.63 51.96
N THR B 623 -34.95 10.26 50.84
CA THR B 623 -36.28 10.78 50.54
C THR B 623 -37.39 9.83 50.91
N ALA B 624 -37.28 8.57 50.53
CA ALA B 624 -38.40 7.70 50.81
C ALA B 624 -38.81 7.70 52.26
N PHE B 625 -37.84 7.74 53.19
CA PHE B 625 -38.18 7.71 54.60
C PHE B 625 -38.01 9.04 55.28
N SER B 626 -37.41 9.98 54.56
CA SER B 626 -37.32 11.31 55.12
C SER B 626 -38.77 11.75 55.21
N VAL B 627 -39.64 11.19 54.34
CA VAL B 627 -41.05 11.44 54.45
C VAL B 627 -41.80 10.25 55.09
N CYS B 628 -41.49 8.97 54.70
CA CYS B 628 -42.24 7.84 55.22
C CYS B 628 -42.03 7.51 56.69
N TYR B 629 -40.94 7.96 57.32
CA TYR B 629 -40.81 7.67 58.73
C TYR B 629 -41.20 8.92 59.50
N SER B 630 -40.71 10.04 59.01
CA SER B 630 -40.77 11.30 59.71
C SER B 630 -42.12 11.84 60.07
N ALA B 631 -43.18 11.50 59.34
CA ALA B 631 -44.48 12.02 59.78
C ALA B 631 -44.86 11.49 61.17
N LEU B 632 -44.24 10.37 61.59
CA LEU B 632 -44.50 9.77 62.88
C LEU B 632 -44.03 10.69 63.98
N LEU B 633 -43.11 11.58 63.69
CA LEU B 633 -42.57 12.47 64.68
C LEU B 633 -43.67 13.27 65.35
N THR B 634 -44.57 13.88 64.56
CA THR B 634 -45.57 14.72 65.18
C THR B 634 -46.78 13.92 65.58
N LYS B 635 -46.97 12.77 64.95
CA LYS B 635 -48.11 12.00 65.39
C LYS B 635 -47.80 11.55 66.80
N THR B 636 -46.56 11.12 66.98
CA THR B 636 -46.09 10.64 68.24
C THR B 636 -46.05 11.77 69.22
N ASN B 637 -45.52 12.92 68.81
CA ASN B 637 -45.41 14.04 69.71
C ASN B 637 -46.74 14.46 70.30
N ARG B 638 -47.76 14.63 69.44
CA ARG B 638 -49.01 15.12 70.01
C ARG B 638 -49.68 14.09 70.94
N ILE B 639 -49.47 12.80 70.69
CA ILE B 639 -50.04 11.77 71.56
C ILE B 639 -49.20 11.54 72.86
N ALA B 640 -47.85 11.46 72.75
CA ALA B 640 -46.87 11.22 73.82
C ALA B 640 -46.87 12.39 74.82
N ILE B 656 -46.70 27.51 68.21
CA ILE B 656 -46.24 26.13 68.40
C ILE B 656 -47.39 25.10 68.67
N SER B 657 -48.61 25.40 68.16
CA SER B 657 -49.84 24.59 68.19
C SER B 657 -49.64 23.46 67.17
N PRO B 658 -50.46 22.40 67.12
CA PRO B 658 -50.32 21.31 66.16
C PRO B 658 -50.09 21.79 64.74
N ALA B 659 -50.73 22.89 64.31
CA ALA B 659 -50.48 23.35 62.95
C ALA B 659 -49.02 23.76 62.76
N SER B 660 -48.40 24.34 63.80
CA SER B 660 -47.04 24.80 63.71
C SER B 660 -46.11 23.65 63.93
N GLN B 661 -46.55 22.69 64.72
CA GLN B 661 -45.74 21.51 65.03
C GLN B 661 -45.51 20.76 63.73
N VAL B 662 -46.55 20.73 62.90
CA VAL B 662 -46.49 20.11 61.59
C VAL B 662 -45.54 20.87 60.69
N ALA B 663 -45.66 22.21 60.65
CA ALA B 663 -44.78 22.99 59.82
C ALA B 663 -43.32 22.82 60.22
N ILE B 664 -43.09 22.70 61.53
CA ILE B 664 -41.75 22.53 62.03
C ILE B 664 -41.21 21.21 61.56
N CYS B 665 -42.02 20.15 61.67
CA CYS B 665 -41.55 18.87 61.20
C CYS B 665 -41.23 18.91 59.73
N LEU B 666 -42.08 19.55 58.94
CA LEU B 666 -41.84 19.58 57.51
C LEU B 666 -40.53 20.26 57.23
N ALA B 667 -40.25 21.34 57.95
CA ALA B 667 -39.00 22.04 57.78
C ALA B 667 -37.81 21.17 58.15
N LEU B 668 -37.94 20.36 59.20
CA LEU B 668 -36.85 19.50 59.63
C LEU B 668 -36.57 18.44 58.59
N ILE B 669 -37.63 17.93 57.97
CA ILE B 669 -37.48 16.89 56.97
C ILE B 669 -36.70 17.41 55.80
N SER B 670 -37.11 18.57 55.29
CA SER B 670 -36.44 19.11 54.15
C SER B 670 -35.04 19.54 54.51
N GLY B 671 -34.87 20.14 55.69
CA GLY B 671 -33.58 20.63 56.09
C GLY B 671 -32.53 19.55 56.10
N GLN B 672 -32.78 18.46 56.82
CA GLN B 672 -31.73 17.47 56.88
C GLN B 672 -31.42 16.81 55.54
N LEU B 673 -32.43 16.57 54.73
CA LEU B 673 -32.09 15.92 53.47
C LEU B 673 -31.34 16.89 52.58
N LEU B 674 -31.70 18.18 52.62
CA LEU B 674 -31.02 19.18 51.81
C LEU B 674 -29.56 19.31 52.18
N ILE B 675 -29.21 19.06 53.46
CA ILE B 675 -27.81 19.09 53.81
C ILE B 675 -27.12 18.01 53.01
N VAL B 676 -27.74 16.84 52.98
CA VAL B 676 -27.17 15.76 52.21
C VAL B 676 -27.17 16.12 50.72
N VAL B 677 -28.23 16.74 50.23
CA VAL B 677 -28.27 17.08 48.82
C VAL B 677 -27.05 17.89 48.48
N ALA B 678 -26.75 18.89 49.30
CA ALA B 678 -25.60 19.73 49.04
C ALA B 678 -24.32 18.91 48.96
N TRP B 679 -24.23 17.84 49.75
CA TRP B 679 -23.06 16.99 49.76
C TRP B 679 -22.96 16.10 48.54
N LEU B 680 -24.08 15.76 47.92
CA LEU B 680 -24.00 14.84 46.79
C LEU B 680 -24.04 15.50 45.43
N VAL B 681 -24.65 16.67 45.35
CA VAL B 681 -24.78 17.38 44.07
C VAL B 681 -23.44 17.95 43.64
N VAL B 682 -22.47 17.86 44.52
CA VAL B 682 -21.13 18.36 44.30
C VAL B 682 -20.15 17.23 44.02
N GLU B 683 -20.63 16.00 43.90
CA GLU B 683 -19.73 14.89 43.61
C GLU B 683 -19.43 14.83 42.12
N ALA B 684 -18.15 14.91 41.77
CA ALA B 684 -17.74 14.92 40.37
C ALA B 684 -17.89 13.58 39.62
N PRO B 685 -17.54 12.39 40.18
CA PRO B 685 -17.60 11.13 39.46
C PRO B 685 -19.02 10.85 38.96
N GLY B 686 -19.12 10.43 37.70
CA GLY B 686 -20.41 10.13 37.08
C GLY B 686 -20.55 8.69 36.61
N THR B 687 -21.34 8.51 35.53
CA THR B 687 -21.68 7.22 34.95
C THR B 687 -20.67 6.78 33.92
N GLY B 688 -20.76 5.52 33.48
CA GLY B 688 -19.78 5.05 32.51
C GLY B 688 -19.71 3.54 32.31
N LYS B 689 -18.60 3.10 31.70
CA LYS B 689 -18.38 1.69 31.42
C LYS B 689 -17.06 1.20 32.04
N GLU B 690 -16.69 1.80 33.16
CA GLU B 690 -15.51 1.34 33.86
C GLU B 690 -15.56 -0.17 33.95
N THR B 691 -16.72 -0.72 34.27
CA THR B 691 -16.88 -2.18 34.28
C THR B 691 -15.73 -2.90 34.96
N ALA B 692 -15.23 -3.95 34.31
CA ALA B 692 -14.13 -4.72 34.90
C ALA B 692 -13.35 -5.52 33.85
N PRO B 693 -12.00 -5.56 33.94
CA PRO B 693 -11.24 -6.43 33.07
C PRO B 693 -11.78 -7.87 33.17
N GLU B 694 -12.62 -8.11 34.18
CA GLU B 694 -13.29 -9.36 34.42
C GLU B 694 -14.67 -9.18 33.84
N ARG B 695 -15.32 -10.28 33.45
CA ARG B 695 -16.70 -10.28 32.92
C ARG B 695 -16.75 -9.69 31.51
N ARG B 696 -16.20 -8.49 31.29
CA ARG B 696 -16.13 -7.71 30.04
C ARG B 696 -17.46 -7.31 29.44
N GLU B 697 -18.44 -8.21 29.33
CA GLU B 697 -19.75 -7.84 28.76
C GLU B 697 -20.69 -7.29 29.82
N VAL B 698 -20.31 -6.11 30.30
CA VAL B 698 -21.01 -5.36 31.33
C VAL B 698 -21.35 -4.03 30.68
N VAL B 699 -22.63 -3.68 30.56
CA VAL B 699 -22.95 -2.50 29.79
C VAL B 699 -23.83 -1.44 30.47
N THR B 700 -23.32 -0.20 30.45
CA THR B 700 -23.99 1.01 30.94
C THR B 700 -24.24 1.07 32.46
N LEU B 701 -23.24 1.55 33.19
CA LEU B 701 -23.28 1.61 34.65
C LEU B 701 -23.79 2.92 35.21
N ARG B 702 -24.33 2.82 36.43
CA ARG B 702 -24.82 3.93 37.25
C ARG B 702 -23.56 4.52 37.87
N CYS B 703 -23.63 5.78 38.38
CA CYS B 703 -22.47 6.54 38.85
C CYS B 703 -21.58 5.78 39.83
N ASN B 704 -20.29 5.97 39.61
CA ASN B 704 -19.26 5.23 40.32
C ASN B 704 -18.98 5.69 41.74
N HIS B 705 -19.95 5.39 42.59
CA HIS B 705 -19.95 5.67 44.02
C HIS B 705 -20.27 4.39 44.75
N ARG B 706 -19.63 3.32 44.29
CA ARG B 706 -19.81 2.03 44.89
C ARG B 706 -19.32 2.04 46.29
N ASP B 707 -20.19 1.59 47.17
CA ASP B 707 -19.94 1.48 48.59
C ASP B 707 -19.44 2.81 49.14
N ALA B 708 -19.95 3.93 48.64
CA ALA B 708 -19.51 5.20 49.17
C ALA B 708 -20.21 5.47 50.47
N SER B 709 -19.41 5.68 51.51
CA SER B 709 -19.84 5.88 52.90
C SER B 709 -20.73 7.09 53.10
N MET B 710 -20.79 7.95 52.10
CA MET B 710 -21.65 9.11 52.13
C MET B 710 -23.11 8.65 52.24
N LEU B 711 -23.38 7.41 51.83
CA LEU B 711 -24.71 6.80 51.88
C LEU B 711 -25.18 6.64 53.30
N GLY B 712 -24.23 6.61 54.24
CA GLY B 712 -24.57 6.44 55.63
C GLY B 712 -25.32 7.65 56.13
N SER B 713 -25.23 8.78 55.41
CA SER B 713 -25.93 9.99 55.79
C SER B 713 -27.41 9.85 55.53
N LEU B 714 -27.80 8.91 54.67
CA LEU B 714 -29.18 8.73 54.35
C LEU B 714 -29.75 7.85 55.43
N ALA B 715 -28.92 6.88 55.84
CA ALA B 715 -29.35 5.98 56.88
C ALA B 715 -29.55 6.79 58.14
N TYR B 716 -28.66 7.75 58.34
CA TYR B 716 -28.73 8.68 59.43
C TYR B 716 -29.99 9.46 59.41
N ASN B 717 -30.33 10.03 58.26
CA ASN B 717 -31.52 10.85 58.23
C ASN B 717 -32.73 10.06 58.68
N VAL B 718 -32.77 8.76 58.39
CA VAL B 718 -33.93 8.00 58.82
C VAL B 718 -33.86 7.71 60.33
N LEU B 719 -32.69 7.24 60.81
CA LEU B 719 -32.45 6.84 62.21
C LEU B 719 -32.52 8.00 63.16
N LEU B 720 -32.26 9.17 62.62
CA LEU B 720 -32.36 10.41 63.33
C LEU B 720 -33.74 10.52 63.96
N ILE B 721 -34.78 10.00 63.29
CA ILE B 721 -36.09 10.02 63.91
C ILE B 721 -36.38 8.59 64.39
N ALA B 722 -36.12 7.60 63.54
CA ALA B 722 -36.51 6.22 63.79
C ALA B 722 -35.93 5.50 65.00
N LEU B 723 -34.70 5.78 65.38
CA LEU B 723 -34.13 5.08 66.52
C LEU B 723 -33.89 6.03 67.68
N CYS B 724 -33.48 7.23 67.32
CA CYS B 724 -33.02 8.25 68.25
C CYS B 724 -34.10 8.91 69.08
N THR B 725 -35.37 8.65 68.77
CA THR B 725 -36.47 9.26 69.50
C THR B 725 -37.30 8.24 70.27
N LEU B 726 -36.88 6.97 70.30
CA LEU B 726 -37.74 5.94 70.91
C LEU B 726 -37.69 5.87 72.42
N TYR B 727 -38.20 6.94 73.01
CA TYR B 727 -38.39 7.13 74.43
C TYR B 727 -39.87 7.34 74.42
N ALA B 728 -40.30 7.83 73.24
CA ALA B 728 -41.64 8.27 72.97
C ALA B 728 -42.56 7.12 72.70
N PHE B 729 -42.02 5.91 72.70
CA PHE B 729 -42.76 4.67 72.48
C PHE B 729 -43.83 4.54 73.55
N LYS B 730 -43.63 5.28 74.68
CA LYS B 730 -44.51 5.34 75.84
C LYS B 730 -45.88 5.87 75.43
N THR B 731 -45.98 6.44 74.23
CA THR B 731 -47.17 7.01 73.64
C THR B 731 -48.28 5.98 73.56
N ARG B 732 -47.91 4.69 73.54
CA ARG B 732 -48.86 3.59 73.47
C ARG B 732 -49.75 3.52 74.70
N LYS B 733 -49.34 4.19 75.79
CA LYS B 733 -50.06 4.21 77.03
C LYS B 733 -50.99 5.43 77.13
N CYS B 734 -50.93 6.32 76.13
CA CYS B 734 -51.69 7.56 76.13
C CYS B 734 -53.18 7.37 75.90
N PRO B 735 -54.05 7.89 76.78
CA PRO B 735 -55.49 7.73 76.71
C PRO B 735 -56.16 8.63 75.68
N GLU B 736 -55.78 8.46 74.43
CA GLU B 736 -56.38 9.17 73.32
C GLU B 736 -56.46 8.26 72.12
N ASN B 737 -57.68 7.86 71.73
CA ASN B 737 -57.82 6.99 70.58
C ASN B 737 -56.79 5.88 70.59
N PHE B 738 -56.90 4.96 71.56
CA PHE B 738 -55.90 3.93 71.72
C PHE B 738 -55.63 3.11 70.50
N ASN B 739 -56.58 2.95 69.60
CA ASN B 739 -56.22 2.14 68.46
C ASN B 739 -54.99 2.75 67.77
N GLU B 740 -54.91 4.07 67.75
CA GLU B 740 -53.79 4.68 67.09
C GLU B 740 -52.66 4.83 68.07
N ALA B 741 -52.96 5.18 69.32
CA ALA B 741 -51.85 5.41 70.25
C ALA B 741 -51.03 4.14 70.40
N LYS B 742 -51.70 2.99 70.46
CA LYS B 742 -50.98 1.74 70.62
C LYS B 742 -50.12 1.50 69.42
N PHE B 743 -50.67 1.72 68.23
CA PHE B 743 -49.88 1.51 67.06
C PHE B 743 -48.76 2.51 66.90
N ILE B 744 -48.90 3.75 67.29
CA ILE B 744 -47.76 4.61 67.06
C ILE B 744 -46.60 4.04 67.88
N GLY B 745 -46.84 3.66 69.14
CA GLY B 745 -45.74 3.11 69.89
C GLY B 745 -45.19 1.82 69.23
N PHE B 746 -46.08 1.00 68.66
CA PHE B 746 -45.67 -0.25 68.03
C PHE B 746 -44.91 -0.04 66.74
N THR B 747 -45.42 0.86 65.90
CA THR B 747 -44.93 1.06 64.57
C THR B 747 -43.72 1.91 64.52
N MET B 748 -43.48 2.80 65.47
CA MET B 748 -42.24 3.53 65.35
C MET B 748 -41.08 2.57 65.41
N TYR B 749 -41.16 1.67 66.39
CA TYR B 749 -40.16 0.64 66.64
C TYR B 749 -40.10 -0.37 65.51
N THR B 750 -41.26 -0.89 65.13
CA THR B 750 -41.35 -1.90 64.11
C THR B 750 -40.82 -1.36 62.80
N THR B 751 -41.18 -0.12 62.46
CA THR B 751 -40.76 0.51 61.24
C THR B 751 -39.25 0.67 61.23
N CYS B 752 -38.65 1.10 62.35
CA CYS B 752 -37.21 1.23 62.36
C CYS B 752 -36.60 -0.09 61.92
N ILE B 753 -37.10 -1.18 62.49
CA ILE B 753 -36.60 -2.51 62.17
C ILE B 753 -36.86 -2.89 60.72
N ILE B 754 -38.06 -2.62 60.20
CA ILE B 754 -38.36 -2.98 58.82
C ILE B 754 -37.43 -2.28 57.87
N TRP B 755 -37.26 -0.99 58.08
CA TRP B 755 -36.39 -0.24 57.23
C TRP B 755 -34.95 -0.74 57.32
N LEU B 756 -34.47 -1.00 58.54
CA LEU B 756 -33.13 -1.50 58.72
C LEU B 756 -32.97 -2.84 58.03
N ALA B 757 -34.00 -3.67 58.03
CA ALA B 757 -33.91 -4.94 57.36
C ALA B 757 -33.62 -4.79 55.86
N PHE B 758 -34.17 -3.75 55.22
CA PHE B 758 -33.95 -3.51 53.80
C PHE B 758 -32.60 -2.87 53.50
N LEU B 759 -32.16 -2.01 54.39
CA LEU B 759 -30.95 -1.22 54.26
C LEU B 759 -29.66 -1.88 53.70
N PRO B 760 -29.22 -3.11 54.12
CA PRO B 760 -27.97 -3.77 53.76
C PRO B 760 -27.75 -3.92 52.29
N ILE B 761 -28.80 -3.79 51.47
CA ILE B 761 -28.58 -3.96 50.03
C ILE B 761 -27.56 -2.94 49.52
N PHE B 762 -27.32 -1.87 50.30
CA PHE B 762 -26.35 -0.86 49.92
C PHE B 762 -24.96 -1.42 49.68
N TYR B 763 -24.60 -2.54 50.29
CA TYR B 763 -23.29 -3.09 50.00
C TYR B 763 -23.49 -4.48 49.48
N VAL B 764 -24.58 -5.11 49.88
CA VAL B 764 -24.80 -6.51 49.56
C VAL B 764 -24.90 -6.74 48.07
N THR B 765 -25.57 -5.84 47.39
CA THR B 765 -25.81 -6.01 45.98
C THR B 765 -24.83 -5.24 45.09
N SER B 766 -23.82 -4.61 45.66
CA SER B 766 -22.94 -3.75 44.87
C SER B 766 -22.09 -4.46 43.82
N SER B 767 -21.96 -5.78 43.91
CA SER B 767 -21.19 -6.55 42.96
C SER B 767 -21.88 -6.73 41.59
N ASP B 768 -23.19 -6.46 41.49
CA ASP B 768 -23.91 -6.66 40.22
C ASP B 768 -24.93 -5.59 39.97
N TYR B 769 -24.65 -4.76 38.97
CA TYR B 769 -25.44 -3.59 38.62
C TYR B 769 -26.87 -3.88 38.17
N ARG B 770 -27.12 -5.07 37.61
CA ARG B 770 -28.47 -5.33 37.20
C ARG B 770 -29.22 -5.80 38.41
N VAL B 771 -28.52 -6.54 39.24
CA VAL B 771 -29.14 -7.05 40.44
C VAL B 771 -29.45 -5.94 41.41
N GLN B 772 -28.50 -5.04 41.67
CA GLN B 772 -28.85 -4.04 42.65
C GLN B 772 -29.82 -3.03 42.14
N THR B 773 -29.88 -2.80 40.82
CA THR B 773 -30.86 -1.86 40.38
C THR B 773 -32.21 -2.48 40.61
N THR B 774 -32.35 -3.75 40.25
CA THR B 774 -33.62 -4.43 40.36
C THR B 774 -34.03 -4.48 41.81
N THR B 775 -33.07 -4.79 42.68
CA THR B 775 -33.29 -4.94 44.10
C THR B 775 -33.66 -3.65 44.78
N MET B 776 -32.96 -2.56 44.49
CA MET B 776 -33.31 -1.34 45.20
C MET B 776 -34.62 -0.85 44.69
N CYS B 777 -34.93 -1.12 43.43
CA CYS B 777 -36.18 -0.64 42.96
C CYS B 777 -37.32 -1.32 43.73
N VAL B 778 -37.21 -2.64 43.92
CA VAL B 778 -38.26 -3.35 44.64
C VAL B 778 -38.27 -2.99 46.09
N SER B 779 -37.10 -2.94 46.73
CA SER B 779 -37.03 -2.66 48.14
C SER B 779 -37.54 -1.28 48.44
N VAL B 780 -37.26 -0.31 47.60
CA VAL B 780 -37.74 1.01 47.92
C VAL B 780 -39.28 1.04 47.86
N SER B 781 -39.87 0.46 46.82
CA SER B 781 -41.33 0.46 46.74
C SER B 781 -41.96 -0.35 47.85
N LEU B 782 -41.41 -1.53 48.09
CA LEU B 782 -41.99 -2.40 49.06
C LEU B 782 -41.84 -1.87 50.46
N SER B 783 -40.65 -1.38 50.80
CA SER B 783 -40.42 -0.93 52.14
C SER B 783 -41.38 0.17 52.47
N GLY B 784 -41.55 1.11 51.55
CA GLY B 784 -42.46 2.18 51.81
C GLY B 784 -43.87 1.65 52.05
N SER B 785 -44.37 0.77 51.18
CA SER B 785 -45.73 0.25 51.33
C SER B 785 -45.95 -0.55 52.60
N VAL B 786 -44.96 -1.36 52.98
CA VAL B 786 -45.08 -2.19 54.16
C VAL B 786 -45.19 -1.32 55.37
N VAL B 787 -44.36 -0.31 55.40
CA VAL B 787 -44.38 0.62 56.49
C VAL B 787 -45.64 1.44 56.57
N LEU B 788 -46.16 1.94 55.46
CA LEU B 788 -47.33 2.79 55.61
C LEU B 788 -48.46 2.03 56.28
N GLY B 789 -48.61 0.76 55.88
CA GLY B 789 -49.68 -0.07 56.38
C GLY B 789 -49.55 -0.39 57.86
N CYS B 790 -48.37 -0.18 58.42
CA CYS B 790 -48.16 -0.50 59.80
C CYS B 790 -49.04 0.35 60.68
N LEU B 791 -49.24 1.62 60.32
CA LEU B 791 -50.08 2.49 61.14
C LEU B 791 -51.41 2.71 60.49
N PHE B 792 -51.47 2.51 59.18
CA PHE B 792 -52.74 2.72 58.55
C PHE B 792 -53.69 1.66 59.04
N ALA B 793 -53.19 0.48 59.43
CA ALA B 793 -54.08 -0.56 59.92
C ALA B 793 -55.18 0.00 60.86
N PRO B 794 -54.91 0.64 62.04
CA PRO B 794 -55.95 1.24 62.86
C PRO B 794 -56.62 2.45 62.23
N LYS B 795 -55.93 3.16 61.33
CA LYS B 795 -56.60 4.33 60.78
C LYS B 795 -57.73 3.91 59.85
N LEU B 796 -57.45 2.89 59.07
CA LEU B 796 -58.36 2.37 58.10
C LEU B 796 -59.35 1.48 58.78
N HIS B 797 -58.96 0.84 59.87
CA HIS B 797 -59.97 0.06 60.56
C HIS B 797 -61.11 0.99 60.94
N ILE B 798 -60.80 2.12 61.54
CA ILE B 798 -61.86 3.00 61.95
C ILE B 798 -62.61 3.57 60.74
N ILE B 799 -61.88 4.07 59.75
CA ILE B 799 -62.53 4.70 58.62
C ILE B 799 -63.37 3.76 57.76
N LEU B 800 -62.83 2.58 57.45
CA LEU B 800 -63.50 1.68 56.56
C LEU B 800 -64.48 0.73 57.24
N PHE B 801 -64.27 0.39 58.51
CA PHE B 801 -65.16 -0.57 59.16
C PHE B 801 -66.15 -0.02 60.20
N GLN B 802 -65.98 1.26 60.68
CA GLN B 802 -66.85 1.89 61.69
C GLN B 802 -67.54 3.08 61.03
O1 E7P C . 31.23 5.89 -38.55
O2 E7P C . 32.23 7.88 -39.39
C1 E7P C . 30.62 8.11 -37.14
C E7P C . 28.05 6.70 -35.80
CA E7P C . 28.77 6.46 -37.10
C2 E7P C . 29.24 7.79 -37.66
O E7P C . 28.68 7.08 -34.79
OXT E7P C . 26.81 6.50 -35.74
N E7P C . 27.84 5.87 -38.03
P E7P C . 31.84 7.17 -38.15
O3 E7P C . 33.10 6.95 -37.34
#